data_1VVC
# 
_entry.id   1VVC 
# 
_audit_conform.dict_name       mmcif_pdbx.dic 
_audit_conform.dict_version    5.398 
_audit_conform.dict_location   http://mmcif.pdb.org/dictionaries/ascii/mmcif_pdbx.dic 
# 
loop_
_database_2.database_id 
_database_2.database_code 
_database_2.pdbx_database_accession 
_database_2.pdbx_DOI 
PDB   1VVC         pdb_00001vvc 10.2210/pdb1vvc/pdb 
WWPDB D_1000177123 ?            ?                   
# 
loop_
_pdbx_audit_revision_history.ordinal 
_pdbx_audit_revision_history.data_content_type 
_pdbx_audit_revision_history.major_revision 
_pdbx_audit_revision_history.minor_revision 
_pdbx_audit_revision_history.revision_date 
1 'Structure model' 1 0 1997-12-03 
2 'Structure model' 1 1 2008-03-24 
3 'Structure model' 1 2 2011-07-13 
4 'Structure model' 1 3 2022-03-02 
5 'Structure model' 1 4 2024-10-30 
# 
_pdbx_audit_revision_details.ordinal             1 
_pdbx_audit_revision_details.revision_ordinal    1 
_pdbx_audit_revision_details.data_content_type   'Structure model' 
_pdbx_audit_revision_details.provider            repository 
_pdbx_audit_revision_details.type                'Initial release' 
_pdbx_audit_revision_details.description         ? 
_pdbx_audit_revision_details.details             ? 
# 
loop_
_pdbx_audit_revision_group.ordinal 
_pdbx_audit_revision_group.revision_ordinal 
_pdbx_audit_revision_group.data_content_type 
_pdbx_audit_revision_group.group 
1 2 'Structure model' 'Version format compliance' 
2 3 'Structure model' 'Version format compliance' 
3 4 'Structure model' 'Database references'       
4 4 'Structure model' 'Derived calculations'      
5 4 'Structure model' Other                       
6 5 'Structure model' 'Data collection'           
7 5 'Structure model' 'Structure summary'         
# 
loop_
_pdbx_audit_revision_category.ordinal 
_pdbx_audit_revision_category.revision_ordinal 
_pdbx_audit_revision_category.data_content_type 
_pdbx_audit_revision_category.category 
1 4 'Structure model' database_2                
2 4 'Structure model' pdbx_database_status      
3 4 'Structure model' pdbx_struct_assembly      
4 4 'Structure model' pdbx_struct_oper_list     
5 5 'Structure model' chem_comp_atom            
6 5 'Structure model' chem_comp_bond            
7 5 'Structure model' pdbx_entry_details        
8 5 'Structure model' pdbx_modification_feature 
9 5 'Structure model' pdbx_nmr_spectrometer     
# 
loop_
_pdbx_audit_revision_item.ordinal 
_pdbx_audit_revision_item.revision_ordinal 
_pdbx_audit_revision_item.data_content_type 
_pdbx_audit_revision_item.item 
1 4 'Structure model' '_database_2.pdbx_DOI'                
2 4 'Structure model' '_database_2.pdbx_database_accession' 
3 4 'Structure model' '_pdbx_database_status.process_site'  
4 5 'Structure model' '_pdbx_nmr_spectrometer.model'        
# 
_pdbx_database_status.status_code                     REL 
_pdbx_database_status.entry_id                        1VVC 
_pdbx_database_status.recvd_initial_deposition_date   1997-06-25 
_pdbx_database_status.deposit_site                    ? 
_pdbx_database_status.process_site                    BNL 
_pdbx_database_status.SG_entry                        . 
_pdbx_database_status.pdb_format_compatible           Y 
_pdbx_database_status.status_code_mr                  ? 
_pdbx_database_status.status_code_sf                  ? 
_pdbx_database_status.status_code_cs                  ? 
_pdbx_database_status.status_code_nmr_data            ? 
_pdbx_database_status.methods_development_category    ? 
# 
loop_
_pdbx_database_related.db_name 
_pdbx_database_related.db_id 
_pdbx_database_related.details 
_pdbx_database_related.content_type 
PDB 1VVD . ensemble 
PDB 1VVE . ensemble 
# 
loop_
_audit_author.name 
_audit_author.pdbx_ordinal 
'Wiles, A.'      1 
'Campbell, I.D.' 2 
'Barlow, P.N.'   3 
# 
_citation.id                        primary 
_citation.title                     'NMR studies of a viral protein that mimics the regulators of complement activation.' 
_citation.journal_abbrev            J.Mol.Biol. 
_citation.journal_volume            272 
_citation.page_first                253 
_citation.page_last                 265 
_citation.year                      1997 
_citation.journal_id_ASTM           JMOBAK 
_citation.country                   UK 
_citation.journal_id_ISSN           0022-2836 
_citation.journal_id_CSD            0070 
_citation.book_publisher            ? 
_citation.pdbx_database_id_PubMed   9299352 
_citation.pdbx_database_id_DOI      10.1006/jmbi.1997.1241 
# 
loop_
_citation_author.citation_id 
_citation_author.name 
_citation_author.ordinal 
_citation_author.identifier_ORCID 
primary 'Wiles, A.P.'    1 ? 
primary 'Shaw, G.'       2 ? 
primary 'Bright, J.'     3 ? 
primary 'Perczel, A.'    4 ? 
primary 'Campbell, I.D.' 5 ? 
primary 'Barlow, P.N.'   6 ? 
# 
_entity.id                         1 
_entity.type                       polymer 
_entity.src_method                 man 
_entity.pdbx_description           'VACCINIA VIRUS COMPLEMENT CONTROL PROTEIN' 
_entity.formula_weight             12802.139 
_entity.pdbx_number_of_molecules   1 
_entity.pdbx_ec                    ? 
_entity.pdbx_mutation              ? 
_entity.pdbx_fragment              'MODULES 3 AND 4' 
_entity.details                    ? 
# 
_entity_name_com.entity_id   1 
_entity_name_com.name        'SP35, VCP, VACCINIA VIRUS SP35' 
# 
_entity_poly.entity_id                      1 
_entity_poly.type                           'polypeptide(L)' 
_entity_poly.nstd_linkage                   no 
_entity_poly.nstd_monomer                   no 
_entity_poly.pdbx_seq_one_letter_code       
;VKCQSPPSISNGRHNGYEDFYTDGSVVTYSCNSGYSLIGNSGVLCSGGEWSDPPTCQIVKCPHPTISNGYLSSGFKRSYS
YNDNVDFKCKYGYKLSGSSSSTCSPGNTWKPELPKCVR
;
_entity_poly.pdbx_seq_one_letter_code_can   
;VKCQSPPSISNGRHNGYEDFYTDGSVVTYSCNSGYSLIGNSGVLCSGGEWSDPPTCQIVKCPHPTISNGYLSSGFKRSYS
YNDNVDFKCKYGYKLSGSSSSTCSPGNTWKPELPKCVR
;
_entity_poly.pdbx_strand_id                 A 
_entity_poly.pdbx_target_identifier         ? 
# 
loop_
_entity_poly_seq.entity_id 
_entity_poly_seq.num 
_entity_poly_seq.mon_id 
_entity_poly_seq.hetero 
1 1   VAL n 
1 2   LYS n 
1 3   CYS n 
1 4   GLN n 
1 5   SER n 
1 6   PRO n 
1 7   PRO n 
1 8   SER n 
1 9   ILE n 
1 10  SER n 
1 11  ASN n 
1 12  GLY n 
1 13  ARG n 
1 14  HIS n 
1 15  ASN n 
1 16  GLY n 
1 17  TYR n 
1 18  GLU n 
1 19  ASP n 
1 20  PHE n 
1 21  TYR n 
1 22  THR n 
1 23  ASP n 
1 24  GLY n 
1 25  SER n 
1 26  VAL n 
1 27  VAL n 
1 28  THR n 
1 29  TYR n 
1 30  SER n 
1 31  CYS n 
1 32  ASN n 
1 33  SER n 
1 34  GLY n 
1 35  TYR n 
1 36  SER n 
1 37  LEU n 
1 38  ILE n 
1 39  GLY n 
1 40  ASN n 
1 41  SER n 
1 42  GLY n 
1 43  VAL n 
1 44  LEU n 
1 45  CYS n 
1 46  SER n 
1 47  GLY n 
1 48  GLY n 
1 49  GLU n 
1 50  TRP n 
1 51  SER n 
1 52  ASP n 
1 53  PRO n 
1 54  PRO n 
1 55  THR n 
1 56  CYS n 
1 57  GLN n 
1 58  ILE n 
1 59  VAL n 
1 60  LYS n 
1 61  CYS n 
1 62  PRO n 
1 63  HIS n 
1 64  PRO n 
1 65  THR n 
1 66  ILE n 
1 67  SER n 
1 68  ASN n 
1 69  GLY n 
1 70  TYR n 
1 71  LEU n 
1 72  SER n 
1 73  SER n 
1 74  GLY n 
1 75  PHE n 
1 76  LYS n 
1 77  ARG n 
1 78  SER n 
1 79  TYR n 
1 80  SER n 
1 81  TYR n 
1 82  ASN n 
1 83  ASP n 
1 84  ASN n 
1 85  VAL n 
1 86  ASP n 
1 87  PHE n 
1 88  LYS n 
1 89  CYS n 
1 90  LYS n 
1 91  TYR n 
1 92  GLY n 
1 93  TYR n 
1 94  LYS n 
1 95  LEU n 
1 96  SER n 
1 97  GLY n 
1 98  SER n 
1 99  SER n 
1 100 SER n 
1 101 SER n 
1 102 THR n 
1 103 CYS n 
1 104 SER n 
1 105 PRO n 
1 106 GLY n 
1 107 ASN n 
1 108 THR n 
1 109 TRP n 
1 110 LYS n 
1 111 PRO n 
1 112 GLU n 
1 113 LEU n 
1 114 PRO n 
1 115 LYS n 
1 116 CYS n 
1 117 VAL n 
1 118 ARG n 
# 
_entity_src_gen.entity_id                          1 
_entity_src_gen.pdbx_src_id                        1 
_entity_src_gen.pdbx_alt_source_flag               sample 
_entity_src_gen.pdbx_seq_type                      ? 
_entity_src_gen.pdbx_beg_seq_num                   ? 
_entity_src_gen.pdbx_end_seq_num                   ? 
_entity_src_gen.gene_src_common_name               ? 
_entity_src_gen.gene_src_genus                     Orthopoxvirus 
_entity_src_gen.pdbx_gene_src_gene                 C21L 
_entity_src_gen.gene_src_species                   ? 
_entity_src_gen.gene_src_strain                    ? 
_entity_src_gen.gene_src_tissue                    ? 
_entity_src_gen.gene_src_tissue_fraction           ? 
_entity_src_gen.gene_src_details                   ? 
_entity_src_gen.pdbx_gene_src_fragment             ? 
_entity_src_gen.pdbx_gene_src_scientific_name      'Vaccinia virus' 
_entity_src_gen.pdbx_gene_src_ncbi_taxonomy_id     10245 
_entity_src_gen.pdbx_gene_src_variant              ? 
_entity_src_gen.pdbx_gene_src_cell_line            ? 
_entity_src_gen.pdbx_gene_src_atcc                 ? 
_entity_src_gen.pdbx_gene_src_organ                ? 
_entity_src_gen.pdbx_gene_src_organelle            ? 
_entity_src_gen.pdbx_gene_src_cell                 ? 
_entity_src_gen.pdbx_gene_src_cellular_location    ? 
_entity_src_gen.host_org_common_name               ? 
_entity_src_gen.pdbx_host_org_scientific_name      'Pichia pastoris' 
_entity_src_gen.pdbx_host_org_ncbi_taxonomy_id     4922 
_entity_src_gen.host_org_genus                     Pichia 
_entity_src_gen.pdbx_host_org_gene                 ? 
_entity_src_gen.pdbx_host_org_organ                ? 
_entity_src_gen.host_org_species                   ? 
_entity_src_gen.pdbx_host_org_tissue               ? 
_entity_src_gen.pdbx_host_org_tissue_fraction      ? 
_entity_src_gen.pdbx_host_org_strain               GS115 
_entity_src_gen.pdbx_host_org_variant              HIS4 
_entity_src_gen.pdbx_host_org_cell_line            ? 
_entity_src_gen.pdbx_host_org_atcc                 ? 
_entity_src_gen.pdbx_host_org_culture_collection   ? 
_entity_src_gen.pdbx_host_org_cell                 ? 
_entity_src_gen.pdbx_host_org_organelle            ? 
_entity_src_gen.pdbx_host_org_cellular_location    ? 
_entity_src_gen.pdbx_host_org_vector_type          ? 
_entity_src_gen.pdbx_host_org_vector               ? 
_entity_src_gen.host_org_details                   ? 
_entity_src_gen.expression_system_id               ? 
_entity_src_gen.plasmid_name                       PPIC9 
_entity_src_gen.plasmid_details                    ? 
_entity_src_gen.pdbx_description                   ? 
# 
loop_
_chem_comp.id 
_chem_comp.type 
_chem_comp.mon_nstd_flag 
_chem_comp.name 
_chem_comp.pdbx_synonyms 
_chem_comp.formula 
_chem_comp.formula_weight 
ARG 'L-peptide linking' y ARGININE        ? 'C6 H15 N4 O2 1' 175.209 
ASN 'L-peptide linking' y ASPARAGINE      ? 'C4 H8 N2 O3'    132.118 
ASP 'L-peptide linking' y 'ASPARTIC ACID' ? 'C4 H7 N O4'     133.103 
CYS 'L-peptide linking' y CYSTEINE        ? 'C3 H7 N O2 S'   121.158 
GLN 'L-peptide linking' y GLUTAMINE       ? 'C5 H10 N2 O3'   146.144 
GLU 'L-peptide linking' y 'GLUTAMIC ACID' ? 'C5 H9 N O4'     147.129 
GLY 'peptide linking'   y GLYCINE         ? 'C2 H5 N O2'     75.067  
HIS 'L-peptide linking' y HISTIDINE       ? 'C6 H10 N3 O2 1' 156.162 
ILE 'L-peptide linking' y ISOLEUCINE      ? 'C6 H13 N O2'    131.173 
LEU 'L-peptide linking' y LEUCINE         ? 'C6 H13 N O2'    131.173 
LYS 'L-peptide linking' y LYSINE          ? 'C6 H15 N2 O2 1' 147.195 
PHE 'L-peptide linking' y PHENYLALANINE   ? 'C9 H11 N O2'    165.189 
PRO 'L-peptide linking' y PROLINE         ? 'C5 H9 N O2'     115.130 
SER 'L-peptide linking' y SERINE          ? 'C3 H7 N O3'     105.093 
THR 'L-peptide linking' y THREONINE       ? 'C4 H9 N O3'     119.119 
TRP 'L-peptide linking' y TRYPTOPHAN      ? 'C11 H12 N2 O2'  204.225 
TYR 'L-peptide linking' y TYROSINE        ? 'C9 H11 N O3'    181.189 
VAL 'L-peptide linking' y VALINE          ? 'C5 H11 N O2'    117.146 
# 
loop_
_pdbx_poly_seq_scheme.asym_id 
_pdbx_poly_seq_scheme.entity_id 
_pdbx_poly_seq_scheme.seq_id 
_pdbx_poly_seq_scheme.mon_id 
_pdbx_poly_seq_scheme.ndb_seq_num 
_pdbx_poly_seq_scheme.pdb_seq_num 
_pdbx_poly_seq_scheme.auth_seq_num 
_pdbx_poly_seq_scheme.pdb_mon_id 
_pdbx_poly_seq_scheme.auth_mon_id 
_pdbx_poly_seq_scheme.pdb_strand_id 
_pdbx_poly_seq_scheme.pdb_ins_code 
_pdbx_poly_seq_scheme.hetero 
A 1 1   VAL 1   1   1   VAL VAL A . n 
A 1 2   LYS 2   2   2   LYS LYS A . n 
A 1 3   CYS 3   3   3   CYS CYS A . n 
A 1 4   GLN 4   4   4   GLN GLN A . n 
A 1 5   SER 5   5   5   SER SER A . n 
A 1 6   PRO 6   6   6   PRO PRO A . n 
A 1 7   PRO 7   7   7   PRO PRO A . n 
A 1 8   SER 8   8   8   SER SER A . n 
A 1 9   ILE 9   9   9   ILE ILE A . n 
A 1 10  SER 10  10  10  SER SER A . n 
A 1 11  ASN 11  11  11  ASN ASN A . n 
A 1 12  GLY 12  12  12  GLY GLY A . n 
A 1 13  ARG 13  13  13  ARG ARG A . n 
A 1 14  HIS 14  14  14  HIS HIS A . n 
A 1 15  ASN 15  15  15  ASN ASN A . n 
A 1 16  GLY 16  16  16  GLY GLY A . n 
A 1 17  TYR 17  17  17  TYR TYR A . n 
A 1 18  GLU 18  18  18  GLU GLU A . n 
A 1 19  ASP 19  19  19  ASP ASP A . n 
A 1 20  PHE 20  20  20  PHE PHE A . n 
A 1 21  TYR 21  21  21  TYR TYR A . n 
A 1 22  THR 22  22  22  THR THR A . n 
A 1 23  ASP 23  23  23  ASP ASP A . n 
A 1 24  GLY 24  24  24  GLY GLY A . n 
A 1 25  SER 25  25  25  SER SER A . n 
A 1 26  VAL 26  26  26  VAL VAL A . n 
A 1 27  VAL 27  27  27  VAL VAL A . n 
A 1 28  THR 28  28  28  THR THR A . n 
A 1 29  TYR 29  29  29  TYR TYR A . n 
A 1 30  SER 30  30  30  SER SER A . n 
A 1 31  CYS 31  31  31  CYS CYS A . n 
A 1 32  ASN 32  32  32  ASN ASN A . n 
A 1 33  SER 33  33  33  SER SER A . n 
A 1 34  GLY 34  34  34  GLY GLY A . n 
A 1 35  TYR 35  35  35  TYR TYR A . n 
A 1 36  SER 36  36  36  SER SER A . n 
A 1 37  LEU 37  37  37  LEU LEU A . n 
A 1 38  ILE 38  38  38  ILE ILE A . n 
A 1 39  GLY 39  39  39  GLY GLY A . n 
A 1 40  ASN 40  40  40  ASN ASN A . n 
A 1 41  SER 41  41  41  SER SER A . n 
A 1 42  GLY 42  42  42  GLY GLY A . n 
A 1 43  VAL 43  43  43  VAL VAL A . n 
A 1 44  LEU 44  44  44  LEU LEU A . n 
A 1 45  CYS 45  45  45  CYS CYS A . n 
A 1 46  SER 46  46  46  SER SER A . n 
A 1 47  GLY 47  47  47  GLY GLY A . n 
A 1 48  GLY 48  48  48  GLY GLY A . n 
A 1 49  GLU 49  49  49  GLU GLU A . n 
A 1 50  TRP 50  50  50  TRP TRP A . n 
A 1 51  SER 51  51  51  SER SER A . n 
A 1 52  ASP 52  52  52  ASP ASP A . n 
A 1 53  PRO 53  53  53  PRO PRO A . n 
A 1 54  PRO 54  54  54  PRO PRO A . n 
A 1 55  THR 55  55  55  THR THR A . n 
A 1 56  CYS 56  56  56  CYS CYS A . n 
A 1 57  GLN 57  57  57  GLN GLN A . n 
A 1 58  ILE 58  58  58  ILE ILE A . n 
A 1 59  VAL 59  59  59  VAL VAL A . n 
A 1 60  LYS 60  60  60  LYS LYS A . n 
A 1 61  CYS 61  61  61  CYS CYS A . n 
A 1 62  PRO 62  62  62  PRO PRO A . n 
A 1 63  HIS 63  63  63  HIS HIS A . n 
A 1 64  PRO 64  64  64  PRO PRO A . n 
A 1 65  THR 65  65  65  THR THR A . n 
A 1 66  ILE 66  66  66  ILE ILE A . n 
A 1 67  SER 67  67  67  SER SER A . n 
A 1 68  ASN 68  68  68  ASN ASN A . n 
A 1 69  GLY 69  69  69  GLY GLY A . n 
A 1 70  TYR 70  70  70  TYR TYR A . n 
A 1 71  LEU 71  71  71  LEU LEU A . n 
A 1 72  SER 72  72  72  SER SER A . n 
A 1 73  SER 73  73  73  SER SER A . n 
A 1 74  GLY 74  74  74  GLY GLY A . n 
A 1 75  PHE 75  75  75  PHE PHE A . n 
A 1 76  LYS 76  76  76  LYS LYS A . n 
A 1 77  ARG 77  77  77  ARG ARG A . n 
A 1 78  SER 78  78  78  SER SER A . n 
A 1 79  TYR 79  79  79  TYR TYR A . n 
A 1 80  SER 80  80  80  SER SER A . n 
A 1 81  TYR 81  81  81  TYR TYR A . n 
A 1 82  ASN 82  82  82  ASN ASN A . n 
A 1 83  ASP 83  83  83  ASP ASP A . n 
A 1 84  ASN 84  84  84  ASN ASN A . n 
A 1 85  VAL 85  85  85  VAL VAL A . n 
A 1 86  ASP 86  86  86  ASP ASP A . n 
A 1 87  PHE 87  87  87  PHE PHE A . n 
A 1 88  LYS 88  88  88  LYS LYS A . n 
A 1 89  CYS 89  89  89  CYS CYS A . n 
A 1 90  LYS 90  90  90  LYS LYS A . n 
A 1 91  TYR 91  91  91  TYR TYR A . n 
A 1 92  GLY 92  92  92  GLY GLY A . n 
A 1 93  TYR 93  93  93  TYR TYR A . n 
A 1 94  LYS 94  94  94  LYS LYS A . n 
A 1 95  LEU 95  95  95  LEU LEU A . n 
A 1 96  SER 96  96  96  SER SER A . n 
A 1 97  GLY 97  97  97  GLY GLY A . n 
A 1 98  SER 98  98  98  SER SER A . n 
A 1 99  SER 99  99  99  SER SER A . n 
A 1 100 SER 100 100 100 SER SER A . n 
A 1 101 SER 101 101 101 SER SER A . n 
A 1 102 THR 102 102 102 THR THR A . n 
A 1 103 CYS 103 103 103 CYS CYS A . n 
A 1 104 SER 104 104 104 SER SER A . n 
A 1 105 PRO 105 105 105 PRO PRO A . n 
A 1 106 GLY 106 106 106 GLY GLY A . n 
A 1 107 ASN 107 107 107 ASN ASN A . n 
A 1 108 THR 108 108 108 THR THR A . n 
A 1 109 TRP 109 109 109 TRP TRP A . n 
A 1 110 LYS 110 110 110 LYS LYS A . n 
A 1 111 PRO 111 111 111 PRO PRO A . n 
A 1 112 GLU 112 112 112 GLU GLU A . n 
A 1 113 LEU 113 113 113 LEU LEU A . n 
A 1 114 PRO 114 114 114 PRO PRO A . n 
A 1 115 LYS 115 115 115 LYS LYS A . n 
A 1 116 CYS 116 116 116 CYS CYS A . n 
A 1 117 VAL 117 117 117 VAL VAL A . n 
A 1 118 ARG 118 118 118 ARG ARG A . n 
# 
loop_
_software.name 
_software.classification 
_software.version 
_software.citation_id 
_software.pdbx_ordinal 
X-PLOR 'model building' 3.84 ? 1 
X-PLOR refinement       3.84 ? 2 
X-PLOR phasing          3.84 ? 3 
# 
_cell.entry_id           1VVC 
_cell.length_a           1.000 
_cell.length_b           1.000 
_cell.length_c           1.000 
_cell.angle_alpha        90.00 
_cell.angle_beta         90.00 
_cell.angle_gamma        90.00 
_cell.Z_PDB              1 
_cell.pdbx_unique_axis   ? 
# 
_symmetry.entry_id                         1VVC 
_symmetry.space_group_name_H-M             'P 1' 
_symmetry.pdbx_full_space_group_name_H-M   ? 
_symmetry.cell_setting                     ? 
_symmetry.Int_Tables_number                1 
# 
_exptl.entry_id          1VVC 
_exptl.method            'SOLUTION NMR' 
_exptl.crystals_number   ? 
# 
_struct.entry_id                  1VVC 
_struct.title                     'C-TERMINAL HALF OF VACCINIA VIRUS COMPLEMENT CONTROL PROTEIN, NMR, MINIMIZED AVERAGE STRUCTURE' 
_struct.pdbx_model_details        ? 
_struct.pdbx_CASP_flag            ? 
_struct.pdbx_model_type_details   ? 
# 
_struct_keywords.entry_id        1VVC 
_struct_keywords.pdbx_keywords   'COMPLEMENT INHIBITOR' 
_struct_keywords.text            'COMPLEMENT INHIBITOR, COMPLEMENT MODULE, SCR, SUSHI DOMAIN, MODULE PAIR' 
# 
_struct_asym.id                            A 
_struct_asym.pdbx_blank_PDB_chainid_flag   Y 
_struct_asym.pdbx_modified                 N 
_struct_asym.entity_id                     1 
_struct_asym.details                       ? 
# 
_struct_ref.id                         1 
_struct_ref.db_name                    UNP 
_struct_ref.db_code                    VCP_VACCV 
_struct_ref.entity_id                  1 
_struct_ref.pdbx_db_accession          P68638 
_struct_ref.pdbx_align_begin           1 
_struct_ref.pdbx_seq_one_letter_code   
;MKVESVTFLTLLGIGCVLSCCTIPSRPINMKFKNSVETDANANYNIGDTIEYLCLPGYRKQKMGPIYAKCTGTGWTLFNQ
CIKRRCPSPRDIDNGQLDIGGVDFGSSITYSCNSGYHLIGESKSYCELGSTGSMVWNPEAPICESVKCQSPPSISNGRHN
GYEDFYTDGSVVTYSCNSGYSLIGNSGVLCSGGEWSDPPTCQIVKCPHPTISNGYLSSGFKRSYSYNDNVDFKCKYGYKL
SGSSSSTCSPGNTWKPELPKCVR
;
_struct_ref.pdbx_db_isoform            ? 
# 
_struct_ref_seq.align_id                      1 
_struct_ref_seq.ref_id                        1 
_struct_ref_seq.pdbx_PDB_id_code              1VVC 
_struct_ref_seq.pdbx_strand_id                A 
_struct_ref_seq.seq_align_beg                 1 
_struct_ref_seq.pdbx_seq_align_beg_ins_code   ? 
_struct_ref_seq.seq_align_end                 118 
_struct_ref_seq.pdbx_seq_align_end_ins_code   ? 
_struct_ref_seq.pdbx_db_accession             P68638 
_struct_ref_seq.db_align_beg                  146 
_struct_ref_seq.pdbx_db_align_beg_ins_code    ? 
_struct_ref_seq.db_align_end                  263 
_struct_ref_seq.pdbx_db_align_end_ins_code    ? 
_struct_ref_seq.pdbx_auth_seq_align_beg       1 
_struct_ref_seq.pdbx_auth_seq_align_end       118 
# 
_pdbx_struct_assembly.id                   1 
_pdbx_struct_assembly.details              author_defined_assembly 
_pdbx_struct_assembly.method_details       ? 
_pdbx_struct_assembly.oligomeric_details   monomeric 
_pdbx_struct_assembly.oligomeric_count     1 
# 
_pdbx_struct_assembly_gen.assembly_id       1 
_pdbx_struct_assembly_gen.oper_expression   1 
_pdbx_struct_assembly_gen.asym_id_list      A 
# 
_pdbx_struct_oper_list.id                   1 
_pdbx_struct_oper_list.type                 'identity operation' 
_pdbx_struct_oper_list.name                 1_555 
_pdbx_struct_oper_list.symmetry_operation   x,y,z 
_pdbx_struct_oper_list.matrix[1][1]         1.0000000000 
_pdbx_struct_oper_list.matrix[1][2]         0.0000000000 
_pdbx_struct_oper_list.matrix[1][3]         0.0000000000 
_pdbx_struct_oper_list.vector[1]            0.0000000000 
_pdbx_struct_oper_list.matrix[2][1]         0.0000000000 
_pdbx_struct_oper_list.matrix[2][2]         1.0000000000 
_pdbx_struct_oper_list.matrix[2][3]         0.0000000000 
_pdbx_struct_oper_list.vector[2]            0.0000000000 
_pdbx_struct_oper_list.matrix[3][1]         0.0000000000 
_pdbx_struct_oper_list.matrix[3][2]         0.0000000000 
_pdbx_struct_oper_list.matrix[3][3]         1.0000000000 
_pdbx_struct_oper_list.vector[3]            0.0000000000 
# 
_struct_biol.id   1 
# 
loop_
_struct_conn.id 
_struct_conn.conn_type_id 
_struct_conn.pdbx_leaving_atom_flag 
_struct_conn.pdbx_PDB_id 
_struct_conn.ptnr1_label_asym_id 
_struct_conn.ptnr1_label_comp_id 
_struct_conn.ptnr1_label_seq_id 
_struct_conn.ptnr1_label_atom_id 
_struct_conn.pdbx_ptnr1_label_alt_id 
_struct_conn.pdbx_ptnr1_PDB_ins_code 
_struct_conn.pdbx_ptnr1_standard_comp_id 
_struct_conn.ptnr1_symmetry 
_struct_conn.ptnr2_label_asym_id 
_struct_conn.ptnr2_label_comp_id 
_struct_conn.ptnr2_label_seq_id 
_struct_conn.ptnr2_label_atom_id 
_struct_conn.pdbx_ptnr2_label_alt_id 
_struct_conn.pdbx_ptnr2_PDB_ins_code 
_struct_conn.ptnr1_auth_asym_id 
_struct_conn.ptnr1_auth_comp_id 
_struct_conn.ptnr1_auth_seq_id 
_struct_conn.ptnr2_auth_asym_id 
_struct_conn.ptnr2_auth_comp_id 
_struct_conn.ptnr2_auth_seq_id 
_struct_conn.ptnr2_symmetry 
_struct_conn.pdbx_ptnr3_label_atom_id 
_struct_conn.pdbx_ptnr3_label_seq_id 
_struct_conn.pdbx_ptnr3_label_comp_id 
_struct_conn.pdbx_ptnr3_label_asym_id 
_struct_conn.pdbx_ptnr3_label_alt_id 
_struct_conn.pdbx_ptnr3_PDB_ins_code 
_struct_conn.details 
_struct_conn.pdbx_dist_value 
_struct_conn.pdbx_value_order 
_struct_conn.pdbx_role 
disulf1 disulf ? ? A CYS 3  SG ? ? ? 1_555 A CYS 45  SG ? ? A CYS 3  A CYS 45  1_555 ? ? ? ? ? ? ? 2.018 ? ? 
disulf2 disulf ? ? A CYS 31 SG ? ? ? 1_555 A CYS 56  SG ? ? A CYS 31 A CYS 56  1_555 ? ? ? ? ? ? ? 2.019 ? ? 
disulf3 disulf ? ? A CYS 61 SG ? ? ? 1_555 A CYS 103 SG ? ? A CYS 61 A CYS 103 1_555 ? ? ? ? ? ? ? 2.011 ? ? 
disulf4 disulf ? ? A CYS 89 SG ? ? ? 1_555 A CYS 116 SG ? ? A CYS 89 A CYS 116 1_555 ? ? ? ? ? ? ? 2.023 ? ? 
# 
_struct_conn_type.id          disulf 
_struct_conn_type.criteria    ? 
_struct_conn_type.reference   ? 
# 
loop_
_pdbx_modification_feature.ordinal 
_pdbx_modification_feature.label_comp_id 
_pdbx_modification_feature.label_asym_id 
_pdbx_modification_feature.label_seq_id 
_pdbx_modification_feature.label_alt_id 
_pdbx_modification_feature.modified_residue_label_comp_id 
_pdbx_modification_feature.modified_residue_label_asym_id 
_pdbx_modification_feature.modified_residue_label_seq_id 
_pdbx_modification_feature.modified_residue_label_alt_id 
_pdbx_modification_feature.auth_comp_id 
_pdbx_modification_feature.auth_asym_id 
_pdbx_modification_feature.auth_seq_id 
_pdbx_modification_feature.PDB_ins_code 
_pdbx_modification_feature.symmetry 
_pdbx_modification_feature.modified_residue_auth_comp_id 
_pdbx_modification_feature.modified_residue_auth_asym_id 
_pdbx_modification_feature.modified_residue_auth_seq_id 
_pdbx_modification_feature.modified_residue_PDB_ins_code 
_pdbx_modification_feature.modified_residue_symmetry 
_pdbx_modification_feature.comp_id_linking_atom 
_pdbx_modification_feature.modified_residue_id_linking_atom 
_pdbx_modification_feature.modified_residue_id 
_pdbx_modification_feature.ref_pcm_id 
_pdbx_modification_feature.ref_comp_id 
_pdbx_modification_feature.type 
_pdbx_modification_feature.category 
1 CYS A 3  ? CYS A 45  ? CYS A 3  ? 1_555 CYS A 45  ? 1_555 SG SG . . . None 'Disulfide bridge' 
2 CYS A 31 ? CYS A 56  ? CYS A 31 ? 1_555 CYS A 56  ? 1_555 SG SG . . . None 'Disulfide bridge' 
3 CYS A 61 ? CYS A 103 ? CYS A 61 ? 1_555 CYS A 103 ? 1_555 SG SG . . . None 'Disulfide bridge' 
4 CYS A 89 ? CYS A 116 ? CYS A 89 ? 1_555 CYS A 116 ? 1_555 SG SG . . . None 'Disulfide bridge' 
# 
_struct_mon_prot_cis.pdbx_id                1 
_struct_mon_prot_cis.label_comp_id          LYS 
_struct_mon_prot_cis.label_seq_id           110 
_struct_mon_prot_cis.label_asym_id          A 
_struct_mon_prot_cis.label_alt_id           . 
_struct_mon_prot_cis.pdbx_PDB_ins_code      ? 
_struct_mon_prot_cis.auth_comp_id           LYS 
_struct_mon_prot_cis.auth_seq_id            110 
_struct_mon_prot_cis.auth_asym_id           A 
_struct_mon_prot_cis.pdbx_label_comp_id_2   PRO 
_struct_mon_prot_cis.pdbx_label_seq_id_2    111 
_struct_mon_prot_cis.pdbx_label_asym_id_2   A 
_struct_mon_prot_cis.pdbx_PDB_ins_code_2    ? 
_struct_mon_prot_cis.pdbx_auth_comp_id_2    PRO 
_struct_mon_prot_cis.pdbx_auth_seq_id_2     111 
_struct_mon_prot_cis.pdbx_auth_asym_id_2    A 
_struct_mon_prot_cis.pdbx_PDB_model_num     1 
_struct_mon_prot_cis.pdbx_omega_angle       -0.47 
# 
loop_
_struct_sheet.id 
_struct_sheet.type 
_struct_sheet.number_strands 
_struct_sheet.details 
A ? 2 ? 
B ? 2 ? 
C ? 2 ? 
# 
loop_
_struct_sheet_order.sheet_id 
_struct_sheet_order.range_id_1 
_struct_sheet_order.range_id_2 
_struct_sheet_order.offset 
_struct_sheet_order.sense 
A 1 2 ? anti-parallel 
B 1 2 ? anti-parallel 
C 1 2 ? anti-parallel 
# 
loop_
_struct_sheet_range.sheet_id 
_struct_sheet_range.id 
_struct_sheet_range.beg_label_comp_id 
_struct_sheet_range.beg_label_asym_id 
_struct_sheet_range.beg_label_seq_id 
_struct_sheet_range.pdbx_beg_PDB_ins_code 
_struct_sheet_range.end_label_comp_id 
_struct_sheet_range.end_label_asym_id 
_struct_sheet_range.end_label_seq_id 
_struct_sheet_range.pdbx_end_PDB_ins_code 
_struct_sheet_range.beg_auth_comp_id 
_struct_sheet_range.beg_auth_asym_id 
_struct_sheet_range.beg_auth_seq_id 
_struct_sheet_range.end_auth_comp_id 
_struct_sheet_range.end_auth_asym_id 
_struct_sheet_range.end_auth_seq_id 
A 1 GLY A 12  ? HIS A 14  ? GLY A 12  HIS A 14  
A 2 TYR A 29  ? CYS A 31  ? TYR A 29  CYS A 31  
B 1 SER A 36  ? ILE A 38  ? SER A 36  ILE A 38  
B 2 THR A 55  ? GLN A 57  ? THR A 55  GLN A 57  
C 1 THR A 102 ? SER A 104 ? THR A 102 SER A 104 
C 2 THR A 108 ? LYS A 110 ? THR A 108 LYS A 110 
# 
loop_
_pdbx_struct_sheet_hbond.sheet_id 
_pdbx_struct_sheet_hbond.range_id_1 
_pdbx_struct_sheet_hbond.range_id_2 
_pdbx_struct_sheet_hbond.range_1_label_atom_id 
_pdbx_struct_sheet_hbond.range_1_label_comp_id 
_pdbx_struct_sheet_hbond.range_1_label_asym_id 
_pdbx_struct_sheet_hbond.range_1_label_seq_id 
_pdbx_struct_sheet_hbond.range_1_PDB_ins_code 
_pdbx_struct_sheet_hbond.range_1_auth_atom_id 
_pdbx_struct_sheet_hbond.range_1_auth_comp_id 
_pdbx_struct_sheet_hbond.range_1_auth_asym_id 
_pdbx_struct_sheet_hbond.range_1_auth_seq_id 
_pdbx_struct_sheet_hbond.range_2_label_atom_id 
_pdbx_struct_sheet_hbond.range_2_label_comp_id 
_pdbx_struct_sheet_hbond.range_2_label_asym_id 
_pdbx_struct_sheet_hbond.range_2_label_seq_id 
_pdbx_struct_sheet_hbond.range_2_PDB_ins_code 
_pdbx_struct_sheet_hbond.range_2_auth_atom_id 
_pdbx_struct_sheet_hbond.range_2_auth_comp_id 
_pdbx_struct_sheet_hbond.range_2_auth_asym_id 
_pdbx_struct_sheet_hbond.range_2_auth_seq_id 
A 1 2 O ARG A 13  ? O ARG A 13  N SER A 30  ? N SER A 30  
B 1 2 O SER A 36  ? O SER A 36  N GLN A 57  ? N GLN A 57  
C 1 2 O THR A 102 ? O THR A 102 N LYS A 110 ? N LYS A 110 
# 
_pdbx_entry_details.entry_id                   1VVC 
_pdbx_entry_details.compound_details           ? 
_pdbx_entry_details.source_details             ? 
_pdbx_entry_details.nonpolymer_details         ? 
_pdbx_entry_details.sequence_details           ? 
_pdbx_entry_details.has_ligand_of_interest     ? 
_pdbx_entry_details.has_protein_modification   Y 
# 
loop_
_pdbx_validate_close_contact.id 
_pdbx_validate_close_contact.PDB_model_num 
_pdbx_validate_close_contact.auth_atom_id_1 
_pdbx_validate_close_contact.auth_asym_id_1 
_pdbx_validate_close_contact.auth_comp_id_1 
_pdbx_validate_close_contact.auth_seq_id_1 
_pdbx_validate_close_contact.PDB_ins_code_1 
_pdbx_validate_close_contact.label_alt_id_1 
_pdbx_validate_close_contact.auth_atom_id_2 
_pdbx_validate_close_contact.auth_asym_id_2 
_pdbx_validate_close_contact.auth_comp_id_2 
_pdbx_validate_close_contact.auth_seq_id_2 
_pdbx_validate_close_contact.PDB_ins_code_2 
_pdbx_validate_close_contact.label_alt_id_2 
_pdbx_validate_close_contact.dist 
1  1 H A SER 96 ? ? O  A LYS 115 ? ? 1.48 
2  1 H A PHE 87 ? ? O  A SER 99  ? ? 1.48 
3  1 O A TYR 70 ? ? H  A LYS 88  ? ? 1.49 
4  1 O A VAL 27 ? ? H  A VAL 43  ? ? 1.56 
5  1 H A LYS 94 ? ? O  A VAL 117 ? ? 1.56 
6  1 O A TYR 21 ? ? HG A SER 25  ? ? 1.56 
7  1 H A VAL 85 ? ? O  A SER 101 ? ? 1.56 
8  1 O A LYS 94 ? ? H  A VAL 117 ? ? 1.58 
9  1 H A SER 36 ? ? O  A GLN 57  ? ? 1.58 
10 1 O A ILE 38 ? ? H  A THR 55  ? ? 1.59 
# 
loop_
_pdbx_validate_torsion.id 
_pdbx_validate_torsion.PDB_model_num 
_pdbx_validate_torsion.auth_comp_id 
_pdbx_validate_torsion.auth_asym_id 
_pdbx_validate_torsion.auth_seq_id 
_pdbx_validate_torsion.PDB_ins_code 
_pdbx_validate_torsion.label_alt_id 
_pdbx_validate_torsion.phi 
_pdbx_validate_torsion.psi 
1  1 SER A 10  ? ? -39.37  92.40   
2  1 ASN A 11  ? ? 42.26   26.12   
3  1 ARG A 13  ? ? -108.61 -169.07 
4  1 TYR A 17  ? ? 167.38  36.83   
5  1 GLU A 18  ? ? -171.44 -179.06 
6  1 THR A 22  ? ? 46.07   -97.10  
7  1 VAL A 43  ? ? -64.97  -178.56 
8  1 ASP A 52  ? ? 62.17   66.95   
9  1 GLN A 57  ? ? -114.54 -151.56 
10 1 LYS A 60  ? ? -63.48  -168.15 
11 1 HIS A 63  ? ? 159.78  125.62  
12 1 ILE A 66  ? ? 179.51  163.79  
13 1 ASN A 68  ? ? 39.65   42.79   
14 1 TYR A 70  ? ? -44.57  -173.50 
15 1 SER A 72  ? ? -145.82 25.14   
16 1 SER A 73  ? ? -107.91 -79.02  
17 1 TYR A 79  ? ? -131.51 -158.24 
18 1 SER A 80  ? ? -150.07 -123.15 
19 1 ASN A 82  ? ? -159.36 -102.16 
20 1 ASP A 83  ? ? 45.34   75.15   
21 1 LYS A 90  ? ? -41.35  -80.25  
22 1 CYS A 103 ? ? -65.76  99.41   
23 1 ASN A 107 ? ? 77.83   87.64   
24 1 THR A 108 ? ? 177.49  -161.63 
25 1 CYS A 116 ? ? -64.94  94.11   
# 
loop_
_pdbx_validate_planes.id 
_pdbx_validate_planes.PDB_model_num 
_pdbx_validate_planes.auth_comp_id 
_pdbx_validate_planes.auth_asym_id 
_pdbx_validate_planes.auth_seq_id 
_pdbx_validate_planes.PDB_ins_code 
_pdbx_validate_planes.label_alt_id 
_pdbx_validate_planes.rmsd 
_pdbx_validate_planes.type 
1 1 ARG A 13  ? ? 0.317 'SIDE CHAIN' 
2 1 ARG A 77  ? ? 0.185 'SIDE CHAIN' 
3 1 ARG A 118 ? ? 0.222 'SIDE CHAIN' 
# 
_pdbx_nmr_ensemble.entry_id                             1VVC 
_pdbx_nmr_ensemble.conformers_calculated_total_number   50 
_pdbx_nmr_ensemble.conformers_submitted_total_number    1 
_pdbx_nmr_ensemble.conformer_selection_criteria         '< 2 NOE VIOLATIONS > 0.5 A; NO DIHEDRAL ANGLE VIOLATIONS > 5 DEGREES' 
# 
_pdbx_nmr_exptl_sample_conditions.conditions_id       1 
_pdbx_nmr_exptl_sample_conditions.temperature         310 
_pdbx_nmr_exptl_sample_conditions.pressure            ? 
_pdbx_nmr_exptl_sample_conditions.pH                  4.0 
_pdbx_nmr_exptl_sample_conditions.ionic_strength      ? 
_pdbx_nmr_exptl_sample_conditions.pressure_units      ? 
_pdbx_nmr_exptl_sample_conditions.temperature_units   K 
# 
loop_
_pdbx_nmr_exptl.experiment_id 
_pdbx_nmr_exptl.conditions_id 
_pdbx_nmr_exptl.type 
_pdbx_nmr_exptl.solution_id 
1 1 15N             1 
2 1 '1H-NOESY HSQC' 1 
3 1 15N             1 
4 1 '1H-TOCSY HSQC' 1 
5 1 DQF-COSY        1 
6 1 NOESY           1 
7 1 HOHAHA          1 
# 
_pdbx_nmr_refine.entry_id           1VVC 
_pdbx_nmr_refine.method             'SIMULATE ANNEALING' 
_pdbx_nmr_refine.details            'REFINEMENT DETAILS CAN BE FOUND IN THE JRNL CITATION.' 
_pdbx_nmr_refine.software_ordinal   1 
# 
loop_
_pdbx_nmr_software.classification 
_pdbx_nmr_software.name 
_pdbx_nmr_software.version 
_pdbx_nmr_software.authors 
_pdbx_nmr_software.ordinal 
refinement           X-PLOR 3.84 BRUNGER 1 
'structure solution' X-PLOR ?    ?       2 
# 
loop_
_chem_comp_atom.comp_id 
_chem_comp_atom.atom_id 
_chem_comp_atom.type_symbol 
_chem_comp_atom.pdbx_aromatic_flag 
_chem_comp_atom.pdbx_stereo_config 
_chem_comp_atom.pdbx_ordinal 
ARG N    N N N 1   
ARG CA   C N S 2   
ARG C    C N N 3   
ARG O    O N N 4   
ARG CB   C N N 5   
ARG CG   C N N 6   
ARG CD   C N N 7   
ARG NE   N N N 8   
ARG CZ   C N N 9   
ARG NH1  N N N 10  
ARG NH2  N N N 11  
ARG OXT  O N N 12  
ARG H    H N N 13  
ARG H2   H N N 14  
ARG HA   H N N 15  
ARG HB2  H N N 16  
ARG HB3  H N N 17  
ARG HG2  H N N 18  
ARG HG3  H N N 19  
ARG HD2  H N N 20  
ARG HD3  H N N 21  
ARG HE   H N N 22  
ARG HH11 H N N 23  
ARG HH12 H N N 24  
ARG HH21 H N N 25  
ARG HH22 H N N 26  
ARG HXT  H N N 27  
ASN N    N N N 28  
ASN CA   C N S 29  
ASN C    C N N 30  
ASN O    O N N 31  
ASN CB   C N N 32  
ASN CG   C N N 33  
ASN OD1  O N N 34  
ASN ND2  N N N 35  
ASN OXT  O N N 36  
ASN H    H N N 37  
ASN H2   H N N 38  
ASN HA   H N N 39  
ASN HB2  H N N 40  
ASN HB3  H N N 41  
ASN HD21 H N N 42  
ASN HD22 H N N 43  
ASN HXT  H N N 44  
ASP N    N N N 45  
ASP CA   C N S 46  
ASP C    C N N 47  
ASP O    O N N 48  
ASP CB   C N N 49  
ASP CG   C N N 50  
ASP OD1  O N N 51  
ASP OD2  O N N 52  
ASP OXT  O N N 53  
ASP H    H N N 54  
ASP H2   H N N 55  
ASP HA   H N N 56  
ASP HB2  H N N 57  
ASP HB3  H N N 58  
ASP HD2  H N N 59  
ASP HXT  H N N 60  
CYS N    N N N 61  
CYS CA   C N R 62  
CYS C    C N N 63  
CYS O    O N N 64  
CYS CB   C N N 65  
CYS SG   S N N 66  
CYS OXT  O N N 67  
CYS H    H N N 68  
CYS H2   H N N 69  
CYS HA   H N N 70  
CYS HB2  H N N 71  
CYS HB3  H N N 72  
CYS HG   H N N 73  
CYS HXT  H N N 74  
GLN N    N N N 75  
GLN CA   C N S 76  
GLN C    C N N 77  
GLN O    O N N 78  
GLN CB   C N N 79  
GLN CG   C N N 80  
GLN CD   C N N 81  
GLN OE1  O N N 82  
GLN NE2  N N N 83  
GLN OXT  O N N 84  
GLN H    H N N 85  
GLN H2   H N N 86  
GLN HA   H N N 87  
GLN HB2  H N N 88  
GLN HB3  H N N 89  
GLN HG2  H N N 90  
GLN HG3  H N N 91  
GLN HE21 H N N 92  
GLN HE22 H N N 93  
GLN HXT  H N N 94  
GLU N    N N N 95  
GLU CA   C N S 96  
GLU C    C N N 97  
GLU O    O N N 98  
GLU CB   C N N 99  
GLU CG   C N N 100 
GLU CD   C N N 101 
GLU OE1  O N N 102 
GLU OE2  O N N 103 
GLU OXT  O N N 104 
GLU H    H N N 105 
GLU H2   H N N 106 
GLU HA   H N N 107 
GLU HB2  H N N 108 
GLU HB3  H N N 109 
GLU HG2  H N N 110 
GLU HG3  H N N 111 
GLU HE2  H N N 112 
GLU HXT  H N N 113 
GLY N    N N N 114 
GLY CA   C N N 115 
GLY C    C N N 116 
GLY O    O N N 117 
GLY OXT  O N N 118 
GLY H    H N N 119 
GLY H2   H N N 120 
GLY HA2  H N N 121 
GLY HA3  H N N 122 
GLY HXT  H N N 123 
HIS N    N N N 124 
HIS CA   C N S 125 
HIS C    C N N 126 
HIS O    O N N 127 
HIS CB   C N N 128 
HIS CG   C Y N 129 
HIS ND1  N Y N 130 
HIS CD2  C Y N 131 
HIS CE1  C Y N 132 
HIS NE2  N Y N 133 
HIS OXT  O N N 134 
HIS H    H N N 135 
HIS H2   H N N 136 
HIS HA   H N N 137 
HIS HB2  H N N 138 
HIS HB3  H N N 139 
HIS HD1  H N N 140 
HIS HD2  H N N 141 
HIS HE1  H N N 142 
HIS HE2  H N N 143 
HIS HXT  H N N 144 
ILE N    N N N 145 
ILE CA   C N S 146 
ILE C    C N N 147 
ILE O    O N N 148 
ILE CB   C N S 149 
ILE CG1  C N N 150 
ILE CG2  C N N 151 
ILE CD1  C N N 152 
ILE OXT  O N N 153 
ILE H    H N N 154 
ILE H2   H N N 155 
ILE HA   H N N 156 
ILE HB   H N N 157 
ILE HG12 H N N 158 
ILE HG13 H N N 159 
ILE HG21 H N N 160 
ILE HG22 H N N 161 
ILE HG23 H N N 162 
ILE HD11 H N N 163 
ILE HD12 H N N 164 
ILE HD13 H N N 165 
ILE HXT  H N N 166 
LEU N    N N N 167 
LEU CA   C N S 168 
LEU C    C N N 169 
LEU O    O N N 170 
LEU CB   C N N 171 
LEU CG   C N N 172 
LEU CD1  C N N 173 
LEU CD2  C N N 174 
LEU OXT  O N N 175 
LEU H    H N N 176 
LEU H2   H N N 177 
LEU HA   H N N 178 
LEU HB2  H N N 179 
LEU HB3  H N N 180 
LEU HG   H N N 181 
LEU HD11 H N N 182 
LEU HD12 H N N 183 
LEU HD13 H N N 184 
LEU HD21 H N N 185 
LEU HD22 H N N 186 
LEU HD23 H N N 187 
LEU HXT  H N N 188 
LYS N    N N N 189 
LYS CA   C N S 190 
LYS C    C N N 191 
LYS O    O N N 192 
LYS CB   C N N 193 
LYS CG   C N N 194 
LYS CD   C N N 195 
LYS CE   C N N 196 
LYS NZ   N N N 197 
LYS OXT  O N N 198 
LYS H    H N N 199 
LYS H2   H N N 200 
LYS HA   H N N 201 
LYS HB2  H N N 202 
LYS HB3  H N N 203 
LYS HG2  H N N 204 
LYS HG3  H N N 205 
LYS HD2  H N N 206 
LYS HD3  H N N 207 
LYS HE2  H N N 208 
LYS HE3  H N N 209 
LYS HZ1  H N N 210 
LYS HZ2  H N N 211 
LYS HZ3  H N N 212 
LYS HXT  H N N 213 
PHE N    N N N 214 
PHE CA   C N S 215 
PHE C    C N N 216 
PHE O    O N N 217 
PHE CB   C N N 218 
PHE CG   C Y N 219 
PHE CD1  C Y N 220 
PHE CD2  C Y N 221 
PHE CE1  C Y N 222 
PHE CE2  C Y N 223 
PHE CZ   C Y N 224 
PHE OXT  O N N 225 
PHE H    H N N 226 
PHE H2   H N N 227 
PHE HA   H N N 228 
PHE HB2  H N N 229 
PHE HB3  H N N 230 
PHE HD1  H N N 231 
PHE HD2  H N N 232 
PHE HE1  H N N 233 
PHE HE2  H N N 234 
PHE HZ   H N N 235 
PHE HXT  H N N 236 
PRO N    N N N 237 
PRO CA   C N S 238 
PRO C    C N N 239 
PRO O    O N N 240 
PRO CB   C N N 241 
PRO CG   C N N 242 
PRO CD   C N N 243 
PRO OXT  O N N 244 
PRO H    H N N 245 
PRO HA   H N N 246 
PRO HB2  H N N 247 
PRO HB3  H N N 248 
PRO HG2  H N N 249 
PRO HG3  H N N 250 
PRO HD2  H N N 251 
PRO HD3  H N N 252 
PRO HXT  H N N 253 
SER N    N N N 254 
SER CA   C N S 255 
SER C    C N N 256 
SER O    O N N 257 
SER CB   C N N 258 
SER OG   O N N 259 
SER OXT  O N N 260 
SER H    H N N 261 
SER H2   H N N 262 
SER HA   H N N 263 
SER HB2  H N N 264 
SER HB3  H N N 265 
SER HG   H N N 266 
SER HXT  H N N 267 
THR N    N N N 268 
THR CA   C N S 269 
THR C    C N N 270 
THR O    O N N 271 
THR CB   C N R 272 
THR OG1  O N N 273 
THR CG2  C N N 274 
THR OXT  O N N 275 
THR H    H N N 276 
THR H2   H N N 277 
THR HA   H N N 278 
THR HB   H N N 279 
THR HG1  H N N 280 
THR HG21 H N N 281 
THR HG22 H N N 282 
THR HG23 H N N 283 
THR HXT  H N N 284 
TRP N    N N N 285 
TRP CA   C N S 286 
TRP C    C N N 287 
TRP O    O N N 288 
TRP CB   C N N 289 
TRP CG   C Y N 290 
TRP CD1  C Y N 291 
TRP CD2  C Y N 292 
TRP NE1  N Y N 293 
TRP CE2  C Y N 294 
TRP CE3  C Y N 295 
TRP CZ2  C Y N 296 
TRP CZ3  C Y N 297 
TRP CH2  C Y N 298 
TRP OXT  O N N 299 
TRP H    H N N 300 
TRP H2   H N N 301 
TRP HA   H N N 302 
TRP HB2  H N N 303 
TRP HB3  H N N 304 
TRP HD1  H N N 305 
TRP HE1  H N N 306 
TRP HE3  H N N 307 
TRP HZ2  H N N 308 
TRP HZ3  H N N 309 
TRP HH2  H N N 310 
TRP HXT  H N N 311 
TYR N    N N N 312 
TYR CA   C N S 313 
TYR C    C N N 314 
TYR O    O N N 315 
TYR CB   C N N 316 
TYR CG   C Y N 317 
TYR CD1  C Y N 318 
TYR CD2  C Y N 319 
TYR CE1  C Y N 320 
TYR CE2  C Y N 321 
TYR CZ   C Y N 322 
TYR OH   O N N 323 
TYR OXT  O N N 324 
TYR H    H N N 325 
TYR H2   H N N 326 
TYR HA   H N N 327 
TYR HB2  H N N 328 
TYR HB3  H N N 329 
TYR HD1  H N N 330 
TYR HD2  H N N 331 
TYR HE1  H N N 332 
TYR HE2  H N N 333 
TYR HH   H N N 334 
TYR HXT  H N N 335 
VAL N    N N N 336 
VAL CA   C N S 337 
VAL C    C N N 338 
VAL O    O N N 339 
VAL CB   C N N 340 
VAL CG1  C N N 341 
VAL CG2  C N N 342 
VAL OXT  O N N 343 
VAL H    H N N 344 
VAL H2   H N N 345 
VAL HA   H N N 346 
VAL HB   H N N 347 
VAL HG11 H N N 348 
VAL HG12 H N N 349 
VAL HG13 H N N 350 
VAL HG21 H N N 351 
VAL HG22 H N N 352 
VAL HG23 H N N 353 
VAL HXT  H N N 354 
# 
loop_
_chem_comp_bond.comp_id 
_chem_comp_bond.atom_id_1 
_chem_comp_bond.atom_id_2 
_chem_comp_bond.value_order 
_chem_comp_bond.pdbx_aromatic_flag 
_chem_comp_bond.pdbx_stereo_config 
_chem_comp_bond.pdbx_ordinal 
ARG N   CA   sing N N 1   
ARG N   H    sing N N 2   
ARG N   H2   sing N N 3   
ARG CA  C    sing N N 4   
ARG CA  CB   sing N N 5   
ARG CA  HA   sing N N 6   
ARG C   O    doub N N 7   
ARG C   OXT  sing N N 8   
ARG CB  CG   sing N N 9   
ARG CB  HB2  sing N N 10  
ARG CB  HB3  sing N N 11  
ARG CG  CD   sing N N 12  
ARG CG  HG2  sing N N 13  
ARG CG  HG3  sing N N 14  
ARG CD  NE   sing N N 15  
ARG CD  HD2  sing N N 16  
ARG CD  HD3  sing N N 17  
ARG NE  CZ   sing N N 18  
ARG NE  HE   sing N N 19  
ARG CZ  NH1  sing N N 20  
ARG CZ  NH2  doub N N 21  
ARG NH1 HH11 sing N N 22  
ARG NH1 HH12 sing N N 23  
ARG NH2 HH21 sing N N 24  
ARG NH2 HH22 sing N N 25  
ARG OXT HXT  sing N N 26  
ASN N   CA   sing N N 27  
ASN N   H    sing N N 28  
ASN N   H2   sing N N 29  
ASN CA  C    sing N N 30  
ASN CA  CB   sing N N 31  
ASN CA  HA   sing N N 32  
ASN C   O    doub N N 33  
ASN C   OXT  sing N N 34  
ASN CB  CG   sing N N 35  
ASN CB  HB2  sing N N 36  
ASN CB  HB3  sing N N 37  
ASN CG  OD1  doub N N 38  
ASN CG  ND2  sing N N 39  
ASN ND2 HD21 sing N N 40  
ASN ND2 HD22 sing N N 41  
ASN OXT HXT  sing N N 42  
ASP N   CA   sing N N 43  
ASP N   H    sing N N 44  
ASP N   H2   sing N N 45  
ASP CA  C    sing N N 46  
ASP CA  CB   sing N N 47  
ASP CA  HA   sing N N 48  
ASP C   O    doub N N 49  
ASP C   OXT  sing N N 50  
ASP CB  CG   sing N N 51  
ASP CB  HB2  sing N N 52  
ASP CB  HB3  sing N N 53  
ASP CG  OD1  doub N N 54  
ASP CG  OD2  sing N N 55  
ASP OD2 HD2  sing N N 56  
ASP OXT HXT  sing N N 57  
CYS N   CA   sing N N 58  
CYS N   H    sing N N 59  
CYS N   H2   sing N N 60  
CYS CA  C    sing N N 61  
CYS CA  CB   sing N N 62  
CYS CA  HA   sing N N 63  
CYS C   O    doub N N 64  
CYS C   OXT  sing N N 65  
CYS CB  SG   sing N N 66  
CYS CB  HB2  sing N N 67  
CYS CB  HB3  sing N N 68  
CYS SG  HG   sing N N 69  
CYS OXT HXT  sing N N 70  
GLN N   CA   sing N N 71  
GLN N   H    sing N N 72  
GLN N   H2   sing N N 73  
GLN CA  C    sing N N 74  
GLN CA  CB   sing N N 75  
GLN CA  HA   sing N N 76  
GLN C   O    doub N N 77  
GLN C   OXT  sing N N 78  
GLN CB  CG   sing N N 79  
GLN CB  HB2  sing N N 80  
GLN CB  HB3  sing N N 81  
GLN CG  CD   sing N N 82  
GLN CG  HG2  sing N N 83  
GLN CG  HG3  sing N N 84  
GLN CD  OE1  doub N N 85  
GLN CD  NE2  sing N N 86  
GLN NE2 HE21 sing N N 87  
GLN NE2 HE22 sing N N 88  
GLN OXT HXT  sing N N 89  
GLU N   CA   sing N N 90  
GLU N   H    sing N N 91  
GLU N   H2   sing N N 92  
GLU CA  C    sing N N 93  
GLU CA  CB   sing N N 94  
GLU CA  HA   sing N N 95  
GLU C   O    doub N N 96  
GLU C   OXT  sing N N 97  
GLU CB  CG   sing N N 98  
GLU CB  HB2  sing N N 99  
GLU CB  HB3  sing N N 100 
GLU CG  CD   sing N N 101 
GLU CG  HG2  sing N N 102 
GLU CG  HG3  sing N N 103 
GLU CD  OE1  doub N N 104 
GLU CD  OE2  sing N N 105 
GLU OE2 HE2  sing N N 106 
GLU OXT HXT  sing N N 107 
GLY N   CA   sing N N 108 
GLY N   H    sing N N 109 
GLY N   H2   sing N N 110 
GLY CA  C    sing N N 111 
GLY CA  HA2  sing N N 112 
GLY CA  HA3  sing N N 113 
GLY C   O    doub N N 114 
GLY C   OXT  sing N N 115 
GLY OXT HXT  sing N N 116 
HIS N   CA   sing N N 117 
HIS N   H    sing N N 118 
HIS N   H2   sing N N 119 
HIS CA  C    sing N N 120 
HIS CA  CB   sing N N 121 
HIS CA  HA   sing N N 122 
HIS C   O    doub N N 123 
HIS C   OXT  sing N N 124 
HIS CB  CG   sing N N 125 
HIS CB  HB2  sing N N 126 
HIS CB  HB3  sing N N 127 
HIS CG  ND1  sing Y N 128 
HIS CG  CD2  doub Y N 129 
HIS ND1 CE1  doub Y N 130 
HIS ND1 HD1  sing N N 131 
HIS CD2 NE2  sing Y N 132 
HIS CD2 HD2  sing N N 133 
HIS CE1 NE2  sing Y N 134 
HIS CE1 HE1  sing N N 135 
HIS NE2 HE2  sing N N 136 
HIS OXT HXT  sing N N 137 
ILE N   CA   sing N N 138 
ILE N   H    sing N N 139 
ILE N   H2   sing N N 140 
ILE CA  C    sing N N 141 
ILE CA  CB   sing N N 142 
ILE CA  HA   sing N N 143 
ILE C   O    doub N N 144 
ILE C   OXT  sing N N 145 
ILE CB  CG1  sing N N 146 
ILE CB  CG2  sing N N 147 
ILE CB  HB   sing N N 148 
ILE CG1 CD1  sing N N 149 
ILE CG1 HG12 sing N N 150 
ILE CG1 HG13 sing N N 151 
ILE CG2 HG21 sing N N 152 
ILE CG2 HG22 sing N N 153 
ILE CG2 HG23 sing N N 154 
ILE CD1 HD11 sing N N 155 
ILE CD1 HD12 sing N N 156 
ILE CD1 HD13 sing N N 157 
ILE OXT HXT  sing N N 158 
LEU N   CA   sing N N 159 
LEU N   H    sing N N 160 
LEU N   H2   sing N N 161 
LEU CA  C    sing N N 162 
LEU CA  CB   sing N N 163 
LEU CA  HA   sing N N 164 
LEU C   O    doub N N 165 
LEU C   OXT  sing N N 166 
LEU CB  CG   sing N N 167 
LEU CB  HB2  sing N N 168 
LEU CB  HB3  sing N N 169 
LEU CG  CD1  sing N N 170 
LEU CG  CD2  sing N N 171 
LEU CG  HG   sing N N 172 
LEU CD1 HD11 sing N N 173 
LEU CD1 HD12 sing N N 174 
LEU CD1 HD13 sing N N 175 
LEU CD2 HD21 sing N N 176 
LEU CD2 HD22 sing N N 177 
LEU CD2 HD23 sing N N 178 
LEU OXT HXT  sing N N 179 
LYS N   CA   sing N N 180 
LYS N   H    sing N N 181 
LYS N   H2   sing N N 182 
LYS CA  C    sing N N 183 
LYS CA  CB   sing N N 184 
LYS CA  HA   sing N N 185 
LYS C   O    doub N N 186 
LYS C   OXT  sing N N 187 
LYS CB  CG   sing N N 188 
LYS CB  HB2  sing N N 189 
LYS CB  HB3  sing N N 190 
LYS CG  CD   sing N N 191 
LYS CG  HG2  sing N N 192 
LYS CG  HG3  sing N N 193 
LYS CD  CE   sing N N 194 
LYS CD  HD2  sing N N 195 
LYS CD  HD3  sing N N 196 
LYS CE  NZ   sing N N 197 
LYS CE  HE2  sing N N 198 
LYS CE  HE3  sing N N 199 
LYS NZ  HZ1  sing N N 200 
LYS NZ  HZ2  sing N N 201 
LYS NZ  HZ3  sing N N 202 
LYS OXT HXT  sing N N 203 
PHE N   CA   sing N N 204 
PHE N   H    sing N N 205 
PHE N   H2   sing N N 206 
PHE CA  C    sing N N 207 
PHE CA  CB   sing N N 208 
PHE CA  HA   sing N N 209 
PHE C   O    doub N N 210 
PHE C   OXT  sing N N 211 
PHE CB  CG   sing N N 212 
PHE CB  HB2  sing N N 213 
PHE CB  HB3  sing N N 214 
PHE CG  CD1  doub Y N 215 
PHE CG  CD2  sing Y N 216 
PHE CD1 CE1  sing Y N 217 
PHE CD1 HD1  sing N N 218 
PHE CD2 CE2  doub Y N 219 
PHE CD2 HD2  sing N N 220 
PHE CE1 CZ   doub Y N 221 
PHE CE1 HE1  sing N N 222 
PHE CE2 CZ   sing Y N 223 
PHE CE2 HE2  sing N N 224 
PHE CZ  HZ   sing N N 225 
PHE OXT HXT  sing N N 226 
PRO N   CA   sing N N 227 
PRO N   CD   sing N N 228 
PRO N   H    sing N N 229 
PRO CA  C    sing N N 230 
PRO CA  CB   sing N N 231 
PRO CA  HA   sing N N 232 
PRO C   O    doub N N 233 
PRO C   OXT  sing N N 234 
PRO CB  CG   sing N N 235 
PRO CB  HB2  sing N N 236 
PRO CB  HB3  sing N N 237 
PRO CG  CD   sing N N 238 
PRO CG  HG2  sing N N 239 
PRO CG  HG3  sing N N 240 
PRO CD  HD2  sing N N 241 
PRO CD  HD3  sing N N 242 
PRO OXT HXT  sing N N 243 
SER N   CA   sing N N 244 
SER N   H    sing N N 245 
SER N   H2   sing N N 246 
SER CA  C    sing N N 247 
SER CA  CB   sing N N 248 
SER CA  HA   sing N N 249 
SER C   O    doub N N 250 
SER C   OXT  sing N N 251 
SER CB  OG   sing N N 252 
SER CB  HB2  sing N N 253 
SER CB  HB3  sing N N 254 
SER OG  HG   sing N N 255 
SER OXT HXT  sing N N 256 
THR N   CA   sing N N 257 
THR N   H    sing N N 258 
THR N   H2   sing N N 259 
THR CA  C    sing N N 260 
THR CA  CB   sing N N 261 
THR CA  HA   sing N N 262 
THR C   O    doub N N 263 
THR C   OXT  sing N N 264 
THR CB  OG1  sing N N 265 
THR CB  CG2  sing N N 266 
THR CB  HB   sing N N 267 
THR OG1 HG1  sing N N 268 
THR CG2 HG21 sing N N 269 
THR CG2 HG22 sing N N 270 
THR CG2 HG23 sing N N 271 
THR OXT HXT  sing N N 272 
TRP N   CA   sing N N 273 
TRP N   H    sing N N 274 
TRP N   H2   sing N N 275 
TRP CA  C    sing N N 276 
TRP CA  CB   sing N N 277 
TRP CA  HA   sing N N 278 
TRP C   O    doub N N 279 
TRP C   OXT  sing N N 280 
TRP CB  CG   sing N N 281 
TRP CB  HB2  sing N N 282 
TRP CB  HB3  sing N N 283 
TRP CG  CD1  doub Y N 284 
TRP CG  CD2  sing Y N 285 
TRP CD1 NE1  sing Y N 286 
TRP CD1 HD1  sing N N 287 
TRP CD2 CE2  doub Y N 288 
TRP CD2 CE3  sing Y N 289 
TRP NE1 CE2  sing Y N 290 
TRP NE1 HE1  sing N N 291 
TRP CE2 CZ2  sing Y N 292 
TRP CE3 CZ3  doub Y N 293 
TRP CE3 HE3  sing N N 294 
TRP CZ2 CH2  doub Y N 295 
TRP CZ2 HZ2  sing N N 296 
TRP CZ3 CH2  sing Y N 297 
TRP CZ3 HZ3  sing N N 298 
TRP CH2 HH2  sing N N 299 
TRP OXT HXT  sing N N 300 
TYR N   CA   sing N N 301 
TYR N   H    sing N N 302 
TYR N   H2   sing N N 303 
TYR CA  C    sing N N 304 
TYR CA  CB   sing N N 305 
TYR CA  HA   sing N N 306 
TYR C   O    doub N N 307 
TYR C   OXT  sing N N 308 
TYR CB  CG   sing N N 309 
TYR CB  HB2  sing N N 310 
TYR CB  HB3  sing N N 311 
TYR CG  CD1  doub Y N 312 
TYR CG  CD2  sing Y N 313 
TYR CD1 CE1  sing Y N 314 
TYR CD1 HD1  sing N N 315 
TYR CD2 CE2  doub Y N 316 
TYR CD2 HD2  sing N N 317 
TYR CE1 CZ   doub Y N 318 
TYR CE1 HE1  sing N N 319 
TYR CE2 CZ   sing Y N 320 
TYR CE2 HE2  sing N N 321 
TYR CZ  OH   sing N N 322 
TYR OH  HH   sing N N 323 
TYR OXT HXT  sing N N 324 
VAL N   CA   sing N N 325 
VAL N   H    sing N N 326 
VAL N   H2   sing N N 327 
VAL CA  C    sing N N 328 
VAL CA  CB   sing N N 329 
VAL CA  HA   sing N N 330 
VAL C   O    doub N N 331 
VAL C   OXT  sing N N 332 
VAL CB  CG1  sing N N 333 
VAL CB  CG2  sing N N 334 
VAL CB  HB   sing N N 335 
VAL CG1 HG11 sing N N 336 
VAL CG1 HG12 sing N N 337 
VAL CG1 HG13 sing N N 338 
VAL CG2 HG21 sing N N 339 
VAL CG2 HG22 sing N N 340 
VAL CG2 HG23 sing N N 341 
VAL OXT HXT  sing N N 342 
# 
_pdbx_nmr_spectrometer.spectrometer_id   1 
_pdbx_nmr_spectrometer.model             home-built 
_pdbx_nmr_spectrometer.manufacturer      'HOME BUILT/GE' 
_pdbx_nmr_spectrometer.field_strength    750 
# 
_atom_sites.entry_id                    1VVC 
_atom_sites.fract_transf_matrix[1][1]   1.000000 
_atom_sites.fract_transf_matrix[1][2]   0.000000 
_atom_sites.fract_transf_matrix[1][3]   0.000000 
_atom_sites.fract_transf_matrix[2][1]   0.000000 
_atom_sites.fract_transf_matrix[2][2]   1.000000 
_atom_sites.fract_transf_matrix[2][3]   0.000000 
_atom_sites.fract_transf_matrix[3][1]   0.000000 
_atom_sites.fract_transf_matrix[3][2]   0.000000 
_atom_sites.fract_transf_matrix[3][3]   1.000000 
_atom_sites.fract_transf_vector[1]      0.00000 
_atom_sites.fract_transf_vector[2]      0.00000 
_atom_sites.fract_transf_vector[3]      0.00000 
# 
loop_
_atom_type.symbol 
C 
H 
N 
O 
S 
# 
loop_
_atom_site.group_PDB 
_atom_site.id 
_atom_site.type_symbol 
_atom_site.label_atom_id 
_atom_site.label_alt_id 
_atom_site.label_comp_id 
_atom_site.label_asym_id 
_atom_site.label_entity_id 
_atom_site.label_seq_id 
_atom_site.pdbx_PDB_ins_code 
_atom_site.Cartn_x 
_atom_site.Cartn_y 
_atom_site.Cartn_z 
_atom_site.occupancy 
_atom_site.B_iso_or_equiv 
_atom_site.pdbx_formal_charge 
_atom_site.auth_seq_id 
_atom_site.auth_comp_id 
_atom_site.auth_asym_id 
_atom_site.auth_atom_id 
_atom_site.pdbx_PDB_model_num 
ATOM 1    N N    . VAL A 1 1   ? 14.774  -3.705  -29.701 1.00 1.97 ? 1   VAL A N    1 
ATOM 2    C CA   . VAL A 1 1   ? 13.708  -3.999  -28.701 1.00 1.70 ? 1   VAL A CA   1 
ATOM 3    C C    . VAL A 1 1   ? 13.046  -2.701  -28.232 1.00 1.58 ? 1   VAL A C    1 
ATOM 4    O O    . VAL A 1 1   ? 13.698  -1.694  -28.039 1.00 1.74 ? 1   VAL A O    1 
ATOM 5    C CB   . VAL A 1 1   ? 14.435  -4.680  -27.541 1.00 1.83 ? 1   VAL A CB   1 
ATOM 6    C CG1  . VAL A 1 1   ? 13.456  -4.914  -26.390 1.00 2.34 ? 1   VAL A CG1  1 
ATOM 7    C CG2  . VAL A 1 1   ? 14.995  -6.023  -28.013 1.00 2.24 ? 1   VAL A CG2  1 
ATOM 8    H H1   . VAL A 1 1   ? 14.445  -2.959  -30.348 1.00 2.26 ? 1   VAL A H1   1 
ATOM 9    H H2   . VAL A 1 1   ? 15.632  -3.384  -29.209 1.00 2.21 ? 1   VAL A H2   1 
ATOM 10   H H3   . VAL A 1 1   ? 14.989  -4.565  -30.243 1.00 2.36 ? 1   VAL A H3   1 
ATOM 11   H HA   . VAL A 1 1   ? 12.973  -4.669  -29.118 1.00 1.84 ? 1   VAL A HA   1 
ATOM 12   H HB   . VAL A 1 1   ? 15.244  -4.048  -27.204 1.00 2.32 ? 1   VAL A HB   1 
ATOM 13   H HG11 . VAL A 1 1   ? 12.578  -4.301  -26.534 1.00 2.66 ? 1   VAL A HG11 1 
ATOM 14   H HG12 . VAL A 1 1   ? 13.168  -5.954  -26.368 1.00 2.80 ? 1   VAL A HG12 1 
ATOM 15   H HG13 . VAL A 1 1   ? 13.929  -4.651  -25.455 1.00 2.83 ? 1   VAL A HG13 1 
ATOM 16   H HG21 . VAL A 1 1   ? 15.499  -5.891  -28.960 1.00 2.73 ? 1   VAL A HG21 1 
ATOM 17   H HG22 . VAL A 1 1   ? 15.697  -6.397  -27.282 1.00 2.70 ? 1   VAL A HG22 1 
ATOM 18   H HG23 . VAL A 1 1   ? 14.187  -6.730  -28.130 1.00 2.53 ? 1   VAL A HG23 1 
ATOM 19   N N    . LYS A 1 2   ? 11.753  -2.715  -28.048 1.00 1.53 ? 2   LYS A N    1 
ATOM 20   C CA   . LYS A 1 2   ? 11.052  -1.479  -27.594 1.00 1.48 ? 2   LYS A CA   1 
ATOM 21   C C    . LYS A 1 2   ? 9.980   -1.827  -26.556 1.00 1.36 ? 2   LYS A C    1 
ATOM 22   O O    . LYS A 1 2   ? 9.697   -2.982  -26.304 1.00 1.47 ? 2   LYS A O    1 
ATOM 23   C CB   . LYS A 1 2   ? 10.409  -0.899  -28.855 1.00 1.74 ? 2   LYS A CB   1 
ATOM 24   C CG   . LYS A 1 2   ? 11.481  -0.226  -29.714 1.00 2.34 ? 2   LYS A CG   1 
ATOM 25   C CD   . LYS A 1 2   ? 10.998  -0.141  -31.165 1.00 2.73 ? 2   LYS A CD   1 
ATOM 26   C CE   . LYS A 1 2   ? 12.094  -0.660  -32.098 1.00 3.35 ? 2   LYS A CE   1 
ATOM 27   N NZ   . LYS A 1 2   ? 11.833  -2.121  -32.221 1.00 3.90 ? 2   LYS A NZ   1 
ATOM 28   H H    . LYS A 1 2   ? 11.244  -3.535  -28.209 1.00 1.68 ? 2   LYS A H    1 
ATOM 29   H HA   . LYS A 1 2   ? 11.757  -0.774  -27.184 1.00 1.47 ? 2   LYS A HA   1 
ATOM 30   H HB2  . LYS A 1 2   ? 9.943   -1.694  -29.418 1.00 2.07 ? 2   LYS A HB2  1 
ATOM 31   H HB3  . LYS A 1 2   ? 9.664   -0.170  -28.576 1.00 2.00 ? 2   LYS A HB3  1 
ATOM 32   H HG2  . LYS A 1 2   ? 11.670  0.769   -29.339 1.00 2.74 ? 2   LYS A HG2  1 
ATOM 33   H HG3  . LYS A 1 2   ? 12.392  -0.804  -29.674 1.00 2.82 ? 2   LYS A HG3  1 
ATOM 34   H HD2  . LYS A 1 2   ? 10.108  -0.742  -31.282 1.00 2.97 ? 2   LYS A HD2  1 
ATOM 35   H HD3  . LYS A 1 2   ? 10.775  0.886   -31.411 1.00 2.98 ? 2   LYS A HD3  1 
ATOM 36   H HE2  . LYS A 1 2   ? 12.021  -0.179  -33.064 1.00 3.64 ? 2   LYS A HE2  1 
ATOM 37   H HE3  . LYS A 1 2   ? 13.067  -0.494  -31.665 1.00 3.69 ? 2   LYS A HE3  1 
ATOM 38   H HZ1  . LYS A 1 2   ? 10.867  -2.271  -32.579 1.00 4.28 ? 2   LYS A HZ1  1 
ATOM 39   H HZ2  . LYS A 1 2   ? 12.517  -2.541  -32.881 1.00 4.21 ? 2   LYS A HZ2  1 
ATOM 40   H HZ3  . LYS A 1 2   ? 11.932  -2.571  -31.289 1.00 4.11 ? 2   LYS A HZ3  1 
ATOM 41   N N    . CYS A 1 3   ? 9.385   -0.836  -25.953 1.00 1.31 ? 3   CYS A N    1 
ATOM 42   C CA   . CYS A 1 3   ? 8.332   -1.103  -24.930 1.00 1.19 ? 3   CYS A CA   1 
ATOM 43   C C    . CYS A 1 3   ? 7.127   -0.191  -25.163 1.00 1.30 ? 3   CYS A C    1 
ATOM 44   O O    . CYS A 1 3   ? 7.042   0.886   -24.614 1.00 1.47 ? 3   CYS A O    1 
ATOM 45   C CB   . CYS A 1 3   ? 8.988   -0.774  -23.589 1.00 1.03 ? 3   CYS A CB   1 
ATOM 46   S SG   . CYS A 1 3   ? 9.574   -2.298  -22.810 1.00 1.33 ? 3   CYS A SG   1 
ATOM 47   H H    . CYS A 1 3   ? 9.631   0.087   -26.172 1.00 1.48 ? 3   CYS A H    1 
ATOM 48   H HA   . CYS A 1 3   ? 8.034   -2.138  -24.951 1.00 1.20 ? 3   CYS A HA   1 
ATOM 49   H HB2  . CYS A 1 3   ? 9.822   -0.109  -23.750 1.00 1.14 ? 3   CYS A HB2  1 
ATOM 50   H HB3  . CYS A 1 3   ? 8.266   -0.295  -22.944 1.00 1.29 ? 3   CYS A HB3  1 
ATOM 51   N N    . GLN A 1 4   ? 6.190   -0.611  -25.965 1.00 1.41 ? 4   GLN A N    1 
ATOM 52   C CA   . GLN A 1 4   ? 4.996   0.246   -26.209 1.00 1.57 ? 4   GLN A CA   1 
ATOM 53   C C    . GLN A 1 4   ? 4.186   0.356   -24.919 1.00 1.39 ? 4   GLN A C    1 
ATOM 54   O O    . GLN A 1 4   ? 4.458   -0.331  -23.954 1.00 1.19 ? 4   GLN A O    1 
ATOM 55   C CB   . GLN A 1 4   ? 4.188   -0.476  -27.289 1.00 1.81 ? 4   GLN A CB   1 
ATOM 56   C CG   . GLN A 1 4   ? 5.117   -0.969  -28.401 1.00 2.06 ? 4   GLN A CG   1 
ATOM 57   C CD   . GLN A 1 4   ? 4.934   -2.477  -28.587 1.00 2.45 ? 4   GLN A CD   1 
ATOM 58   O OE1  . GLN A 1 4   ? 4.004   -2.913  -29.235 1.00 2.94 ? 4   GLN A OE1  1 
ATOM 59   N NE2  . GLN A 1 4   ? 5.788   -3.300  -28.040 1.00 2.88 ? 4   GLN A NE2  1 
ATOM 60   H H    . GLN A 1 4   ? 6.266   -1.487  -26.394 1.00 1.51 ? 4   GLN A H    1 
ATOM 61   H HA   . GLN A 1 4   ? 5.292   1.223   -26.557 1.00 1.68 ? 4   GLN A HA   1 
ATOM 62   H HB2  . GLN A 1 4   ? 3.680   -1.319  -26.848 1.00 2.04 ? 4   GLN A HB2  1 
ATOM 63   H HB3  . GLN A 1 4   ? 3.460   0.202   -27.708 1.00 2.15 ? 4   GLN A HB3  1 
ATOM 64   H HG2  . GLN A 1 4   ? 4.872   -0.461  -29.324 1.00 2.50 ? 4   GLN A HG2  1 
ATOM 65   H HG3  . GLN A 1 4   ? 6.142   -0.761  -28.138 1.00 2.30 ? 4   GLN A HG3  1 
ATOM 66   H HE21 . GLN A 1 4   ? 6.538   -2.950  -27.516 1.00 3.11 ? 4   GLN A HE21 1 
ATOM 67   H HE22 . GLN A 1 4   ? 5.678   -4.267  -28.152 1.00 3.30 ? 4   GLN A HE22 1 
ATOM 68   N N    . SER A 1 5   ? 3.194   1.206   -24.886 1.00 1.49 ? 5   SER A N    1 
ATOM 69   C CA   . SER A 1 5   ? 2.381   1.332   -23.643 1.00 1.35 ? 5   SER A CA   1 
ATOM 70   C C    . SER A 1 5   ? 2.077   -0.067  -23.096 1.00 1.21 ? 5   SER A C    1 
ATOM 71   O O    . SER A 1 5   ? 1.884   -1.000  -23.849 1.00 1.31 ? 5   SER A O    1 
ATOM 72   C CB   . SER A 1 5   ? 1.104   2.057   -24.067 1.00 1.52 ? 5   SER A CB   1 
ATOM 73   O OG   . SER A 1 5   ? 0.774   3.034   -23.089 1.00 2.07 ? 5   SER A OG   1 
ATOM 74   H H    . SER A 1 5   ? 2.987   1.751   -25.673 1.00 1.67 ? 5   SER A H    1 
ATOM 75   H HA   . SER A 1 5   ? 2.911   1.916   -22.907 1.00 1.27 ? 5   SER A HA   1 
ATOM 76   H HB2  . SER A 1 5   ? 1.263   2.547   -25.014 1.00 1.80 ? 5   SER A HB2  1 
ATOM 77   H HB3  . SER A 1 5   ? 0.299   1.343   -24.164 1.00 1.62 ? 5   SER A HB3  1 
ATOM 78   H HG   . SER A 1 5   ? 0.615   3.865   -23.541 1.00 2.43 ? 5   SER A HG   1 
ATOM 79   N N    . PRO A 1 6   ? 2.081   -0.170  -21.797 1.00 1.01 ? 6   PRO A N    1 
ATOM 80   C CA   . PRO A 1 6   ? 1.844   -1.476  -21.124 1.00 0.90 ? 6   PRO A CA   1 
ATOM 81   C C    . PRO A 1 6   ? 0.402   -1.957  -21.293 1.00 1.01 ? 6   PRO A C    1 
ATOM 82   O O    . PRO A 1 6   ? -0.493  -1.182  -21.546 1.00 1.11 ? 6   PRO A O    1 
ATOM 83   C CB   . PRO A 1 6   ? 2.139   -1.173  -19.659 1.00 0.68 ? 6   PRO A CB   1 
ATOM 84   C CG   . PRO A 1 6   ? 1.908   0.292   -19.517 1.00 0.74 ? 6   PRO A CG   1 
ATOM 85   C CD   . PRO A 1 6   ? 2.302   0.913   -20.831 1.00 0.93 ? 6   PRO A CD   1 
ATOM 86   H HA   . PRO A 1 6   ? 2.535   -2.220  -21.485 1.00 0.93 ? 6   PRO A HA   1 
ATOM 87   H HB2  . PRO A 1 6   ? 1.471   -1.729  -19.016 1.00 0.63 ? 6   PRO A HB2  1 
ATOM 88   H HB3  . PRO A 1 6   ? 3.161   -1.402  -19.434 1.00 0.62 ? 6   PRO A HB3  1 
ATOM 89   H HG2  . PRO A 1 6   ? 0.867   0.478   -19.308 1.00 0.76 ? 6   PRO A HG2  1 
ATOM 90   H HG3  . PRO A 1 6   ? 2.519   0.693   -18.725 1.00 0.67 ? 6   PRO A HG3  1 
ATOM 91   H HD2  . PRO A 1 6   ? 1.674   1.763   -21.056 1.00 1.06 ? 6   PRO A HD2  1 
ATOM 92   H HD3  . PRO A 1 6   ? 3.342   1.196   -20.823 1.00 0.93 ? 6   PRO A HD3  1 
ATOM 93   N N    . PRO A 1 7   ? 0.232   -3.240  -21.130 1.00 1.05 ? 7   PRO A N    1 
ATOM 94   C CA   . PRO A 1 7   ? -1.112  -3.853  -21.244 1.00 1.19 ? 7   PRO A CA   1 
ATOM 95   C C    . PRO A 1 7   ? -1.918  -3.577  -19.973 1.00 1.05 ? 7   PRO A C    1 
ATOM 96   O O    . PRO A 1 7   ? -1.407  -3.045  -19.007 1.00 0.86 ? 7   PRO A O    1 
ATOM 97   C CB   . PRO A 1 7   ? -0.813  -5.343  -21.378 1.00 1.31 ? 7   PRO A CB   1 
ATOM 98   C CG   . PRO A 1 7   ? 0.522   -5.535  -20.728 1.00 1.18 ? 7   PRO A CG   1 
ATOM 99   C CD   . PRO A 1 7   ? 1.271   -4.230  -20.831 1.00 1.02 ? 7   PRO A CD   1 
ATOM 100  H HA   . PRO A 1 7   ? -1.631  -3.494  -22.117 1.00 1.35 ? 7   PRO A HA   1 
ATOM 101  H HB2  . PRO A 1 7   ? -1.570  -5.923  -20.866 1.00 1.35 ? 7   PRO A HB2  1 
ATOM 102  H HB3  . PRO A 1 7   ? -0.761  -5.623  -22.418 1.00 1.49 ? 7   PRO A HB3  1 
ATOM 103  H HG2  . PRO A 1 7   ? 0.388   -5.802  -19.689 1.00 1.09 ? 7   PRO A HG2  1 
ATOM 104  H HG3  . PRO A 1 7   ? 1.072   -6.311  -21.238 1.00 1.33 ? 7   PRO A HG3  1 
ATOM 105  H HD2  . PRO A 1 7   ? 1.759   -4.000  -19.895 1.00 0.86 ? 7   PRO A HD2  1 
ATOM 106  H HD3  . PRO A 1 7   ? 1.988   -4.269  -21.635 1.00 1.12 ? 7   PRO A HD3  1 
ATOM 107  N N    . SER A 1 8   ? -3.171  -3.936  -19.961 1.00 1.17 ? 8   SER A N    1 
ATOM 108  C CA   . SER A 1 8   ? -4.000  -3.694  -18.746 1.00 1.08 ? 8   SER A CA   1 
ATOM 109  C C    . SER A 1 8   ? -3.572  -4.636  -17.619 1.00 1.03 ? 8   SER A C    1 
ATOM 110  O O    . SER A 1 8   ? -2.721  -5.484  -17.794 1.00 1.40 ? 8   SER A O    1 
ATOM 111  C CB   . SER A 1 8   ? -5.435  -3.991  -19.178 1.00 1.32 ? 8   SER A CB   1 
ATOM 112  O OG   . SER A 1 8   ? -5.527  -5.347  -19.596 1.00 1.65 ? 8   SER A OG   1 
ATOM 113  H H    . SER A 1 8   ? -3.564  -4.366  -20.749 1.00 1.34 ? 8   SER A H    1 
ATOM 114  H HA   . SER A 1 8   ? -3.917  -2.668  -18.428 1.00 0.98 ? 8   SER A HA   1 
ATOM 115  H HB2  . SER A 1 8   ? -6.102  -3.828  -18.350 1.00 1.40 ? 8   SER A HB2  1 
ATOM 116  H HB3  . SER A 1 8   ? -5.706  -3.333  -19.992 1.00 1.48 ? 8   SER A HB3  1 
ATOM 117  H HG   . SER A 1 8   ? -5.876  -5.859  -18.862 1.00 2.08 ? 8   SER A HG   1 
ATOM 118  N N    . ILE A 1 9   ? -4.158  -4.492  -16.463 1.00 0.98 ? 9   ILE A N    1 
ATOM 119  C CA   . ILE A 1 9   ? -3.785  -5.382  -15.323 1.00 0.98 ? 9   ILE A CA   1 
ATOM 120  C C    . ILE A 1 9   ? -4.979  -5.677  -14.438 1.00 1.12 ? 9   ILE A C    1 
ATOM 121  O O    . ILE A 1 9   ? -6.114  -5.391  -14.765 1.00 1.22 ? 9   ILE A O    1 
ATOM 122  C CB   . ILE A 1 9   ? -2.722  -4.646  -14.501 1.00 0.80 ? 9   ILE A CB   1 
ATOM 123  C CG1  . ILE A 1 9   ? -2.895  -3.123  -14.593 1.00 0.64 ? 9   ILE A CG1  1 
ATOM 124  C CG2  . ILE A 1 9   ? -1.345  -5.050  -15.002 1.00 1.02 ? 9   ILE A CG2  1 
ATOM 125  C CD1  . ILE A 1 9   ? -3.015  -2.552  -13.179 1.00 0.60 ? 9   ILE A CD1  1 
ATOM 126  H H    . ILE A 1 9   ? -4.843  -3.803  -16.345 1.00 1.23 ? 9   ILE A H    1 
ATOM 127  H HA   . ILE A 1 9   ? -3.372  -6.306  -15.689 1.00 1.11 ? 9   ILE A HA   1 
ATOM 128  H HB   . ILE A 1 9   ? -2.811  -4.947  -13.468 1.00 0.95 ? 9   ILE A HB   1 
ATOM 129  H HG12 . ILE A 1 9   ? -2.037  -2.692  -15.087 1.00 0.79 ? 9   ILE A HG12 1 
ATOM 130  H HG13 . ILE A 1 9   ? -3.787  -2.885  -15.146 1.00 0.82 ? 9   ILE A HG13 1 
ATOM 131  H HG21 . ILE A 1 9   ? -1.337  -6.115  -15.191 1.00 1.52 ? 9   ILE A HG21 1 
ATOM 132  H HG22 . ILE A 1 9   ? -1.124  -4.518  -15.912 1.00 1.50 ? 9   ILE A HG22 1 
ATOM 133  H HG23 . ILE A 1 9   ? -0.609  -4.813  -14.250 1.00 1.44 ? 9   ILE A HG23 1 
ATOM 134  H HD11 . ILE A 1 9   ? -3.642  -3.201  -12.582 1.00 1.13 ? 9   ILE A HD11 1 
ATOM 135  H HD12 . ILE A 1 9   ? -2.035  -2.488  -12.730 1.00 1.18 ? 9   ILE A HD12 1 
ATOM 136  H HD13 . ILE A 1 9   ? -3.457  -1.569  -13.223 1.00 1.25 ? 9   ILE A HD13 1 
ATOM 137  N N    . SER A 1 10  ? -4.710  -6.269  -13.316 1.00 1.21 ? 10  SER A N    1 
ATOM 138  C CA   . SER A 1 10  ? -5.792  -6.626  -12.371 1.00 1.42 ? 10  SER A CA   1 
ATOM 139  C C    . SER A 1 10  ? -6.853  -5.522  -12.310 1.00 1.23 ? 10  SER A C    1 
ATOM 140  O O    . SER A 1 10  ? -6.748  -4.590  -11.539 1.00 1.27 ? 10  SER A O    1 
ATOM 141  C CB   . SER A 1 10  ? -5.101  -6.784  -11.018 1.00 1.73 ? 10  SER A CB   1 
ATOM 142  O OG   . SER A 1 10  ? -4.098  -7.787  -11.117 1.00 2.28 ? 10  SER A OG   1 
ATOM 143  H H    . SER A 1 10  ? -3.781  -6.492  -13.103 1.00 1.18 ? 10  SER A H    1 
ATOM 144  H HA   . SER A 1 10  ? -6.230  -7.556  -12.666 1.00 1.61 ? 10  SER A HA   1 
ATOM 145  H HB2  . SER A 1 10  ? -4.644  -5.852  -10.733 1.00 1.89 ? 10  SER A HB2  1 
ATOM 146  H HB3  . SER A 1 10  ? -5.833  -7.066  -10.272 1.00 2.15 ? 10  SER A HB3  1 
ATOM 147  H HG   . SER A 1 10  ? -4.492  -8.626  -10.868 1.00 2.53 ? 10  SER A HG   1 
ATOM 148  N N    . ASN A 1 11  ? -7.878  -5.623  -13.112 1.00 1.21 ? 11  ASN A N    1 
ATOM 149  C CA   . ASN A 1 11  ? -8.948  -4.583  -13.094 1.00 1.20 ? 11  ASN A CA   1 
ATOM 150  C C    . ASN A 1 11  ? -8.335  -3.183  -12.999 1.00 1.02 ? 11  ASN A C    1 
ATOM 151  O O    . ASN A 1 11  ? -8.955  -2.258  -12.514 1.00 1.12 ? 11  ASN A O    1 
ATOM 152  C CB   . ASN A 1 11  ? -9.774  -4.885  -11.845 1.00 1.43 ? 11  ASN A CB   1 
ATOM 153  C CG   . ASN A 1 11  ? -11.104 -5.522  -12.252 1.00 1.95 ? 11  ASN A CG   1 
ATOM 154  O OD1  . ASN A 1 11  ? -11.138 -6.647  -12.709 1.00 2.63 ? 11  ASN A OD1  1 
ATOM 155  N ND2  . ASN A 1 11  ? -12.210 -4.845  -12.103 1.00 2.24 ? 11  ASN A ND2  1 
ATOM 156  H H    . ASN A 1 11  ? -7.947  -6.386  -13.723 1.00 1.33 ? 11  ASN A H    1 
ATOM 157  H HA   . ASN A 1 11  ? -9.567  -4.664  -13.973 1.00 1.30 ? 11  ASN A HA   1 
ATOM 158  H HB2  . ASN A 1 11  ? -9.226  -5.566  -11.207 1.00 1.50 ? 11  ASN A HB2  1 
ATOM 159  H HB3  . ASN A 1 11  ? -9.965  -3.967  -11.310 1.00 1.44 ? 11  ASN A HB3  1 
ATOM 160  H HD21 . ASN A 1 11  ? -12.183 -3.937  -11.735 1.00 2.47 ? 11  ASN A HD21 1 
ATOM 161  H HD22 . ASN A 1 11  ? -13.067 -5.243  -12.361 1.00 2.61 ? 11  ASN A HD22 1 
ATOM 162  N N    . GLY A 1 12  ? -7.125  -3.018  -13.458 1.00 0.84 ? 12  GLY A N    1 
ATOM 163  C CA   . GLY A 1 12  ? -6.485  -1.674  -13.388 1.00 0.72 ? 12  GLY A CA   1 
ATOM 164  C C    . GLY A 1 12  ? -6.030  -1.249  -14.784 1.00 0.71 ? 12  GLY A C    1 
ATOM 165  O O    . GLY A 1 12  ? -5.874  -2.063  -15.673 1.00 0.88 ? 12  GLY A O    1 
ATOM 166  H H    . GLY A 1 12  ? -6.639  -3.773  -13.847 1.00 0.85 ? 12  GLY A H    1 
ATOM 167  H HA2  . GLY A 1 12  ? -7.199  -0.957  -13.007 1.00 0.77 ? 12  GLY A HA2  1 
ATOM 168  H HA3  . GLY A 1 12  ? -5.631  -1.713  -12.730 1.00 0.68 ? 12  GLY A HA3  1 
ATOM 169  N N    . ARG A 1 13  ? -5.818  0.021   -14.983 1.00 0.71 ? 13  ARG A N    1 
ATOM 170  C CA   . ARG A 1 13  ? -5.375  0.507   -16.321 1.00 0.79 ? 13  ARG A CA   1 
ATOM 171  C C    . ARG A 1 13  ? -3.921  0.949   -16.272 1.00 0.69 ? 13  ARG A C    1 
ATOM 172  O O    . ARG A 1 13  ? -3.209  0.710   -15.319 1.00 0.60 ? 13  ARG A O    1 
ATOM 173  C CB   . ARG A 1 13  ? -6.280  1.698   -16.629 1.00 1.02 ? 13  ARG A CB   1 
ATOM 174  C CG   . ARG A 1 13  ? -7.410  1.252   -17.555 1.00 1.52 ? 13  ARG A CG   1 
ATOM 175  C CD   . ARG A 1 13  ? -8.655  0.938   -16.723 1.00 1.90 ? 13  ARG A CD   1 
ATOM 176  N NE   . ARG A 1 13  ? -9.775  0.890   -17.705 1.00 2.27 ? 13  ARG A NE   1 
ATOM 177  C CZ   . ARG A 1 13  ? -9.763  0.009   -18.668 1.00 2.76 ? 13  ARG A CZ   1 
ATOM 178  N NH1  . ARG A 1 13  ? -10.253 -1.184  -18.466 1.00 3.19 ? 13  ARG A NH1  1 
ATOM 179  N NH2  . ARG A 1 13  ? -9.263  0.321   -19.832 1.00 3.36 ? 13  ARG A NH2  1 
ATOM 180  H H    . ARG A 1 13  ? -5.952  0.659   -14.251 1.00 0.78 ? 13  ARG A H    1 
ATOM 181  H HA   . ARG A 1 13  ? -5.505  -0.253  -17.072 1.00 0.86 ? 13  ARG A HA   1 
ATOM 182  H HB2  . ARG A 1 13  ? -6.696  2.081   -15.709 1.00 1.49 ? 13  ARG A HB2  1 
ATOM 183  H HB3  . ARG A 1 13  ? -5.704  2.473   -17.113 1.00 1.59 ? 13  ARG A HB3  1 
ATOM 184  H HG2  . ARG A 1 13  ? -7.632  2.043   -18.256 1.00 2.13 ? 13  ARG A HG2  1 
ATOM 185  H HG3  . ARG A 1 13  ? -7.105  0.367   -18.093 1.00 2.07 ? 13  ARG A HG3  1 
ATOM 186  H HD2  . ARG A 1 13  ? -8.543  -0.018  -16.229 1.00 2.36 ? 13  ARG A HD2  1 
ATOM 187  H HD3  . ARG A 1 13  ? -8.831  1.720   -16.000 1.00 2.28 ? 13  ARG A HD3  1 
ATOM 188  H HE   . ARG A 1 13  ? -10.520 1.521   -17.628 1.00 2.61 ? 13  ARG A HE   1 
ATOM 189  H HH11 . ARG A 1 13  ? -10.638 -1.423  -17.574 1.00 3.29 ? 13  ARG A HH11 1 
ATOM 190  H HH12 . ARG A 1 13  ? -10.246 -1.859  -19.204 1.00 3.75 ? 13  ARG A HH12 1 
ATOM 191  H HH21 . ARG A 1 13  ? -8.889  1.235   -19.987 1.00 3.60 ? 13  ARG A HH21 1 
ATOM 192  H HH22 . ARG A 1 13  ? -9.255  -0.354  -20.570 1.00 3.87 ? 13  ARG A HH22 1 
ATOM 193  N N    . HIS A 1 14  ? -3.483  1.592   -17.307 1.00 0.81 ? 14  HIS A N    1 
ATOM 194  C CA   . HIS A 1 14  ? -2.074  2.067   -17.359 1.00 0.78 ? 14  HIS A CA   1 
ATOM 195  C C    . HIS A 1 14  ? -1.984  3.326   -18.228 1.00 1.04 ? 14  HIS A C    1 
ATOM 196  O O    . HIS A 1 14  ? -2.301  3.307   -19.400 1.00 1.35 ? 14  HIS A O    1 
ATOM 197  C CB   . HIS A 1 14  ? -1.295  0.909   -17.979 1.00 0.81 ? 14  HIS A CB   1 
ATOM 198  C CG   . HIS A 1 14  ? -1.525  0.875   -19.463 1.00 0.89 ? 14  HIS A CG   1 
ATOM 199  N ND1  . HIS A 1 14  ? -0.666  1.500   -20.348 1.00 1.01 ? 14  HIS A ND1  1 
ATOM 200  C CD2  . HIS A 1 14  ? -2.488  0.274   -20.233 1.00 1.05 ? 14  HIS A CD2  1 
ATOM 201  C CE1  . HIS A 1 14  ? -1.114  1.260   -21.588 1.00 1.21 ? 14  HIS A CE1  1 
ATOM 202  N NE2  . HIS A 1 14  ? -2.227  0.520   -21.579 1.00 1.26 ? 14  HIS A NE2  1 
ATOM 203  H H    . HIS A 1 14  ? -4.088  1.760   -18.059 1.00 0.99 ? 14  HIS A H    1 
ATOM 204  H HA   . HIS A 1 14  ? -1.705  2.266   -16.366 1.00 0.74 ? 14  HIS A HA   1 
ATOM 205  H HB2  . HIS A 1 14  ? -0.242  1.041   -17.781 1.00 0.95 ? 14  HIS A HB2  1 
ATOM 206  H HB3  . HIS A 1 14  ? -1.628  -0.021  -17.542 1.00 0.97 ? 14  HIS A HB3  1 
ATOM 207  H HD1  . HIS A 1 14  ? 0.121   2.031   -20.110 1.00 1.03 ? 14  HIS A HD1  1 
ATOM 208  H HD2  . HIS A 1 14  ? -3.325  -0.295  -19.853 1.00 1.08 ? 14  HIS A HD2  1 
ATOM 209  H HE1  . HIS A 1 14  ? -0.604  1.581   -22.481 1.00 1.38 ? 14  HIS A HE1  1 
ATOM 210  N N    . ASN A 1 15  ? -1.563  4.423   -17.664 1.00 1.27 ? 15  ASN A N    1 
ATOM 211  C CA   . ASN A 1 15  ? -1.466  5.673   -18.468 1.00 1.57 ? 15  ASN A CA   1 
ATOM 212  C C    . ASN A 1 15  ? -0.410  6.610   -17.878 1.00 1.64 ? 15  ASN A C    1 
ATOM 213  O O    . ASN A 1 15  ? -0.663  7.326   -16.929 1.00 2.22 ? 15  ASN A O    1 
ATOM 214  C CB   . ASN A 1 15  ? -2.855  6.306   -18.381 1.00 2.35 ? 15  ASN A CB   1 
ATOM 215  C CG   . ASN A 1 15  ? -3.612  6.059   -19.687 1.00 2.94 ? 15  ASN A CG   1 
ATOM 216  O OD1  . ASN A 1 15  ? -3.585  6.880   -20.583 1.00 3.32 ? 15  ASN A OD1  1 
ATOM 217  N ND2  . ASN A 1 15  ? -4.292  4.955   -19.834 1.00 3.59 ? 15  ASN A ND2  1 
ATOM 218  H H    . ASN A 1 15  ? -1.317  4.426   -16.715 1.00 1.43 ? 15  ASN A H    1 
ATOM 219  H HA   . ASN A 1 15  ? -1.233  5.442   -19.495 1.00 1.83 ? 15  ASN A HA   1 
ATOM 220  H HB2  . ASN A 1 15  ? -3.400  5.865   -17.558 1.00 2.77 ? 15  ASN A HB2  1 
ATOM 221  H HB3  . ASN A 1 15  ? -2.756  7.369   -18.219 1.00 2.60 ? 15  ASN A HB3  1 
ATOM 222  H HD21 . ASN A 1 15  ? -4.316  4.294   -19.111 1.00 3.79 ? 15  ASN A HD21 1 
ATOM 223  H HD22 . ASN A 1 15  ? -4.780  4.788   -20.668 1.00 4.15 ? 15  ASN A HD22 1 
ATOM 224  N N    . GLY A 1 16  ? 0.768   6.616   -18.436 1.00 1.93 ? 16  GLY A N    1 
ATOM 225  C CA   . GLY A 1 16  ? 1.836   7.512   -17.914 1.00 2.56 ? 16  GLY A CA   1 
ATOM 226  C C    . GLY A 1 16  ? 1.820   8.822   -18.701 1.00 2.62 ? 16  GLY A C    1 
ATOM 227  O O    . GLY A 1 16  ? 1.490   9.868   -18.179 1.00 3.22 ? 16  GLY A O    1 
ATOM 228  H H    . GLY A 1 16  ? 0.948   6.034   -19.204 1.00 2.21 ? 16  GLY A H    1 
ATOM 229  H HA2  . GLY A 1 16  ? 1.656   7.715   -16.867 1.00 3.06 ? 16  GLY A HA2  1 
ATOM 230  H HA3  . GLY A 1 16  ? 2.798   7.036   -18.031 1.00 2.82 ? 16  GLY A HA3  1 
ATOM 231  N N    . TYR A 1 17  ? 2.172   8.772   -19.958 1.00 2.42 ? 17  TYR A N    1 
ATOM 232  C CA   . TYR A 1 17  ? 2.175   10.013  -20.788 1.00 2.67 ? 17  TYR A CA   1 
ATOM 233  C C    . TYR A 1 17  ? 2.910   9.764   -22.108 1.00 2.49 ? 17  TYR A C    1 
ATOM 234  O O    . TYR A 1 17  ? 3.604   10.627  -22.610 1.00 2.68 ? 17  TYR A O    1 
ATOM 235  C CB   . TYR A 1 17  ? 2.923   11.056  -19.954 1.00 3.05 ? 17  TYR A CB   1 
ATOM 236  C CG   . TYR A 1 17  ? 1.950   12.098  -19.456 1.00 3.59 ? 17  TYR A CG   1 
ATOM 237  C CD1  . TYR A 1 17  ? 0.966   12.606  -20.314 1.00 4.11 ? 17  TYR A CD1  1 
ATOM 238  C CD2  . TYR A 1 17  ? 2.030   12.557  -18.135 1.00 4.08 ? 17  TYR A CD2  1 
ATOM 239  C CE1  . TYR A 1 17  ? 0.065   13.573  -19.852 1.00 4.89 ? 17  TYR A CE1  1 
ATOM 240  C CE2  . TYR A 1 17  ? 1.129   13.524  -17.673 1.00 4.84 ? 17  TYR A CE2  1 
ATOM 241  C CZ   . TYR A 1 17  ? 0.146   14.031  -18.532 1.00 5.16 ? 17  TYR A CZ   1 
ATOM 242  O OH   . TYR A 1 17  ? -0.742  14.985  -18.077 1.00 6.07 ? 17  TYR A OH   1 
ATOM 243  H H    . TYR A 1 17  ? 2.431   7.916   -20.358 1.00 2.45 ? 17  TYR A H    1 
ATOM 244  H HA   . TYR A 1 17  ? 1.165   10.344  -20.974 1.00 2.87 ? 17  TYR A HA   1 
ATOM 245  H HB2  . TYR A 1 17  ? 3.394   10.572  -19.111 1.00 3.28 ? 17  TYR A HB2  1 
ATOM 246  H HB3  . TYR A 1 17  ? 3.675   11.532  -20.564 1.00 3.05 ? 17  TYR A HB3  1 
ATOM 247  H HD1  . TYR A 1 17  ? 0.904   12.251  -21.333 1.00 4.21 ? 17  TYR A HD1  1 
ATOM 248  H HD2  . TYR A 1 17  ? 2.789   12.166  -17.473 1.00 4.16 ? 17  TYR A HD2  1 
ATOM 249  H HE1  . TYR A 1 17  ? -0.692  13.965  -20.514 1.00 5.49 ? 17  TYR A HE1  1 
ATOM 250  H HE2  . TYR A 1 17  ? 1.192   13.878  -16.655 1.00 5.41 ? 17  TYR A HE2  1 
ATOM 251  H HH   . TYR A 1 17  ? -1.625  14.726  -18.355 1.00 6.27 ? 17  TYR A HH   1 
ATOM 252  N N    . GLU A 1 18  ? 2.771   8.596   -22.677 1.00 2.25 ? 18  GLU A N    1 
ATOM 253  C CA   . GLU A 1 18  ? 3.474   8.315   -23.962 1.00 2.24 ? 18  GLU A CA   1 
ATOM 254  C C    . GLU A 1 18  ? 3.008   6.982   -24.551 1.00 2.16 ? 18  GLU A C    1 
ATOM 255  O O    . GLU A 1 18  ? 2.162   6.308   -23.999 1.00 2.29 ? 18  GLU A O    1 
ATOM 256  C CB   . GLU A 1 18  ? 4.958   8.247   -23.600 1.00 2.31 ? 18  GLU A CB   1 
ATOM 257  C CG   . GLU A 1 18  ? 5.145   7.457   -22.300 1.00 2.28 ? 18  GLU A CG   1 
ATOM 258  C CD   . GLU A 1 18  ? 5.754   8.369   -21.232 1.00 3.09 ? 18  GLU A CD   1 
ATOM 259  O OE1  . GLU A 1 18  ? 5.075   9.292   -20.811 1.00 3.68 ? 18  GLU A OE1  1 
ATOM 260  O OE2  . GLU A 1 18  ? 6.888   8.130   -20.854 1.00 3.63 ? 18  GLU A OE2  1 
ATOM 261  H H    . GLU A 1 18  ? 2.209   7.907   -22.262 1.00 2.16 ? 18  GLU A H    1 
ATOM 262  H HA   . GLU A 1 18  ? 3.304   9.115   -24.664 1.00 2.43 ? 18  GLU A HA   1 
ATOM 263  H HB2  . GLU A 1 18  ? 5.500   7.760   -24.397 1.00 2.55 ? 18  GLU A HB2  1 
ATOM 264  H HB3  . GLU A 1 18  ? 5.341   9.248   -23.468 1.00 2.48 ? 18  GLU A HB3  1 
ATOM 265  H HG2  . GLU A 1 18  ? 4.188   7.089   -21.958 1.00 2.29 ? 18  GLU A HG2  1 
ATOM 266  H HG3  . GLU A 1 18  ? 5.808   6.623   -22.476 1.00 2.39 ? 18  GLU A HG3  1 
ATOM 267  N N    . ASP A 1 19  ? 3.557   6.601   -25.670 1.00 2.22 ? 19  ASP A N    1 
ATOM 268  C CA   . ASP A 1 19  ? 3.153   5.311   -26.302 1.00 2.21 ? 19  ASP A CA   1 
ATOM 269  C C    . ASP A 1 19  ? 4.336   4.339   -26.319 1.00 2.09 ? 19  ASP A C    1 
ATOM 270  O O    . ASP A 1 19  ? 4.168   3.140   -26.214 1.00 2.15 ? 19  ASP A O    1 
ATOM 271  C CB   . ASP A 1 19  ? 2.741   5.680   -27.728 1.00 2.50 ? 19  ASP A CB   1 
ATOM 272  C CG   . ASP A 1 19  ? 1.617   6.716   -27.686 1.00 2.86 ? 19  ASP A CG   1 
ATOM 273  O OD1  . ASP A 1 19  ? 1.026   6.879   -26.631 1.00 3.31 ? 19  ASP A OD1  1 
ATOM 274  O OD2  . ASP A 1 19  ? 1.365   7.330   -28.711 1.00 3.26 ? 19  ASP A OD2  1 
ATOM 275  H H    . ASP A 1 19  ? 4.239   7.163   -26.096 1.00 2.42 ? 19  ASP A H    1 
ATOM 276  H HA   . ASP A 1 19  ? 2.317   4.880   -25.777 1.00 2.21 ? 19  ASP A HA   1 
ATOM 277  H HB2  . ASP A 1 19  ? 3.591   6.090   -28.254 1.00 2.63 ? 19  ASP A HB2  1 
ATOM 278  H HB3  . ASP A 1 19  ? 2.393   4.795   -28.241 1.00 2.80 ? 19  ASP A HB3  1 
ATOM 279  N N    . PHE A 1 20  ? 5.531   4.846   -26.450 1.00 2.09 ? 20  PHE A N    1 
ATOM 280  C CA   . PHE A 1 20  ? 6.723   3.951   -26.472 1.00 2.04 ? 20  PHE A CA   1 
ATOM 281  C C    . PHE A 1 20  ? 7.546   4.142   -25.193 1.00 1.89 ? 20  PHE A C    1 
ATOM 282  O O    . PHE A 1 20  ? 7.716   5.246   -24.713 1.00 2.33 ? 20  PHE A O    1 
ATOM 283  C CB   . PHE A 1 20  ? 7.527   4.395   -27.698 1.00 2.40 ? 20  PHE A CB   1 
ATOM 284  C CG   . PHE A 1 20  ? 7.078   3.611   -28.908 1.00 2.37 ? 20  PHE A CG   1 
ATOM 285  C CD1  . PHE A 1 20  ? 5.818   3.851   -29.469 1.00 2.98 ? 20  PHE A CD1  1 
ATOM 286  C CD2  . PHE A 1 20  ? 7.923   2.647   -29.472 1.00 2.61 ? 20  PHE A CD2  1 
ATOM 287  C CE1  . PHE A 1 20  ? 5.401   3.128   -30.592 1.00 3.52 ? 20  PHE A CE1  1 
ATOM 288  C CE2  . PHE A 1 20  ? 7.507   1.922   -30.596 1.00 3.23 ? 20  PHE A CE2  1 
ATOM 289  C CZ   . PHE A 1 20  ? 6.245   2.162   -31.155 1.00 3.57 ? 20  PHE A CZ   1 
ATOM 290  H H    . PHE A 1 20  ? 5.646   5.816   -26.532 1.00 2.23 ? 20  PHE A H    1 
ATOM 291  H HA   . PHE A 1 20  ? 6.421   2.920   -26.581 1.00 1.98 ? 20  PHE A HA   1 
ATOM 292  H HB2  . PHE A 1 20  ? 7.366   5.448   -27.870 1.00 2.82 ? 20  PHE A HB2  1 
ATOM 293  H HB3  . PHE A 1 20  ? 8.578   4.215   -27.523 1.00 2.81 ? 20  PHE A HB3  1 
ATOM 294  H HD1  . PHE A 1 20  ? 5.167   4.596   -29.034 1.00 3.46 ? 20  PHE A HD1  1 
ATOM 295  H HD2  . PHE A 1 20  ? 8.895   2.461   -29.040 1.00 2.87 ? 20  PHE A HD2  1 
ATOM 296  H HE1  . PHE A 1 20  ? 4.429   3.312   -31.024 1.00 4.25 ? 20  PHE A HE1  1 
ATOM 297  H HE2  . PHE A 1 20  ? 8.157   1.179   -31.030 1.00 3.83 ? 20  PHE A HE2  1 
ATOM 298  H HZ   . PHE A 1 20  ? 5.925   1.604   -32.023 1.00 4.24 ? 20  PHE A HZ   1 
ATOM 299  N N    . TYR A 1 21  ? 8.052   3.076   -24.636 1.00 1.57 ? 21  TYR A N    1 
ATOM 300  C CA   . TYR A 1 21  ? 8.857   3.196   -23.386 1.00 1.43 ? 21  TYR A CA   1 
ATOM 301  C C    . TYR A 1 21  ? 10.213  2.503   -23.548 1.00 1.51 ? 21  TYR A C    1 
ATOM 302  O O    . TYR A 1 21  ? 11.078  2.598   -22.701 1.00 2.28 ? 21  TYR A O    1 
ATOM 303  C CB   . TYR A 1 21  ? 8.026   2.503   -22.317 1.00 1.19 ? 21  TYR A CB   1 
ATOM 304  C CG   . TYR A 1 21  ? 7.325   3.555   -21.486 1.00 1.22 ? 21  TYR A CG   1 
ATOM 305  C CD1  . TYR A 1 21  ? 8.028   4.688   -21.055 1.00 1.56 ? 21  TYR A CD1  1 
ATOM 306  C CD2  . TYR A 1 21  ? 5.973   3.407   -21.156 1.00 1.90 ? 21  TYR A CD2  1 
ATOM 307  C CE1  . TYR A 1 21  ? 7.382   5.666   -20.291 1.00 1.60 ? 21  TYR A CE1  1 
ATOM 308  C CE2  . TYR A 1 21  ? 5.328   4.385   -20.391 1.00 1.95 ? 21  TYR A CE2  1 
ATOM 309  C CZ   . TYR A 1 21  ? 6.032   5.514   -19.958 1.00 1.36 ? 21  TYR A CZ   1 
ATOM 310  O OH   . TYR A 1 21  ? 5.395   6.477   -19.204 1.00 1.45 ? 21  TYR A OH   1 
ATOM 311  H H    . TYR A 1 21  ? 7.898   2.195   -25.037 1.00 1.70 ? 21  TYR A H    1 
ATOM 312  H HA   . TYR A 1 21  ? 8.992   4.230   -23.121 1.00 1.52 ? 21  TYR A HA   1 
ATOM 313  H HB2  . TYR A 1 21  ? 7.292   1.864   -22.787 1.00 1.14 ? 21  TYR A HB2  1 
ATOM 314  H HB3  . TYR A 1 21  ? 8.675   1.912   -21.691 1.00 1.11 ? 21  TYR A HB3  1 
ATOM 315  H HD1  . TYR A 1 21  ? 9.067   4.810   -21.318 1.00 2.25 ? 21  TYR A HD1  1 
ATOM 316  H HD2  . TYR A 1 21  ? 5.429   2.538   -21.487 1.00 2.66 ? 21  TYR A HD2  1 
ATOM 317  H HE1  . TYR A 1 21  ? 7.927   6.536   -19.956 1.00 2.29 ? 21  TYR A HE1  1 
ATOM 318  H HE2  . TYR A 1 21  ? 4.286   4.270   -20.138 1.00 2.74 ? 21  TYR A HE2  1 
ATOM 319  H HH   . TYR A 1 21  ? 5.931   6.649   -18.427 1.00 1.81 ? 21  TYR A HH   1 
ATOM 320  N N    . THR A 1 22  ? 10.398  1.810   -24.634 1.00 1.32 ? 22  THR A N    1 
ATOM 321  C CA   . THR A 1 22  ? 11.691  1.106   -24.879 1.00 1.29 ? 22  THR A CA   1 
ATOM 322  C C    . THR A 1 22  ? 12.169  0.336   -23.642 1.00 1.18 ? 22  THR A C    1 
ATOM 323  O O    . THR A 1 22  ? 11.766  -0.785  -23.409 1.00 1.42 ? 22  THR A O    1 
ATOM 324  C CB   . THR A 1 22  ? 12.686  2.207   -25.254 1.00 1.43 ? 22  THR A CB   1 
ATOM 325  O OG1  . THR A 1 22  ? 12.734  3.177   -24.216 1.00 1.81 ? 22  THR A OG1  1 
ATOM 326  C CG2  . THR A 1 22  ? 12.244  2.874   -26.558 1.00 1.78 ? 22  THR A CG2  1 
ATOM 327  H H    . THR A 1 22  ? 9.683   1.754   -25.301 1.00 1.75 ? 22  THR A H    1 
ATOM 328  H HA   . THR A 1 22  ? 11.580  0.427   -25.700 1.00 1.34 ? 22  THR A HA   1 
ATOM 329  H HB   . THR A 1 22  ? 13.665  1.776   -25.391 1.00 1.46 ? 22  THR A HB   1 
ATOM 330  H HG1  . THR A 1 22  ? 13.235  3.930   -24.538 1.00 2.08 ? 22  THR A HG1  1 
ATOM 331  H HG21 . THR A 1 22  ? 11.993  2.116   -27.284 1.00 2.12 ? 22  THR A HG21 1 
ATOM 332  H HG22 . THR A 1 22  ? 11.380  3.494   -26.370 1.00 2.20 ? 22  THR A HG22 1 
ATOM 333  H HG23 . THR A 1 22  ? 13.049  3.485   -26.940 1.00 2.19 ? 22  THR A HG23 1 
ATOM 334  N N    . ASP A 1 23  ? 13.044  0.908   -22.864 1.00 1.17 ? 23  ASP A N    1 
ATOM 335  C CA   . ASP A 1 23  ? 13.556  0.177   -21.670 1.00 1.10 ? 23  ASP A CA   1 
ATOM 336  C C    . ASP A 1 23  ? 13.914  1.160   -20.555 1.00 1.19 ? 23  ASP A C    1 
ATOM 337  O O    . ASP A 1 23  ? 14.091  2.339   -20.785 1.00 1.36 ? 23  ASP A O    1 
ATOM 338  C CB   . ASP A 1 23  ? 14.801  -0.549  -22.177 1.00 1.17 ? 23  ASP A CB   1 
ATOM 339  C CG   . ASP A 1 23  ? 15.665  -0.988  -20.991 1.00 1.29 ? 23  ASP A CG   1 
ATOM 340  O OD1  . ASP A 1 23  ? 16.132  -0.121  -20.272 1.00 1.61 ? 23  ASP A OD1  1 
ATOM 341  O OD2  . ASP A 1 23  ? 15.843  -2.184  -20.825 1.00 1.83 ? 23  ASP A OD2  1 
ATOM 342  H H    . ASP A 1 23  ? 13.380  1.803   -23.075 1.00 1.43 ? 23  ASP A H    1 
ATOM 343  H HA   . ASP A 1 23  ? 12.831  -0.542  -21.321 1.00 1.01 ? 23  ASP A HA   1 
ATOM 344  H HB2  . ASP A 1 23  ? 14.501  -1.416  -22.748 1.00 1.13 ? 23  ASP A HB2  1 
ATOM 345  H HB3  . ASP A 1 23  ? 15.371  0.117   -22.810 1.00 1.29 ? 23  ASP A HB3  1 
ATOM 346  N N    . GLY A 1 24  ? 14.008  0.683   -19.344 1.00 1.15 ? 24  GLY A N    1 
ATOM 347  C CA   . GLY A 1 24  ? 14.340  1.592   -18.214 1.00 1.29 ? 24  GLY A CA   1 
ATOM 348  C C    . GLY A 1 24  ? 13.161  2.534   -17.988 1.00 1.29 ? 24  GLY A C    1 
ATOM 349  O O    . GLY A 1 24  ? 13.278  3.550   -17.331 1.00 1.45 ? 24  GLY A O    1 
ATOM 350  H H    . GLY A 1 24  ? 13.850  -0.269  -19.178 1.00 1.09 ? 24  GLY A H    1 
ATOM 351  H HA2  . GLY A 1 24  ? 14.519  1.009   -17.321 1.00 1.31 ? 24  GLY A HA2  1 
ATOM 352  H HA3  . GLY A 1 24  ? 15.219  2.169   -18.456 1.00 1.40 ? 24  GLY A HA3  1 
ATOM 353  N N    . SER A 1 25  ? 12.025  2.202   -18.536 1.00 1.17 ? 25  SER A N    1 
ATOM 354  C CA   . SER A 1 25  ? 10.830  3.073   -18.368 1.00 1.20 ? 25  SER A CA   1 
ATOM 355  C C    . SER A 1 25  ? 9.948   2.552   -17.244 1.00 1.07 ? 25  SER A C    1 
ATOM 356  O O    . SER A 1 25  ? 10.209  1.522   -16.656 1.00 0.99 ? 25  SER A O    1 
ATOM 357  C CB   . SER A 1 25  ? 10.081  2.989   -19.696 1.00 1.19 ? 25  SER A CB   1 
ATOM 358  O OG   . SER A 1 25  ? 10.657  1.971   -20.504 1.00 1.51 ? 25  SER A OG   1 
ATOM 359  H H    . SER A 1 25  ? 11.958  1.380   -19.064 1.00 1.11 ? 25  SER A H    1 
ATOM 360  H HA   . SER A 1 25  ? 11.123  4.092   -18.174 1.00 1.37 ? 25  SER A HA   1 
ATOM 361  H HB2  . SER A 1 25  ? 9.046   2.749   -19.512 1.00 1.21 ? 25  SER A HB2  1 
ATOM 362  H HB3  . SER A 1 25  ? 10.140  3.940   -20.198 1.00 1.44 ? 25  SER A HB3  1 
ATOM 363  H HG   . SER A 1 25  ? 11.214  2.394   -21.161 1.00 1.83 ? 25  SER A HG   1 
ATOM 364  N N    . VAL A 1 26  ? 8.897   3.255   -16.948 1.00 1.11 ? 26  VAL A N    1 
ATOM 365  C CA   . VAL A 1 26  ? 7.992   2.798   -15.868 1.00 1.01 ? 26  VAL A CA   1 
ATOM 366  C C    . VAL A 1 26  ? 6.576   3.297   -16.123 1.00 0.97 ? 26  VAL A C    1 
ATOM 367  O O    . VAL A 1 26  ? 6.364   4.273   -16.814 1.00 1.10 ? 26  VAL A O    1 
ATOM 368  C CB   . VAL A 1 26  ? 8.560   3.407   -14.588 1.00 1.20 ? 26  VAL A CB   1 
ATOM 369  C CG1  . VAL A 1 26  ? 7.516   3.329   -13.476 1.00 1.16 ? 26  VAL A CG1  1 
ATOM 370  C CG2  . VAL A 1 26  ? 9.807   2.632   -14.167 1.00 1.28 ? 26  VAL A CG2  1 
ATOM 371  H H    . VAL A 1 26  ? 8.703   4.081   -17.439 1.00 1.24 ? 26  VAL A H    1 
ATOM 372  H HA   . VAL A 1 26  ? 8.004   1.726   -15.810 1.00 0.89 ? 26  VAL A HA   1 
ATOM 373  H HB   . VAL A 1 26  ? 8.820   4.441   -14.765 1.00 1.33 ? 26  VAL A HB   1 
ATOM 374  H HG11 . VAL A 1 26  ? 6.825   2.531   -13.690 1.00 1.36 ? 26  VAL A HG11 1 
ATOM 375  H HG12 . VAL A 1 26  ? 8.008   3.135   -12.534 1.00 1.56 ? 26  VAL A HG12 1 
ATOM 376  H HG13 . VAL A 1 26  ? 6.981   4.264   -13.419 1.00 1.67 ? 26  VAL A HG13 1 
ATOM 377  H HG21 . VAL A 1 26  ? 9.583   1.576   -14.150 1.00 1.67 ? 26  VAL A HG21 1 
ATOM 378  H HG22 . VAL A 1 26  ? 10.601  2.821   -14.872 1.00 1.68 ? 26  VAL A HG22 1 
ATOM 379  H HG23 . VAL A 1 26  ? 10.112  2.952   -13.182 1.00 1.63 ? 26  VAL A HG23 1 
ATOM 380  N N    . VAL A 1 27  ? 5.601   2.627   -15.581 1.00 0.84 ? 27  VAL A N    1 
ATOM 381  C CA   . VAL A 1 27  ? 4.201   3.068   -15.817 1.00 0.82 ? 27  VAL A CA   1 
ATOM 382  C C    . VAL A 1 27  ? 3.344   2.903   -14.578 1.00 0.80 ? 27  VAL A C    1 
ATOM 383  O O    . VAL A 1 27  ? 3.170   1.815   -14.067 1.00 0.71 ? 27  VAL A O    1 
ATOM 384  C CB   . VAL A 1 27  ? 3.691   2.163   -16.927 1.00 0.69 ? 27  VAL A CB   1 
ATOM 385  C CG1  . VAL A 1 27  ? 2.163   2.226   -17.005 1.00 0.70 ? 27  VAL A CG1  1 
ATOM 386  C CG2  . VAL A 1 27  ? 4.277   2.647   -18.233 1.00 0.81 ? 27  VAL A CG2  1 
ATOM 387  H H    . VAL A 1 27  ? 5.789   1.832   -15.034 1.00 0.78 ? 27  VAL A H    1 
ATOM 388  H HA   . VAL A 1 27  ? 4.180   4.090   -16.149 1.00 0.96 ? 27  VAL A HA   1 
ATOM 389  H HB   . VAL A 1 27  ? 4.008   1.147   -16.744 1.00 0.57 ? 27  VAL A HB   1 
ATOM 390  H HG11 . VAL A 1 27  ? 1.793   2.958   -16.304 1.00 1.23 ? 27  VAL A HG11 1 
ATOM 391  H HG12 . VAL A 1 27  ? 1.865   2.504   -18.005 1.00 1.17 ? 27  VAL A HG12 1 
ATOM 392  H HG13 . VAL A 1 27  ? 1.753   1.258   -16.766 1.00 1.30 ? 27  VAL A HG13 1 
ATOM 393  H HG21 . VAL A 1 27  ? 5.335   2.808   -18.108 1.00 1.28 ? 27  VAL A HG21 1 
ATOM 394  H HG22 . VAL A 1 27  ? 4.107   1.908   -18.996 1.00 1.20 ? 27  VAL A HG22 1 
ATOM 395  H HG23 . VAL A 1 27  ? 3.798   3.574   -18.507 1.00 1.41 ? 27  VAL A HG23 1 
ATOM 396  N N    . THR A 1 28  ? 2.766   3.966   -14.115 1.00 0.93 ? 28  THR A N    1 
ATOM 397  C CA   . THR A 1 28  ? 1.884   3.837   -12.944 1.00 0.94 ? 28  THR A CA   1 
ATOM 398  C C    . THR A 1 28  ? 0.583   3.200   -13.417 1.00 0.80 ? 28  THR A C    1 
ATOM 399  O O    . THR A 1 28  ? -0.231  3.832   -14.058 1.00 0.84 ? 28  THR A O    1 
ATOM 400  C CB   . THR A 1 28  ? 1.654   5.258   -12.430 1.00 1.13 ? 28  THR A CB   1 
ATOM 401  O OG1  . THR A 1 28  ? 2.429   6.173   -13.194 1.00 1.24 ? 28  THR A OG1  1 
ATOM 402  C CG2  . THR A 1 28  ? 2.069   5.337   -10.963 1.00 1.25 ? 28  THR A CG2  1 
ATOM 403  H H    . THR A 1 28  ? 2.886   4.831   -14.558 1.00 1.04 ? 28  THR A H    1 
ATOM 404  H HA   . THR A 1 28  ? 2.357   3.230   -12.193 1.00 0.94 ? 28  THR A HA   1 
ATOM 405  H HB   . THR A 1 28  ? 0.609   5.510   -12.518 1.00 1.14 ? 28  THR A HB   1 
ATOM 406  H HG1  . THR A 1 28  ? 3.357   5.979   -13.038 1.00 1.55 ? 28  THR A HG1  1 
ATOM 407  H HG21 . THR A 1 28  ? 2.382   4.359   -10.624 1.00 1.70 ? 28  THR A HG21 1 
ATOM 408  H HG22 . THR A 1 28  ? 2.888   6.033   -10.858 1.00 1.65 ? 28  THR A HG22 1 
ATOM 409  H HG23 . THR A 1 28  ? 1.232   5.674   -10.369 1.00 1.55 ? 28  THR A HG23 1 
ATOM 410  N N    . TYR A 1 29  ? 0.396   1.944   -13.138 1.00 0.69 ? 29  TYR A N    1 
ATOM 411  C CA   . TYR A 1 29  ? -0.839  1.267   -13.612 1.00 0.59 ? 29  TYR A CA   1 
ATOM 412  C C    . TYR A 1 29  ? -2.058  1.839   -12.883 1.00 0.67 ? 29  TYR A C    1 
ATOM 413  O O    . TYR A 1 29  ? -2.153  1.782   -11.674 1.00 0.88 ? 29  TYR A O    1 
ATOM 414  C CB   . TYR A 1 29  ? -0.650  -0.208  -13.240 1.00 0.54 ? 29  TYR A CB   1 
ATOM 415  C CG   . TYR A 1 29  ? 0.032   -0.968  -14.359 1.00 0.45 ? 29  TYR A CG   1 
ATOM 416  C CD1  . TYR A 1 29  ? 0.567   -0.292  -15.463 1.00 1.19 ? 29  TYR A CD1  1 
ATOM 417  C CD2  . TYR A 1 29  ? 0.127   -2.363  -14.284 1.00 1.35 ? 29  TYR A CD2  1 
ATOM 418  C CE1  . TYR A 1 29  ? 1.194   -1.012  -16.488 1.00 1.21 ? 29  TYR A CE1  1 
ATOM 419  C CE2  . TYR A 1 29  ? 0.753   -3.082  -15.308 1.00 1.32 ? 29  TYR A CE2  1 
ATOM 420  C CZ   . TYR A 1 29  ? 1.285   -2.407  -16.412 1.00 0.43 ? 29  TYR A CZ   1 
ATOM 421  O OH   . TYR A 1 29  ? 1.904   -3.115  -17.422 1.00 0.49 ? 29  TYR A OH   1 
ATOM 422  H H    . TYR A 1 29  ? 1.077   1.444   -12.642 1.00 0.71 ? 29  TYR A H    1 
ATOM 423  H HA   . TYR A 1 29  ? -0.939  1.376   -14.683 1.00 0.57 ? 29  TYR A HA   1 
ATOM 424  H HB2  . TYR A 1 29  ? -0.044  -0.274  -12.350 1.00 0.63 ? 29  TYR A HB2  1 
ATOM 425  H HB3  . TYR A 1 29  ? -1.615  -0.651  -13.045 1.00 0.56 ? 29  TYR A HB3  1 
ATOM 426  H HD1  . TYR A 1 29  ? 0.501   0.781   -15.524 1.00 2.08 ? 29  TYR A HD1  1 
ATOM 427  H HD2  . TYR A 1 29  ? -0.287  -2.887  -13.434 1.00 2.26 ? 29  TYR A HD2  1 
ATOM 428  H HE1  . TYR A 1 29  ? 1.607   -0.492  -17.337 1.00 2.11 ? 29  TYR A HE1  1 
ATOM 429  H HE2  . TYR A 1 29  ? 0.828   -4.156  -15.244 1.00 2.22 ? 29  TYR A HE2  1 
ATOM 430  H HH   . TYR A 1 29  ? 1.502   -3.986  -17.463 1.00 0.99 ? 29  TYR A HH   1 
ATOM 431  N N    . SER A 1 30  ? -2.993  2.391   -13.607 1.00 0.70 ? 30  SER A N    1 
ATOM 432  C CA   . SER A 1 30  ? -4.202  2.963   -12.948 1.00 0.76 ? 30  SER A CA   1 
ATOM 433  C C    . SER A 1 30  ? -5.066  1.836   -12.378 1.00 0.68 ? 30  SER A C    1 
ATOM 434  O O    . SER A 1 30  ? -4.980  0.700   -12.800 1.00 0.74 ? 30  SER A O    1 
ATOM 435  C CB   . SER A 1 30  ? -4.954  3.704   -14.056 1.00 0.85 ? 30  SER A CB   1 
ATOM 436  O OG   . SER A 1 30  ? -4.132  3.789   -15.214 1.00 1.36 ? 30  SER A OG   1 
ATOM 437  H H    . SER A 1 30  ? -2.901  2.428   -14.582 1.00 0.81 ? 30  SER A H    1 
ATOM 438  H HA   . SER A 1 30  ? -3.917  3.651   -12.170 1.00 0.88 ? 30  SER A HA   1 
ATOM 439  H HB2  . SER A 1 30  ? -5.856  3.170   -14.301 1.00 1.14 ? 30  SER A HB2  1 
ATOM 440  H HB3  . SER A 1 30  ? -5.209  4.698   -13.710 1.00 1.17 ? 30  SER A HB3  1 
ATOM 441  H HG   . SER A 1 30  ? -4.450  4.518   -15.752 1.00 1.75 ? 30  SER A HG   1 
ATOM 442  N N    . CYS A 1 31  ? -5.894  2.140   -11.416 1.00 0.70 ? 31  CYS A N    1 
ATOM 443  C CA   . CYS A 1 31  ? -6.758  1.083   -10.818 1.00 0.68 ? 31  CYS A CA   1 
ATOM 444  C C    . CYS A 1 31  ? -8.225  1.521   -10.843 1.00 0.68 ? 31  CYS A C    1 
ATOM 445  O O    . CYS A 1 31  ? -8.531  2.696   -10.891 1.00 0.74 ? 31  CYS A O    1 
ATOM 446  C CB   . CYS A 1 31  ? -6.266  0.942   -9.378  1.00 0.80 ? 31  CYS A CB   1 
ATOM 447  S SG   . CYS A 1 31  ? -4.525  0.452   -9.385  1.00 1.03 ? 31  CYS A SG   1 
ATOM 448  H H    . CYS A 1 31  ? -5.947  3.061   -11.087 1.00 0.83 ? 31  CYS A H    1 
ATOM 449  H HA   . CYS A 1 31  ? -6.632  0.149   -11.345 1.00 0.67 ? 31  CYS A HA   1 
ATOM 450  H HB2  . CYS A 1 31  ? -6.373  1.887   -8.866  1.00 0.97 ? 31  CYS A HB2  1 
ATOM 451  H HB3  . CYS A 1 31  ? -6.850  0.189   -8.870  1.00 1.08 ? 31  CYS A HB3  1 
ATOM 452  N N    . ASN A 1 32  ? -9.133  0.586   -10.809 1.00 0.71 ? 32  ASN A N    1 
ATOM 453  C CA   . ASN A 1 32  ? -10.579 0.950   -10.830 1.00 0.74 ? 32  ASN A CA   1 
ATOM 454  C C    . ASN A 1 32  ? -10.914 1.851   -9.638  1.00 0.78 ? 32  ASN A C    1 
ATOM 455  O O    . ASN A 1 32  ? -10.368 1.704   -8.562  1.00 0.88 ? 32  ASN A O    1 
ATOM 456  C CB   . ASN A 1 32  ? -11.324 -0.382  -10.725 1.00 0.91 ? 32  ASN A CB   1 
ATOM 457  C CG   . ASN A 1 32  ? -12.115 -0.627  -12.011 1.00 1.23 ? 32  ASN A CG   1 
ATOM 458  O OD1  . ASN A 1 32  ? -11.706 -0.211  -13.077 1.00 1.86 ? 32  ASN A OD1  1 
ATOM 459  N ND2  . ASN A 1 32  ? -13.237 -1.290  -11.957 1.00 1.76 ? 32  ASN A ND2  1 
ATOM 460  H H    . ASN A 1 32  ? -8.865  -0.356  -10.770 1.00 0.79 ? 32  ASN A H    1 
ATOM 461  H HA   . ASN A 1 32  ? -10.831 1.440   -11.756 1.00 0.78 ? 32  ASN A HA   1 
ATOM 462  H HB2  . ASN A 1 32  ? -10.611 -1.182  -10.582 1.00 1.08 ? 32  ASN A HB2  1 
ATOM 463  H HB3  . ASN A 1 32  ? -12.003 -0.351  -9.887  1.00 1.17 ? 32  ASN A HB3  1 
ATOM 464  H HD21 . ASN A 1 32  ? -13.566 -1.628  -11.098 1.00 2.24 ? 32  ASN A HD21 1 
ATOM 465  H HD22 . ASN A 1 32  ? -13.751 -1.451  -12.775 1.00 2.09 ? 32  ASN A HD22 1 
ATOM 466  N N    . SER A 1 33  ? -11.808 2.785   -9.821  1.00 0.90 ? 33  SER A N    1 
ATOM 467  C CA   . SER A 1 33  ? -12.177 3.697   -8.701  1.00 1.11 ? 33  SER A CA   1 
ATOM 468  C C    . SER A 1 33  ? -12.540 2.887   -7.454  1.00 0.94 ? 33  SER A C    1 
ATOM 469  O O    . SER A 1 33  ? -13.541 2.199   -7.418  1.00 1.09 ? 33  SER A O    1 
ATOM 470  C CB   . SER A 1 33  ? -13.390 4.474   -9.208  1.00 1.50 ? 33  SER A CB   1 
ATOM 471  O OG   . SER A 1 33  ? -12.972 5.753   -9.667  1.00 2.14 ? 33  SER A OG   1 
ATOM 472  H H    . SER A 1 33  ? -12.235 2.887   -10.698 1.00 0.96 ? 33  SER A H    1 
ATOM 473  H HA   . SER A 1 33  ? -11.367 4.377   -8.487  1.00 1.29 ? 33  SER A HA   1 
ATOM 474  H HB2  . SER A 1 33  ? -13.849 3.938   -10.023 1.00 1.87 ? 33  SER A HB2  1 
ATOM 475  H HB3  . SER A 1 33  ? -14.107 4.585   -8.405  1.00 1.91 ? 33  SER A HB3  1 
ATOM 476  H HG   . SER A 1 33  ? -13.750 6.233   -9.958  1.00 2.55 ? 33  SER A HG   1 
ATOM 477  N N    . GLY A 1 34  ? -11.736 2.967   -6.428  1.00 0.95 ? 34  GLY A N    1 
ATOM 478  C CA   . GLY A 1 34  ? -12.039 2.205   -5.183  1.00 0.95 ? 34  GLY A CA   1 
ATOM 479  C C    . GLY A 1 34  ? -11.066 1.031   -5.048  1.00 0.94 ? 34  GLY A C    1 
ATOM 480  O O    . GLY A 1 34  ? -11.205 0.194   -4.178  1.00 1.10 ? 34  GLY A O    1 
ATOM 481  H H    . GLY A 1 34  ? -10.936 3.529   -6.477  1.00 1.16 ? 34  GLY A H    1 
ATOM 482  H HA2  . GLY A 1 34  ? -11.938 2.858   -4.328  1.00 1.07 ? 34  GLY A HA2  1 
ATOM 483  H HA3  . GLY A 1 34  ? -13.048 1.826   -5.229  1.00 1.00 ? 34  GLY A HA3  1 
ATOM 484  N N    . TYR A 1 35  ? -10.081 0.961   -5.902  1.00 0.85 ? 35  TYR A N    1 
ATOM 485  C CA   . TYR A 1 35  ? -9.100  -0.159  -5.821  1.00 0.87 ? 35  TYR A CA   1 
ATOM 486  C C    . TYR A 1 35  ? -7.713  0.377   -5.453  1.00 0.89 ? 35  TYR A C    1 
ATOM 487  O O    . TYR A 1 35  ? -7.282  1.398   -5.950  1.00 0.92 ? 35  TYR A O    1 
ATOM 488  C CB   . TYR A 1 35  ? -9.087  -0.770  -7.223  1.00 0.84 ? 35  TYR A CB   1 
ATOM 489  C CG   . TYR A 1 35  ? -10.199 -1.786  -7.339  1.00 0.89 ? 35  TYR A CG   1 
ATOM 490  C CD1  . TYR A 1 35  ? -11.482 -1.381  -7.722  1.00 1.50 ? 35  TYR A CD1  1 
ATOM 491  C CD2  . TYR A 1 35  ? -9.945  -3.134  -7.063  1.00 1.53 ? 35  TYR A CD2  1 
ATOM 492  C CE1  . TYR A 1 35  ? -12.512 -2.324  -7.827  1.00 1.54 ? 35  TYR A CE1  1 
ATOM 493  C CE2  . TYR A 1 35  ? -10.973 -4.077  -7.168  1.00 1.61 ? 35  TYR A CE2  1 
ATOM 494  C CZ   . TYR A 1 35  ? -12.257 -3.672  -7.550  1.00 1.07 ? 35  TYR A CZ   1 
ATOM 495  O OH   . TYR A 1 35  ? -13.272 -4.602  -7.653  1.00 1.19 ? 35  TYR A OH   1 
ATOM 496  H H    . TYR A 1 35  ? -9.986  1.646   -6.597  1.00 0.86 ? 35  TYR A H    1 
ATOM 497  H HA   . TYR A 1 35  ? -9.426  -0.894  -5.102  1.00 0.94 ? 35  TYR A HA   1 
ATOM 498  H HB2  . TYR A 1 35  ? -9.232  0.010   -7.957  1.00 0.81 ? 35  TYR A HB2  1 
ATOM 499  H HB3  . TYR A 1 35  ? -8.138  -1.255  -7.396  1.00 0.85 ? 35  TYR A HB3  1 
ATOM 500  H HD1  . TYR A 1 35  ? -11.679 -0.341  -7.936  1.00 2.30 ? 35  TYR A HD1  1 
ATOM 501  H HD2  . TYR A 1 35  ? -8.956  -3.445  -6.768  1.00 2.32 ? 35  TYR A HD2  1 
ATOM 502  H HE1  . TYR A 1 35  ? -13.503 -2.012  -8.123  1.00 2.34 ? 35  TYR A HE1  1 
ATOM 503  H HE2  . TYR A 1 35  ? -10.775 -5.118  -6.953  1.00 2.42 ? 35  TYR A HE2  1 
ATOM 504  H HH   . TYR A 1 35  ? -13.772 -4.412  -8.450  1.00 1.54 ? 35  TYR A HH   1 
ATOM 505  N N    . SER A 1 36  ? -7.014  -0.302  -4.583  1.00 0.98 ? 36  SER A N    1 
ATOM 506  C CA   . SER A 1 36  ? -5.657  0.176   -4.184  1.00 1.04 ? 36  SER A CA   1 
ATOM 507  C C    . SER A 1 36  ? -4.591  -0.366  -5.133  1.00 1.00 ? 36  SER A C    1 
ATOM 508  O O    . SER A 1 36  ? -4.639  -1.505  -5.555  1.00 0.99 ? 36  SER A O    1 
ATOM 509  C CB   . SER A 1 36  ? -5.431  -0.375  -2.778  1.00 1.20 ? 36  SER A CB   1 
ATOM 510  O OG   . SER A 1 36  ? -4.883  0.647   -1.960  1.00 1.89 ? 36  SER A OG   1 
ATOM 511  H H    . SER A 1 36  ? -7.381  -1.122  -4.190  1.00 1.06 ? 36  SER A H    1 
ATOM 512  H HA   . SER A 1 36  ? -5.627  1.252   -4.163  1.00 1.05 ? 36  SER A HA   1 
ATOM 513  H HB2  . SER A 1 36  ? -6.367  -0.702  -2.358  1.00 1.39 ? 36  SER A HB2  1 
ATOM 514  H HB3  . SER A 1 36  ? -4.750  -1.216  -2.827  1.00 1.18 ? 36  SER A HB3  1 
ATOM 515  H HG   . SER A 1 36  ? -4.363  1.228   -2.520  1.00 2.19 ? 36  SER A HG   1 
ATOM 516  N N    . LEU A 1 37  ? -3.615  0.436   -5.456  1.00 1.01 ? 37  LEU A N    1 
ATOM 517  C CA   . LEU A 1 37  ? -2.532  -0.039  -6.357  1.00 0.98 ? 37  LEU A CA   1 
ATOM 518  C C    . LEU A 1 37  ? -1.396  -0.621  -5.517  1.00 1.09 ? 37  LEU A C    1 
ATOM 519  O O    . LEU A 1 37  ? -0.597  0.098   -4.953  1.00 1.20 ? 37  LEU A O    1 
ATOM 520  C CB   . LEU A 1 37  ? -2.058  1.204   -7.110  1.00 0.96 ? 37  LEU A CB   1 
ATOM 521  C CG   . LEU A 1 37  ? -0.862  0.836   -7.988  1.00 0.95 ? 37  LEU A CG   1 
ATOM 522  C CD1  . LEU A 1 37  ? -1.295  0.819   -9.454  1.00 0.93 ? 37  LEU A CD1  1 
ATOM 523  C CD2  . LEU A 1 37  ? 0.251   1.868   -7.798  1.00 1.01 ? 37  LEU A CD2  1 
ATOM 524  H H    . LEU A 1 37  ? -3.589  1.346   -5.092  1.00 1.06 ? 37  LEU A H    1 
ATOM 525  H HA   . LEU A 1 37  ? -2.910  -0.773  -7.050  1.00 0.93 ? 37  LEU A HA   1 
ATOM 526  H HB2  . LEU A 1 37  ? -2.861  1.579   -7.729  1.00 0.91 ? 37  LEU A HB2  1 
ATOM 527  H HB3  . LEU A 1 37  ? -1.764  1.964   -6.402  1.00 1.04 ? 37  LEU A HB3  1 
ATOM 528  H HG   . LEU A 1 37  ? -0.500  -0.143  -7.709  1.00 1.05 ? 37  LEU A HG   1 
ATOM 529  H HD11 . LEU A 1 37  ? -2.120  1.502   -9.592  1.00 1.45 ? 37  LEU A HD11 1 
ATOM 530  H HD12 . LEU A 1 37  ? -0.468  1.124   -10.076 1.00 1.30 ? 37  LEU A HD12 1 
ATOM 531  H HD13 . LEU A 1 37  ? -1.604  -0.179  -9.726  1.00 1.39 ? 37  LEU A HD13 1 
ATOM 532  H HD21 . LEU A 1 37  ? 0.483   1.959   -6.747  1.00 1.39 ? 37  LEU A HD21 1 
ATOM 533  H HD22 . LEU A 1 37  ? 1.133   1.549   -8.336  1.00 1.49 ? 37  LEU A HD22 1 
ATOM 534  H HD23 . LEU A 1 37  ? -0.075  2.825   -8.179  1.00 1.47 ? 37  LEU A HD23 1 
ATOM 535  N N    . ILE A 1 38  ? -1.318  -1.919  -5.425  1.00 1.11 ? 38  ILE A N    1 
ATOM 536  C CA   . ILE A 1 38  ? -0.229  -2.535  -4.612  1.00 1.23 ? 38  ILE A CA   1 
ATOM 537  C C    . ILE A 1 38  ? 0.982   -2.801  -5.505  1.00 1.25 ? 38  ILE A C    1 
ATOM 538  O O    . ILE A 1 38  ? 0.849   -3.187  -6.649  1.00 1.19 ? 38  ILE A O    1 
ATOM 539  C CB   . ILE A 1 38  ? -0.777  -3.860  -4.047  1.00 1.29 ? 38  ILE A CB   1 
ATOM 540  C CG1  . ILE A 1 38  ? -2.313  -3.880  -4.049  1.00 1.22 ? 38  ILE A CG1  1 
ATOM 541  C CG2  . ILE A 1 38  ? -0.296  -4.026  -2.609  1.00 1.40 ? 38  ILE A CG2  1 
ATOM 542  C CD1  . ILE A 1 38  ? -2.844  -2.618  -3.365  1.00 1.18 ? 38  ILE A CD1  1 
ATOM 543  H H    . ILE A 1 38  ? -1.970  -2.483  -5.887  1.00 1.08 ? 38  ILE A H    1 
ATOM 544  H HA   . ILE A 1 38  ? 0.046   -1.878  -3.802  1.00 1.29 ? 38  ILE A HA   1 
ATOM 545  H HB   . ILE A 1 38  ? -0.399  -4.678  -4.637  1.00 1.33 ? 38  ILE A HB   1 
ATOM 546  H HG12 . ILE A 1 38  ? -2.676  -3.922  -5.065  1.00 1.14 ? 38  ILE A HG12 1 
ATOM 547  H HG13 . ILE A 1 38  ? -2.658  -4.748  -3.510  1.00 1.30 ? 38  ILE A HG13 1 
ATOM 548  H HG21 . ILE A 1 38  ? 0.156   -3.106  -2.273  1.00 1.85 ? 38  ILE A HG21 1 
ATOM 549  H HG22 . ILE A 1 38  ? -1.138  -4.267  -1.977  1.00 1.71 ? 38  ILE A HG22 1 
ATOM 550  H HG23 . ILE A 1 38  ? 0.429   -4.823  -2.562  1.00 1.65 ? 38  ILE A HG23 1 
ATOM 551  H HD11 . ILE A 1 38  ? -2.063  -2.181  -2.760  1.00 1.65 ? 38  ILE A HD11 1 
ATOM 552  H HD12 . ILE A 1 38  ? -3.158  -1.908  -4.114  1.00 1.52 ? 38  ILE A HD12 1 
ATOM 553  H HD13 . ILE A 1 38  ? -3.685  -2.876  -2.737  1.00 1.45 ? 38  ILE A HD13 1 
ATOM 554  N N    . GLY A 1 39  ? 2.159   -2.589  -4.996  1.00 1.36 ? 39  GLY A N    1 
ATOM 555  C CA   . GLY A 1 39  ? 3.376   -2.819  -5.821  1.00 1.40 ? 39  GLY A CA   1 
ATOM 556  C C    . GLY A 1 39  ? 4.099   -1.488  -6.021  1.00 1.42 ? 39  GLY A C    1 
ATOM 557  O O    . GLY A 1 39  ? 3.762   -0.493  -5.412  1.00 1.66 ? 39  GLY A O    1 
ATOM 558  H H    . GLY A 1 39  ? 2.244   -2.273  -4.073  1.00 1.44 ? 39  GLY A H    1 
ATOM 559  H HA2  . GLY A 1 39  ? 4.027   -3.516  -5.316  1.00 1.55 ? 39  GLY A HA2  1 
ATOM 560  H HA3  . GLY A 1 39  ? 3.092   -3.219  -6.781  1.00 1.34 ? 39  GLY A HA3  1 
ATOM 561  N N    . ASN A 1 40  ? 5.085   -1.456  -6.872  1.00 1.52 ? 40  ASN A N    1 
ATOM 562  C CA   . ASN A 1 40  ? 5.816   -0.180  -7.107  1.00 1.59 ? 40  ASN A CA   1 
ATOM 563  C C    . ASN A 1 40  ? 4.895   0.826   -7.800  1.00 1.43 ? 40  ASN A C    1 
ATOM 564  O O    . ASN A 1 40  ? 4.074   0.467   -8.619  1.00 1.74 ? 40  ASN A O    1 
ATOM 565  C CB   . ASN A 1 40  ? 6.986   -0.553  -8.016  1.00 1.68 ? 40  ASN A CB   1 
ATOM 566  C CG   . ASN A 1 40  ? 8.293   -0.471  -7.227  1.00 2.21 ? 40  ASN A CG   1 
ATOM 567  O OD1  . ASN A 1 40  ? 8.420   0.329   -6.321  1.00 2.86 ? 40  ASN A OD1  1 
ATOM 568  N ND2  . ASN A 1 40  ? 9.278   -1.272  -7.532  1.00 2.69 ? 40  ASN A ND2  1 
ATOM 569  H H    . ASN A 1 40  ? 5.342   -2.267  -7.359  1.00 1.76 ? 40  ASN A H    1 
ATOM 570  H HA   . ASN A 1 40  ? 6.184   0.222   -6.176  1.00 1.79 ? 40  ASN A HA   1 
ATOM 571  H HB2  . ASN A 1 40  ? 6.848   -1.560  -8.385  1.00 1.88 ? 40  ASN A HB2  1 
ATOM 572  H HB3  . ASN A 1 40  ? 7.028   0.133   -8.849  1.00 1.82 ? 40  ASN A HB3  1 
ATOM 573  H HD21 . ASN A 1 40  ? 9.175   -1.917  -8.263  1.00 2.84 ? 40  ASN A HD21 1 
ATOM 574  H HD22 . ASN A 1 40  ? 10.118  -1.227  -7.033  1.00 3.27 ? 40  ASN A HD22 1 
ATOM 575  N N    . SER A 1 41  ? 5.027   2.085   -7.483  1.00 1.52 ? 41  SER A N    1 
ATOM 576  C CA   . SER A 1 41  ? 4.160   3.110   -8.131  1.00 1.39 ? 41  SER A CA   1 
ATOM 577  C C    . SER A 1 41  ? 4.607   3.330   -9.577  1.00 1.25 ? 41  SER A C    1 
ATOM 578  O O    . SER A 1 41  ? 4.902   4.435   -9.986  1.00 1.32 ? 41  SER A O    1 
ATOM 579  C CB   . SER A 1 41  ? 4.363   4.382   -7.307  1.00 1.63 ? 41  SER A CB   1 
ATOM 580  O OG   . SER A 1 41  ? 5.740   4.733   -7.319  1.00 2.18 ? 41  SER A OG   1 
ATOM 581  H H    . SER A 1 41  ? 5.697   2.356   -6.825  1.00 1.96 ? 41  SER A H    1 
ATOM 582  H HA   . SER A 1 41  ? 3.125   2.809   -8.095  1.00 1.31 ? 41  SER A HA   1 
ATOM 583  H HB2  . SER A 1 41  ? 3.789   5.186   -7.735  1.00 1.69 ? 41  SER A HB2  1 
ATOM 584  H HB3  . SER A 1 41  ? 4.034   4.207   -6.290  1.00 2.02 ? 41  SER A HB3  1 
ATOM 585  H HG   . SER A 1 41  ? 5.852   5.476   -7.915  1.00 2.46 ? 41  SER A HG   1 
ATOM 586  N N    . GLY A 1 42  ? 4.664   2.281   -10.349 1.00 1.12 ? 42  GLY A N    1 
ATOM 587  C CA   . GLY A 1 42  ? 5.100   2.420   -11.766 1.00 1.03 ? 42  GLY A CA   1 
ATOM 588  C C    . GLY A 1 42  ? 5.698   1.100   -12.246 1.00 0.94 ? 42  GLY A C    1 
ATOM 589  O O    . GLY A 1 42  ? 6.612   0.568   -11.648 1.00 1.10 ? 42  GLY A O    1 
ATOM 590  H H    . GLY A 1 42  ? 4.427   1.400   -9.995  1.00 1.13 ? 42  GLY A H    1 
ATOM 591  H HA2  . GLY A 1 42  ? 4.254   2.680   -12.383 1.00 0.98 ? 42  GLY A HA2  1 
ATOM 592  H HA3  . GLY A 1 42  ? 5.847   3.195   -11.837 1.00 1.13 ? 42  GLY A HA3  1 
ATOM 593  N N    . VAL A 1 43  ? 5.209   0.575   -13.336 1.00 0.75 ? 43  VAL A N    1 
ATOM 594  C CA   . VAL A 1 43  ? 5.780   -0.699  -13.856 1.00 0.67 ? 43  VAL A CA   1 
ATOM 595  C C    . VAL A 1 43  ? 7.219   -0.429  -14.267 1.00 0.76 ? 43  VAL A C    1 
ATOM 596  O O    . VAL A 1 43  ? 7.697   0.675   -14.127 1.00 0.94 ? 43  VAL A O    1 
ATOM 597  C CB   . VAL A 1 43  ? 4.949   -1.085  -15.086 1.00 0.50 ? 43  VAL A CB   1 
ATOM 598  C CG1  . VAL A 1 43  ? 5.079   -2.590  -15.329 1.00 0.47 ? 43  VAL A CG1  1 
ATOM 599  C CG2  . VAL A 1 43  ? 3.475   -0.747  -14.868 1.00 0.50 ? 43  VAL A CG2  1 
ATOM 600  H H    . VAL A 1 43  ? 4.490   1.028   -13.816 1.00 0.71 ? 43  VAL A H    1 
ATOM 601  H HA   . VAL A 1 43  ? 5.728   -1.476  -13.109 1.00 0.74 ? 43  VAL A HA   1 
ATOM 602  H HB   . VAL A 1 43  ? 5.320   -0.551  -15.950 1.00 0.53 ? 43  VAL A HB   1 
ATOM 603  H HG11 . VAL A 1 43  ? 5.078   -3.109  -14.382 1.00 1.07 ? 43  VAL A HG11 1 
ATOM 604  H HG12 . VAL A 1 43  ? 4.246   -2.932  -15.925 1.00 1.14 ? 43  VAL A HG12 1 
ATOM 605  H HG13 . VAL A 1 43  ? 6.001   -2.794  -15.851 1.00 1.13 ? 43  VAL A HG13 1 
ATOM 606  H HG21 . VAL A 1 43  ? 3.330   -0.359  -13.874 1.00 1.18 ? 43  VAL A HG21 1 
ATOM 607  H HG22 . VAL A 1 43  ? 3.163   -0.010  -15.593 1.00 1.10 ? 43  VAL A HG22 1 
ATOM 608  H HG23 . VAL A 1 43  ? 2.888   -1.639  -14.990 1.00 1.13 ? 43  VAL A HG23 1 
ATOM 609  N N    . LEU A 1 44  ? 7.914   -1.402  -14.782 1.00 0.73 ? 44  LEU A N    1 
ATOM 610  C CA   . LEU A 1 44  ? 9.319   -1.147  -15.206 1.00 0.82 ? 44  LEU A CA   1 
ATOM 611  C C    . LEU A 1 44  ? 9.635   -1.914  -16.488 1.00 0.73 ? 44  LEU A C    1 
ATOM 612  O O    . LEU A 1 44  ? 9.997   -3.074  -16.453 1.00 0.78 ? 44  LEU A O    1 
ATOM 613  C CB   . LEU A 1 44  ? 10.196  -1.643  -14.055 1.00 1.02 ? 44  LEU A CB   1 
ATOM 614  C CG   . LEU A 1 44  ? 11.660  -1.691  -14.507 1.00 1.17 ? 44  LEU A CG   1 
ATOM 615  C CD1  . LEU A 1 44  ? 12.390  -0.434  -14.037 1.00 1.34 ? 44  LEU A CD1  1 
ATOM 616  C CD2  . LEU A 1 44  ? 12.338  -2.927  -13.911 1.00 1.54 ? 44  LEU A CD2  1 
ATOM 617  H H    . LEU A 1 44  ? 7.515   -2.292  -14.898 1.00 0.75 ? 44  LEU A H    1 
ATOM 618  H HA   . LEU A 1 44  ? 9.475   -0.091  -15.356 1.00 0.87 ? 44  LEU A HA   1 
ATOM 619  H HB2  . LEU A 1 44  ? 10.100  -0.971  -13.214 1.00 1.13 ? 44  LEU A HB2  1 
ATOM 620  H HB3  . LEU A 1 44  ? 9.879   -2.633  -13.761 1.00 1.03 ? 44  LEU A HB3  1 
ATOM 621  H HG   . LEU A 1 44  ? 11.704  -1.739  -15.584 1.00 1.35 ? 44  LEU A HG   1 
ATOM 622  H HD11 . LEU A 1 44  ? 11.784  0.082   -13.310 1.00 1.63 ? 44  LEU A HD11 1 
ATOM 623  H HD12 . LEU A 1 44  ? 13.333  -0.712  -13.592 1.00 1.86 ? 44  LEU A HD12 1 
ATOM 624  H HD13 . LEU A 1 44  ? 12.569  0.215   -14.883 1.00 1.76 ? 44  LEU A HD13 1 
ATOM 625  H HD21 . LEU A 1 44  ? 11.592  -3.565  -13.463 1.00 1.93 ? 44  LEU A HD21 1 
ATOM 626  H HD22 . LEU A 1 44  ? 12.851  -3.468  -14.692 1.00 2.02 ? 44  LEU A HD22 1 
ATOM 627  H HD23 . LEU A 1 44  ? 13.048  -2.620  -13.159 1.00 1.93 ? 44  LEU A HD23 1 
ATOM 628  N N    . CYS A 1 45  ? 9.532   -1.276  -17.619 1.00 0.68 ? 45  CYS A N    1 
ATOM 629  C CA   . CYS A 1 45  ? 9.863   -1.987  -18.885 1.00 0.66 ? 45  CYS A CA   1 
ATOM 630  C C    . CYS A 1 45  ? 11.369  -1.928  -19.114 1.00 0.78 ? 45  CYS A C    1 
ATOM 631  O O    . CYS A 1 45  ? 11.916  -0.898  -19.459 1.00 0.90 ? 45  CYS A O    1 
ATOM 632  C CB   . CYS A 1 45  ? 9.126   -1.249  -19.997 1.00 0.69 ? 45  CYS A CB   1 
ATOM 633  S SG   . CYS A 1 45  ? 8.439   -2.467  -21.150 1.00 1.01 ? 45  CYS A SG   1 
ATOM 634  H H    . CYS A 1 45  ? 9.258   -0.333  -17.634 1.00 0.72 ? 45  CYS A H    1 
ATOM 635  H HA   . CYS A 1 45  ? 9.531   -3.012  -18.837 1.00 0.63 ? 45  CYS A HA   1 
ATOM 636  H HB2  . CYS A 1 45  ? 8.331   -0.657  -19.573 1.00 0.68 ? 45  CYS A HB2  1 
ATOM 637  H HB3  . CYS A 1 45  ? 9.816   -0.606  -20.524 1.00 0.88 ? 45  CYS A HB3  1 
ATOM 638  N N    . SER A 1 46  ? 12.043  -3.021  -18.913 1.00 0.84 ? 46  SER A N    1 
ATOM 639  C CA   . SER A 1 46  ? 13.519  -3.024  -19.109 1.00 0.98 ? 46  SER A CA   1 
ATOM 640  C C    . SER A 1 46  ? 13.936  -4.199  -20.000 1.00 1.03 ? 46  SER A C    1 
ATOM 641  O O    . SER A 1 46  ? 14.031  -5.324  -19.553 1.00 1.16 ? 46  SER A O    1 
ATOM 642  C CB   . SER A 1 46  ? 14.104  -3.180  -17.707 1.00 1.19 ? 46  SER A CB   1 
ATOM 643  O OG   . SER A 1 46  ? 15.104  -2.190  -17.506 1.00 1.82 ? 46  SER A OG   1 
ATOM 644  H H    . SER A 1 46  ? 11.578  -3.838  -18.626 1.00 0.84 ? 46  SER A H    1 
ATOM 645  H HA   . SER A 1 46  ? 13.839  -2.088  -19.538 1.00 1.01 ? 46  SER A HA   1 
ATOM 646  H HB2  . SER A 1 46  ? 13.327  -3.053  -16.973 1.00 1.60 ? 46  SER A HB2  1 
ATOM 647  H HB3  . SER A 1 46  ? 14.535  -4.167  -17.606 1.00 1.60 ? 46  SER A HB3  1 
ATOM 648  H HG   . SER A 1 46  ? 15.412  -2.258  -16.599 1.00 2.25 ? 46  SER A HG   1 
ATOM 649  N N    . GLY A 1 47  ? 14.186  -3.945  -21.255 1.00 1.09 ? 47  GLY A N    1 
ATOM 650  C CA   . GLY A 1 47  ? 14.598  -5.048  -22.169 1.00 1.22 ? 47  GLY A CA   1 
ATOM 651  C C    . GLY A 1 47  ? 13.411  -5.459  -23.041 1.00 1.15 ? 47  GLY A C    1 
ATOM 652  O O    . GLY A 1 47  ? 13.367  -6.550  -23.573 1.00 1.24 ? 47  GLY A O    1 
ATOM 653  H H    . GLY A 1 47  ? 14.105  -3.030  -21.596 1.00 1.17 ? 47  GLY A H    1 
ATOM 654  H HA2  . GLY A 1 47  ? 15.410  -4.710  -22.798 1.00 1.37 ? 47  GLY A HA2  1 
ATOM 655  H HA3  . GLY A 1 47  ? 14.923  -5.896  -21.586 1.00 1.30 ? 47  GLY A HA3  1 
ATOM 656  N N    . GLY A 1 48  ? 12.447  -4.593  -23.193 1.00 1.10 ? 48  GLY A N    1 
ATOM 657  C CA   . GLY A 1 48  ? 11.263  -4.933  -24.032 1.00 1.12 ? 48  GLY A CA   1 
ATOM 658  C C    . GLY A 1 48  ? 10.373  -5.926  -23.283 1.00 1.00 ? 48  GLY A C    1 
ATOM 659  O O    . GLY A 1 48  ? 9.673   -6.720  -23.879 1.00 1.13 ? 48  GLY A O    1 
ATOM 660  H H    . GLY A 1 48  ? 12.502  -3.717  -22.756 1.00 1.13 ? 48  GLY A H    1 
ATOM 661  H HA2  . GLY A 1 48  ? 10.702  -4.034  -24.244 1.00 1.14 ? 48  GLY A HA2  1 
ATOM 662  H HA3  . GLY A 1 48  ? 11.593  -5.380  -24.958 1.00 1.26 ? 48  GLY A HA3  1 
ATOM 663  N N    . GLU A 1 49  ? 10.392  -5.888  -21.978 1.00 0.87 ? 49  GLU A N    1 
ATOM 664  C CA   . GLU A 1 49  ? 9.545   -6.832  -21.194 1.00 0.85 ? 49  GLU A CA   1 
ATOM 665  C C    . GLU A 1 49  ? 9.085   -6.177  -19.890 1.00 0.74 ? 49  GLU A C    1 
ATOM 666  O O    . GLU A 1 49  ? 9.753   -6.254  -18.878 1.00 0.82 ? 49  GLU A O    1 
ATOM 667  C CB   . GLU A 1 49  ? 10.451  -8.026  -20.896 1.00 0.99 ? 49  GLU A CB   1 
ATOM 668  C CG   . GLU A 1 49  ? 10.718  -8.801  -22.189 1.00 1.23 ? 49  GLU A CG   1 
ATOM 669  C CD   . GLU A 1 49  ? 11.346  -10.155 -21.852 1.00 1.71 ? 49  GLU A CD   1 
ATOM 670  O OE1  . GLU A 1 49  ? 12.047  -10.229 -20.857 1.00 2.28 ? 49  GLU A OE1  1 
ATOM 671  O OE2  . GLU A 1 49  ? 11.115  -11.094 -22.597 1.00 2.25 ? 49  GLU A OE2  1 
ATOM 672  H H    . GLU A 1 49  ? 10.963  -5.239  -21.514 1.00 0.89 ? 49  GLU A H    1 
ATOM 673  H HA   . GLU A 1 49  ? 8.696   -7.150  -21.777 1.00 0.92 ? 49  GLU A HA   1 
ATOM 674  H HB2  . GLU A 1 49  ? 11.385  -7.673  -20.486 1.00 1.11 ? 49  GLU A HB2  1 
ATOM 675  H HB3  . GLU A 1 49  ? 9.965   -8.675  -20.183 1.00 1.10 ? 49  GLU A HB3  1 
ATOM 676  H HG2  . GLU A 1 49  ? 9.787   -8.956  -22.714 1.00 1.55 ? 49  GLU A HG2  1 
ATOM 677  H HG3  . GLU A 1 49  ? 11.395  -8.237  -22.813 1.00 1.49 ? 49  GLU A HG3  1 
ATOM 678  N N    . TRP A 1 50  ? 7.948   -5.540  -19.903 1.00 0.70 ? 50  TRP A N    1 
ATOM 679  C CA   . TRP A 1 50  ? 7.451   -4.890  -18.657 1.00 0.62 ? 50  TRP A CA   1 
ATOM 680  C C    . TRP A 1 50  ? 7.592   -5.855  -17.477 1.00 0.74 ? 50  TRP A C    1 
ATOM 681  O O    . TRP A 1 50  ? 7.317   -7.033  -17.594 1.00 0.89 ? 50  TRP A O    1 
ATOM 682  C CB   . TRP A 1 50  ? 5.974   -4.592  -18.927 1.00 0.62 ? 50  TRP A CB   1 
ATOM 683  C CG   . TRP A 1 50  ? 5.852   -3.395  -19.816 1.00 0.57 ? 50  TRP A CG   1 
ATOM 684  C CD1  . TRP A 1 50  ? 5.543   -3.431  -21.133 1.00 0.71 ? 50  TRP A CD1  1 
ATOM 685  C CD2  . TRP A 1 50  ? 6.031   -1.990  -19.476 1.00 0.50 ? 50  TRP A CD2  1 
ATOM 686  N NE1  . TRP A 1 50  ? 5.519   -2.138  -21.621 1.00 0.74 ? 50  TRP A NE1  1 
ATOM 687  C CE2  . TRP A 1 50  ? 5.813   -1.215  -20.639 1.00 0.63 ? 50  TRP A CE2  1 
ATOM 688  C CE3  . TRP A 1 50  ? 6.358   -1.318  -18.284 1.00 0.47 ? 50  TRP A CE3  1 
ATOM 689  C CZ2  . TRP A 1 50  ? 5.915   0.174   -20.623 1.00 0.71 ? 50  TRP A CZ2  1 
ATOM 690  C CZ3  . TRP A 1 50  ? 6.461   0.082   -18.262 1.00 0.57 ? 50  TRP A CZ3  1 
ATOM 691  C CH2  . TRP A 1 50  ? 6.241   0.827   -19.430 1.00 0.69 ? 50  TRP A CH2  1 
ATOM 692  H H    . TRP A 1 50  ? 7.419   -5.492  -20.726 1.00 0.82 ? 50  TRP A H    1 
ATOM 693  H HA   . TRP A 1 50  ? 7.991   -3.974  -18.466 1.00 0.55 ? 50  TRP A HA   1 
ATOM 694  H HB2  . TRP A 1 50  ? 5.519   -5.444  -19.408 1.00 0.75 ? 50  TRP A HB2  1 
ATOM 695  H HB3  . TRP A 1 50  ? 5.472   -4.397  -17.991 1.00 0.61 ? 50  TRP A HB3  1 
ATOM 696  H HD1  . TRP A 1 50  ? 5.346   -4.322  -21.711 1.00 0.84 ? 50  TRP A HD1  1 
ATOM 697  H HE1  . TRP A 1 50  ? 5.320   -1.887  -22.548 1.00 0.87 ? 50  TRP A HE1  1 
ATOM 698  H HE3  . TRP A 1 50  ? 6.532   -1.884  -17.381 1.00 0.48 ? 50  TRP A HE3  1 
ATOM 699  H HZ2  . TRP A 1 50  ? 5.748   0.740   -21.527 1.00 0.86 ? 50  TRP A HZ2  1 
ATOM 700  H HZ3  . TRP A 1 50  ? 6.713   0.587   -17.342 1.00 0.65 ? 50  TRP A HZ3  1 
ATOM 701  H HH2  . TRP A 1 50  ? 6.323   1.902   -19.407 1.00 0.82 ? 50  TRP A HH2  1 
ATOM 702  N N    . SER A 1 51  ? 8.024   -5.371  -16.346 1.00 0.76 ? 51  SER A N    1 
ATOM 703  C CA   . SER A 1 51  ? 8.182   -6.275  -15.170 1.00 0.95 ? 51  SER A CA   1 
ATOM 704  C C    . SER A 1 51  ? 7.776   -5.567  -13.872 1.00 0.97 ? 51  SER A C    1 
ATOM 705  O O    . SER A 1 51  ? 7.752   -4.352  -13.790 1.00 0.90 ? 51  SER A O    1 
ATOM 706  C CB   . SER A 1 51  ? 9.669   -6.626  -15.141 1.00 1.09 ? 51  SER A CB   1 
ATOM 707  O OG   . SER A 1 51  ? 10.014  -7.100  -13.846 1.00 1.77 ? 51  SER A OG   1 
ATOM 708  H H    . SER A 1 51  ? 8.245   -4.421  -16.270 1.00 0.70 ? 51  SER A H    1 
ATOM 709  H HA   . SER A 1 51  ? 7.599   -7.172  -15.305 1.00 1.02 ? 51  SER A HA   1 
ATOM 710  H HB2  . SER A 1 51  ? 9.875   -7.395  -15.867 1.00 1.47 ? 51  SER A HB2  1 
ATOM 711  H HB3  . SER A 1 51  ? 10.251  -5.745  -15.379 1.00 1.51 ? 51  SER A HB3  1 
ATOM 712  H HG   . SER A 1 51  ? 10.466  -6.393  -13.382 1.00 2.13 ? 51  SER A HG   1 
ATOM 713  N N    . ASP A 1 52  ? 7.465   -6.331  -12.859 1.00 1.12 ? 52  ASP A N    1 
ATOM 714  C CA   . ASP A 1 52  ? 7.065   -5.741  -11.547 1.00 1.18 ? 52  ASP A CA   1 
ATOM 715  C C    . ASP A 1 52  ? 5.789   -4.910  -11.685 1.00 1.03 ? 52  ASP A C    1 
ATOM 716  O O    . ASP A 1 52  ? 5.804   -3.706  -11.520 1.00 0.99 ? 52  ASP A O    1 
ATOM 717  C CB   . ASP A 1 52  ? 8.243   -4.860  -11.128 1.00 1.26 ? 52  ASP A CB   1 
ATOM 718  C CG   . ASP A 1 52  ? 8.536   -5.074  -9.642  1.00 1.71 ? 52  ASP A CG   1 
ATOM 719  O OD1  . ASP A 1 52  ? 9.016   -6.143  -9.301  1.00 2.24 ? 52  ASP A OD1  1 
ATOM 720  O OD2  . ASP A 1 52  ? 8.276   -4.166  -8.871  1.00 2.28 ? 52  ASP A OD2  1 
ATOM 721  H H    . ASP A 1 52  ? 7.501   -7.306  -12.960 1.00 1.23 ? 52  ASP A H    1 
ATOM 722  H HA   . ASP A 1 52  ? 6.916   -6.525  -10.823 1.00 1.30 ? 52  ASP A HA   1 
ATOM 723  H HB2  . ASP A 1 52  ? 9.114   -5.124  -11.710 1.00 1.49 ? 52  ASP A HB2  1 
ATOM 724  H HB3  . ASP A 1 52  ? 7.995   -3.823  -11.298 1.00 1.37 ? 52  ASP A HB3  1 
ATOM 725  N N    . PRO A 1 53  ? 4.723   -5.598  -11.971 1.00 1.00 ? 53  PRO A N    1 
ATOM 726  C CA   . PRO A 1 53  ? 3.405   -4.957  -12.126 1.00 0.88 ? 53  PRO A CA   1 
ATOM 727  C C    . PRO A 1 53  ? 2.666   -4.932  -10.783 1.00 0.97 ? 53  PRO A C    1 
ATOM 728  O O    . PRO A 1 53  ? 2.555   -5.944  -10.120 1.00 1.11 ? 53  PRO A O    1 
ATOM 729  C CB   . PRO A 1 53  ? 2.693   -5.880  -13.105 1.00 0.87 ? 53  PRO A CB   1 
ATOM 730  C CG   . PRO A 1 53  ? 3.354   -7.226  -12.950 1.00 1.03 ? 53  PRO A CG   1 
ATOM 731  C CD   . PRO A 1 53  ? 4.649   -7.035  -12.189 1.00 1.10 ? 53  PRO A CD   1 
ATOM 732  H HA   . PRO A 1 53  ? 3.498   -3.968  -12.541 1.00 0.78 ? 53  PRO A HA   1 
ATOM 733  H HB2  . PRO A 1 53  ? 1.642   -5.945  -12.858 1.00 0.88 ? 53  PRO A HB2  1 
ATOM 734  H HB3  . PRO A 1 53  ? 2.820   -5.522  -14.114 1.00 0.77 ? 53  PRO A HB3  1 
ATOM 735  H HG2  . PRO A 1 53  ? 2.701   -7.892  -12.404 1.00 1.13 ? 53  PRO A HG2  1 
ATOM 736  H HG3  . PRO A 1 53  ? 3.566   -7.642  -13.924 1.00 1.02 ? 53  PRO A HG3  1 
ATOM 737  H HD2  . PRO A 1 53  ? 4.616   -7.561  -11.244 1.00 1.23 ? 53  PRO A HD2  1 
ATOM 738  H HD3  . PRO A 1 53  ? 5.492   -7.365  -12.775 1.00 1.12 ? 53  PRO A HD3  1 
ATOM 739  N N    . PRO A 1 54  ? 2.181   -3.774  -10.429 1.00 0.92 ? 54  PRO A N    1 
ATOM 740  C CA   . PRO A 1 54  ? 1.439   -3.621  -9.155  1.00 1.02 ? 54  PRO A CA   1 
ATOM 741  C C    . PRO A 1 54  ? 0.022   -4.179  -9.300  1.00 0.99 ? 54  PRO A C    1 
ATOM 742  O O    . PRO A 1 54  ? -0.379  -4.609  -10.364 1.00 0.95 ? 54  PRO A O    1 
ATOM 743  C CB   . PRO A 1 54  ? 1.420   -2.112  -8.935  1.00 1.01 ? 54  PRO A CB   1 
ATOM 744  C CG   . PRO A 1 54  ? 1.561   -1.511  -10.300 1.00 0.88 ? 54  PRO A CG   1 
ATOM 745  C CD   . PRO A 1 54  ? 2.277   -2.514  -11.172 1.00 0.82 ? 54  PRO A CD   1 
ATOM 746  H HA   . PRO A 1 54  ? 1.958   -4.108  -8.346  1.00 1.14 ? 54  PRO A HA   1 
ATOM 747  H HB2  . PRO A 1 54  ? 0.486   -1.813  -8.481  1.00 1.03 ? 54  PRO A HB2  1 
ATOM 748  H HB3  . PRO A 1 54  ? 2.251   -1.814  -8.315  1.00 1.12 ? 54  PRO A HB3  1 
ATOM 749  H HG2  . PRO A 1 54  ? 0.582   -1.300  -10.709 1.00 0.82 ? 54  PRO A HG2  1 
ATOM 750  H HG3  . PRO A 1 54  ? 2.140   -0.603  -10.244 1.00 0.91 ? 54  PRO A HG3  1 
ATOM 751  H HD2  . PRO A 1 54  ? 1.784   -2.600  -12.131 1.00 0.73 ? 54  PRO A HD2  1 
ATOM 752  H HD3  . PRO A 1 54  ? 3.311   -2.237  -11.300 1.00 0.85 ? 54  PRO A HD3  1 
ATOM 753  N N    . THR A 1 55  ? -0.735  -4.194  -8.237  1.00 1.05 ? 55  THR A N    1 
ATOM 754  C CA   . THR A 1 55  ? -2.120  -4.747  -8.324  1.00 1.04 ? 55  THR A CA   1 
ATOM 755  C C    . THR A 1 55  ? -3.166  -3.697  -7.963  1.00 1.00 ? 55  THR A C    1 
ATOM 756  O O    . THR A 1 55  ? -2.961  -2.864  -7.104  1.00 1.07 ? 55  THR A O    1 
ATOM 757  C CB   . THR A 1 55  ? -2.166  -5.870  -7.290  1.00 1.14 ? 55  THR A CB   1 
ATOM 758  O OG1  . THR A 1 55  ? -1.608  -5.409  -6.075  1.00 1.19 ? 55  THR A OG1  1 
ATOM 759  C CG2  . THR A 1 55  ? -1.368  -7.067  -7.792  1.00 1.22 ? 55  THR A CG2  1 
ATOM 760  H H    . THR A 1 55  ? -0.390  -3.855  -7.385  1.00 1.12 ? 55  THR A H    1 
ATOM 761  H HA   . THR A 1 55  ? -2.307  -5.146  -9.307  1.00 1.01 ? 55  THR A HA   1 
ATOM 762  H HB   . THR A 1 55  ? -3.194  -6.165  -7.121  1.00 1.14 ? 55  THR A HB   1 
ATOM 763  H HG1  . THR A 1 55  ? -1.521  -6.162  -5.485  1.00 1.38 ? 55  THR A HG1  1 
ATOM 764  H HG21 . THR A 1 55  ? -1.697  -7.325  -8.786  1.00 1.57 ? 55  THR A HG21 1 
ATOM 765  H HG22 . THR A 1 55  ? -0.319  -6.814  -7.810  1.00 1.59 ? 55  THR A HG22 1 
ATOM 766  H HG23 . THR A 1 55  ? -1.526  -7.905  -7.129  1.00 1.65 ? 55  THR A HG23 1 
ATOM 767  N N    . CYS A 1 56  ? -4.305  -3.765  -8.591  1.00 0.98 ? 56  CYS A N    1 
ATOM 768  C CA   . CYS A 1 56  ? -5.394  -2.810  -8.264  1.00 0.96 ? 56  CYS A CA   1 
ATOM 769  C C    . CYS A 1 56  ? -6.502  -3.571  -7.562  1.00 0.98 ? 56  CYS A C    1 
ATOM 770  O O    . CYS A 1 56  ? -7.478  -3.982  -8.159  1.00 0.99 ? 56  CYS A O    1 
ATOM 771  C CB   . CYS A 1 56  ? -5.864  -2.247  -9.605  1.00 0.94 ? 56  CYS A CB   1 
ATOM 772  S SG   . CYS A 1 56  ? -4.518  -1.310  -10.370 1.00 1.19 ? 56  CYS A SG   1 
ATOM 773  H H    . CYS A 1 56  ? -4.454  -4.467  -9.257  1.00 1.06 ? 56  CYS A H    1 
ATOM 774  H HA   . CYS A 1 56  ? -5.030  -2.027  -7.625  1.00 0.96 ? 56  CYS A HA   1 
ATOM 775  H HB2  . CYS A 1 56  ? -6.151  -3.059  -10.254 1.00 0.98 ? 56  CYS A HB2  1 
ATOM 776  H HB3  . CYS A 1 56  ? -6.712  -1.596  -9.447  1.00 1.05 ? 56  CYS A HB3  1 
ATOM 777  N N    . GLN A 1 57  ? -6.328  -3.786  -6.295  1.00 1.01 ? 57  GLN A N    1 
ATOM 778  C CA   . GLN A 1 57  ? -7.333  -4.550  -5.522  1.00 1.05 ? 57  GLN A CA   1 
ATOM 779  C C    . GLN A 1 57  ? -7.997  -3.654  -4.479  1.00 1.06 ? 57  GLN A C    1 
ATOM 780  O O    . GLN A 1 57  ? -8.099  -2.457  -4.645  1.00 1.21 ? 57  GLN A O    1 
ATOM 781  C CB   . GLN A 1 57  ? -6.540  -5.662  -4.830  1.00 1.09 ? 57  GLN A CB   1 
ATOM 782  C CG   . GLN A 1 57  ? -5.349  -6.107  -5.691  1.00 1.20 ? 57  GLN A CG   1 
ATOM 783  C CD   . GLN A 1 57  ? -5.865  -6.794  -6.958  1.00 1.70 ? 57  GLN A CD   1 
ATOM 784  O OE1  . GLN A 1 57  ? -5.954  -6.180  -8.002  1.00 2.31 ? 57  GLN A OE1  1 
ATOM 785  N NE2  . GLN A 1 57  ? -6.209  -8.052  -6.910  1.00 2.18 ? 57  GLN A NE2  1 
ATOM 786  H H    . GLN A 1 57  ? -5.518  -3.460  -5.852  1.00 1.02 ? 57  GLN A H    1 
ATOM 787  H HA   . GLN A 1 57  ? -8.068  -4.980  -6.179  1.00 1.06 ? 57  GLN A HA   1 
ATOM 788  H HB2  . GLN A 1 57  ? -6.178  -5.304  -3.877  1.00 1.10 ? 57  GLN A HB2  1 
ATOM 789  H HB3  . GLN A 1 57  ? -7.188  -6.496  -4.673  1.00 1.15 ? 57  GLN A HB3  1 
ATOM 790  H HG2  . GLN A 1 57  ? -4.755  -5.247  -5.962  1.00 1.14 ? 57  GLN A HG2  1 
ATOM 791  H HG3  . GLN A 1 57  ? -4.742  -6.800  -5.130  1.00 1.47 ? 57  GLN A HG3  1 
ATOM 792  H HE21 . GLN A 1 57  ? -6.135  -8.549  -6.069  1.00 2.47 ? 57  GLN A HE21 1 
ATOM 793  H HE22 . GLN A 1 57  ? -6.541  -8.500  -7.716  1.00 2.63 ? 57  GLN A HE22 1 
ATOM 794  N N    . ILE A 1 58  ? -8.441  -4.229  -3.398  1.00 0.98 ? 58  ILE A N    1 
ATOM 795  C CA   . ILE A 1 58  ? -9.089  -3.417  -2.330  1.00 0.98 ? 58  ILE A CA   1 
ATOM 796  C C    . ILE A 1 58  ? -8.257  -3.528  -1.052  1.00 1.03 ? 58  ILE A C    1 
ATOM 797  O O    . ILE A 1 58  ? -7.895  -4.608  -0.632  1.00 1.21 ? 58  ILE A O    1 
ATOM 798  C CB   . ILE A 1 58  ? -10.494 -4.007  -2.113  1.00 1.02 ? 58  ILE A CB   1 
ATOM 799  C CG1  . ILE A 1 58  ? -10.894 -4.930  -3.275  1.00 1.07 ? 58  ILE A CG1  1 
ATOM 800  C CG2  . ILE A 1 58  ? -11.505 -2.866  -2.019  1.00 1.00 ? 58  ILE A CG2  1 
ATOM 801  C CD1  . ILE A 1 58  ? -10.379 -6.343  -3.002  1.00 1.45 ? 58  ILE A CD1  1 
ATOM 802  H H    . ILE A 1 58  ? -8.341  -5.198  -3.283  1.00 0.98 ? 58  ILE A H    1 
ATOM 803  H HA   . ILE A 1 58  ? -9.165  -2.385  -2.639  1.00 0.94 ? 58  ILE A HA   1 
ATOM 804  H HB   . ILE A 1 58  ? -10.503 -4.566  -1.189  1.00 1.16 ? 58  ILE A HB   1 
ATOM 805  H HG12 . ILE A 1 58  ? -11.970 -4.949  -3.363  1.00 1.15 ? 58  ILE A HG12 1 
ATOM 806  H HG13 . ILE A 1 58  ? -10.463 -4.561  -4.193  1.00 1.26 ? 58  ILE A HG13 1 
ATOM 807  H HG21 . ILE A 1 58  ? -11.080 -2.055  -1.447  1.00 1.52 ? 58  ILE A HG21 1 
ATOM 808  H HG22 . ILE A 1 58  ? -11.746 -2.517  -3.013  1.00 1.43 ? 58  ILE A HG22 1 
ATOM 809  H HG23 . ILE A 1 58  ? -12.401 -3.220  -1.533  1.00 1.34 ? 58  ILE A HG23 1 
ATOM 810  H HD11 . ILE A 1 58  ? -9.722  -6.328  -2.146  1.00 1.91 ? 58  ILE A HD11 1 
ATOM 811  H HD12 . ILE A 1 58  ? -11.215 -6.998  -2.805  1.00 1.91 ? 58  ILE A HD12 1 
ATOM 812  H HD13 . ILE A 1 58  ? -9.838  -6.701  -3.866  1.00 1.84 ? 58  ILE A HD13 1 
ATOM 813  N N    . VAL A 1 59  ? -7.930  -2.425  -0.440  1.00 0.99 ? 59  VAL A N    1 
ATOM 814  C CA   . VAL A 1 59  ? -7.097  -2.490  0.795   1.00 1.04 ? 59  VAL A CA   1 
ATOM 815  C C    . VAL A 1 59  ? -7.815  -1.879  1.975   1.00 0.97 ? 59  VAL A C    1 
ATOM 816  O O    . VAL A 1 59  ? -7.257  -1.092  2.712   1.00 1.03 ? 59  VAL A O    1 
ATOM 817  C CB   . VAL A 1 59  ? -5.868  -1.663  0.479   1.00 1.10 ? 59  VAL A CB   1 
ATOM 818  C CG1  . VAL A 1 59  ? -5.165  -2.245  -0.749  1.00 1.17 ? 59  VAL A CG1  1 
ATOM 819  C CG2  . VAL A 1 59  ? -6.313  -0.227  0.208   1.00 1.06 ? 59  VAL A CG2  1 
ATOM 820  H H    . VAL A 1 59  ? -8.215  -1.559  -0.799  1.00 1.02 ? 59  VAL A H    1 
ATOM 821  H HA   . VAL A 1 59  ? -6.826  -3.504  1.012   1.00 1.10 ? 59  VAL A HA   1 
ATOM 822  H HB   . VAL A 1 59  ? -5.200  -1.669  1.326   1.00 1.14 ? 59  VAL A HB   1 
ATOM 823  H HG11 . VAL A 1 59  ? -5.873  -2.327  -1.562  1.00 1.62 ? 59  VAL A HG11 1 
ATOM 824  H HG12 . VAL A 1 59  ? -4.356  -1.597  -1.044  1.00 1.61 ? 59  VAL A HG12 1 
ATOM 825  H HG13 . VAL A 1 59  ? -4.776  -3.224  -0.514  1.00 1.42 ? 59  VAL A HG13 1 
ATOM 826  H HG21 . VAL A 1 59  ? -6.867  0.141   1.061   1.00 1.47 ? 59  VAL A HG21 1 
ATOM 827  H HG22 . VAL A 1 59  ? -5.451  0.394   0.049   1.00 1.33 ? 59  VAL A HG22 1 
ATOM 828  H HG23 . VAL A 1 59  ? -6.945  -0.203  -0.665  1.00 1.55 ? 59  VAL A HG23 1 
ATOM 829  N N    . LYS A 1 60  ? -9.026  -2.241  2.181   1.00 0.92 ? 60  LYS A N    1 
ATOM 830  C CA   . LYS A 1 60  ? -9.749  -1.674  3.341   1.00 0.85 ? 60  LYS A CA   1 
ATOM 831  C C    . LYS A 1 60  ? -9.052  -2.116  4.616   1.00 0.72 ? 60  LYS A C    1 
ATOM 832  O O    . LYS A 1 60  ? -7.947  -2.616  4.584   1.00 1.02 ? 60  LYS A O    1 
ATOM 833  C CB   . LYS A 1 60  ? -11.168 -2.233  3.261   1.00 0.91 ? 60  LYS A CB   1 
ATOM 834  C CG   . LYS A 1 60  ? -12.143 -1.104  2.920   1.00 1.14 ? 60  LYS A CG   1 
ATOM 835  C CD   . LYS A 1 60  ? -12.136 -0.863  1.410   1.00 1.47 ? 60  LYS A CD   1 
ATOM 836  C CE   . LYS A 1 60  ? -11.827 0.609   1.128   1.00 1.82 ? 60  LYS A CE   1 
ATOM 837  N NZ   . LYS A 1 60  ? -11.685 0.694   -0.352  1.00 2.48 ? 60  LYS A NZ   1 
ATOM 838  H H    . LYS A 1 60  ? -9.449  -2.896  1.590   1.00 0.97 ? 60  LYS A H    1 
ATOM 839  H HA   . LYS A 1 60  ? -9.759  -0.597  3.284   1.00 0.90 ? 60  LYS A HA   1 
ATOM 840  H HB2  . LYS A 1 60  ? -11.213 -2.993  2.493   1.00 0.96 ? 60  LYS A HB2  1 
ATOM 841  H HB3  . LYS A 1 60  ? -11.440 -2.666  4.212   1.00 0.95 ? 60  LYS A HB3  1 
ATOM 842  H HG2  . LYS A 1 60  ? -13.138 -1.379  3.239   1.00 1.45 ? 60  LYS A HG2  1 
ATOM 843  H HG3  . LYS A 1 60  ? -11.839 -0.201  3.429   1.00 1.50 ? 60  LYS A HG3  1 
ATOM 844  H HD2  . LYS A 1 60  ? -11.379 -1.484  0.951   1.00 1.97 ? 60  LYS A HD2  1 
ATOM 845  H HD3  . LYS A 1 60  ? -13.104 -1.111  1.002   1.00 1.93 ? 60  LYS A HD3  1 
ATOM 846  H HE2  . LYS A 1 60  ? -12.642 1.233   1.468   1.00 2.25 ? 60  LYS A HE2  1 
ATOM 847  H HE3  . LYS A 1 60  ? -10.905 0.899   1.606   1.00 2.16 ? 60  LYS A HE3  1 
ATOM 848  H HZ1  . LYS A 1 60  ? -12.367 0.054   -0.805  1.00 2.84 ? 60  LYS A HZ1  1 
ATOM 849  H HZ2  . LYS A 1 60  ? -11.869 1.669   -0.664  1.00 2.99 ? 60  LYS A HZ2  1 
ATOM 850  H HZ3  . LYS A 1 60  ? -10.718 0.420   -0.623  1.00 2.77 ? 60  LYS A HZ3  1 
ATOM 851  N N    . CYS A 1 61  ? -9.665  -1.917  5.738   1.00 0.89 ? 61  CYS A N    1 
ATOM 852  C CA   . CYS A 1 61  ? -8.995  -2.320  7.008   1.00 0.76 ? 61  CYS A CA   1 
ATOM 853  C C    . CYS A 1 61  ? -9.985  -2.777  8.073   1.00 0.69 ? 61  CYS A C    1 
ATOM 854  O O    . CYS A 1 61  ? -11.167 -2.503  8.001   1.00 0.81 ? 61  CYS A O    1 
ATOM 855  C CB   . CYS A 1 61  ? -8.291  -1.063  7.490   1.00 0.89 ? 61  CYS A CB   1 
ATOM 856  S SG   . CYS A 1 61  ? -6.542  -1.422  7.743   1.00 1.17 ? 61  CYS A SG   1 
ATOM 857  H H    . CYS A 1 61  ? -10.545 -1.489  5.745   1.00 1.34 ? 61  CYS A H    1 
ATOM 858  H HA   . CYS A 1 61  ? -8.266  -3.091  6.819   1.00 0.72 ? 61  CYS A HA   1 
ATOM 859  H HB2  . CYS A 1 61  ? -8.400  -0.285  6.750   1.00 1.09 ? 61  CYS A HB2  1 
ATOM 860  H HB3  . CYS A 1 61  ? -8.730  -0.742  8.421   1.00 1.25 ? 61  CYS A HB3  1 
ATOM 861  N N    . PRO A 1 62  ? -9.432  -3.436  9.052   1.00 0.58 ? 62  PRO A N    1 
ATOM 862  C CA   . PRO A 1 62  ? -10.213 -3.926  10.196  1.00 0.57 ? 62  PRO A CA   1 
ATOM 863  C C    . PRO A 1 62  ? -10.244 -2.846  11.272  1.00 0.56 ? 62  PRO A C    1 
ATOM 864  O O    . PRO A 1 62  ? -11.284 -2.332  11.636  1.00 0.83 ? 62  PRO A O    1 
ATOM 865  C CB   . PRO A 1 62  ? -9.403  -5.125  10.681  1.00 0.58 ? 62  PRO A CB   1 
ATOM 866  C CG   . PRO A 1 62  ? -7.993  -4.879  10.229  1.00 0.56 ? 62  PRO A CG   1 
ATOM 867  C CD   . PRO A 1 62  ? -8.018  -3.791  9.180   1.00 0.59 ? 62  PRO A CD   1 
ATOM 868  H HA   . PRO A 1 62  ? -11.203 -4.225  9.903   1.00 0.65 ? 62  PRO A HA   1 
ATOM 869  H HB2  . PRO A 1 62  ? -9.444  -5.189  11.759  1.00 0.60 ? 62  PRO A HB2  1 
ATOM 870  H HB3  . PRO A 1 62  ? -9.771  -6.031  10.241  1.00 0.64 ? 62  PRO A HB3  1 
ATOM 871  H HG2  . PRO A 1 62  ? -7.391  -4.563  11.069  1.00 0.53 ? 62  PRO A HG2  1 
ATOM 872  H HG3  . PRO A 1 62  ? -7.582  -5.782  9.802   1.00 0.65 ? 62  PRO A HG3  1 
ATOM 873  H HD2  . PRO A 1 62  ? -7.441  -2.939  9.513   1.00 0.70 ? 62  PRO A HD2  1 
ATOM 874  H HD3  . PRO A 1 62  ? -7.640  -4.161  8.239   1.00 0.67 ? 62  PRO A HD3  1 
ATOM 875  N N    . HIS A 1 63  ? -9.086  -2.507  11.774  1.00 0.45 ? 63  HIS A N    1 
ATOM 876  C CA   . HIS A 1 63  ? -8.963  -1.469  12.835  1.00 0.45 ? 63  HIS A CA   1 
ATOM 877  C C    . HIS A 1 63  ? -7.629  -1.653  13.548  1.00 0.43 ? 63  HIS A C    1 
ATOM 878  O O    . HIS A 1 63  ? -7.332  -2.727  14.029  1.00 0.44 ? 63  HIS A O    1 
ATOM 879  C CB   . HIS A 1 63  ? -10.091 -1.739  13.816  1.00 0.53 ? 63  HIS A CB   1 
ATOM 880  C CG   . HIS A 1 63  ? -11.094 -0.623  13.762  1.00 0.62 ? 63  HIS A CG   1 
ATOM 881  N ND1  . HIS A 1 63  ? -12.401 -0.787  14.193  1.00 0.92 ? 63  HIS A ND1  1 
ATOM 882  C CD2  . HIS A 1 63  ? -10.995 0.683   13.353  1.00 0.90 ? 63  HIS A CD2  1 
ATOM 883  C CE1  . HIS A 1 63  ? -13.029 0.392   14.038  1.00 0.93 ? 63  HIS A CE1  1 
ATOM 884  N NE2  . HIS A 1 63  ? -12.218 1.324   13.528  1.00 0.90 ? 63  HIS A NE2  1 
ATOM 885  H H    . HIS A 1 63  ? -8.279  -2.948  11.446  1.00 0.58 ? 63  HIS A H    1 
ATOM 886  H HA   . HIS A 1 63  ? -9.050  -0.477  12.419  1.00 0.48 ? 63  HIS A HA   1 
ATOM 887  H HB2  . HIS A 1 63  ? -10.565 -2.672  13.565  1.00 0.56 ? 63  HIS A HB2  1 
ATOM 888  H HB3  . HIS A 1 63  ? -9.677  -1.800  14.807  1.00 0.57 ? 63  HIS A HB3  1 
ATOM 889  H HD1  . HIS A 1 63  ? -12.796 -1.612  14.543  1.00 1.27 ? 63  HIS A HD1  1 
ATOM 890  H HD2  . HIS A 1 63  ? -10.101 1.144   12.959  1.00 1.30 ? 63  HIS A HD2  1 
ATOM 891  H HE1  . HIS A 1 63  ? -14.059 0.566   14.306  1.00 1.21 ? 63  HIS A HE1  1 
ATOM 892  N N    . PRO A 1 64  ? -6.865  -0.607  13.593  1.00 0.45 ? 64  PRO A N    1 
ATOM 893  C CA   . PRO A 1 64  ? -5.553  -0.682  14.256  1.00 0.48 ? 64  PRO A CA   1 
ATOM 894  C C    . PRO A 1 64  ? -5.751  -0.658  15.770  1.00 0.54 ? 64  PRO A C    1 
ATOM 895  O O    . PRO A 1 64  ? -5.422  0.299   16.438  1.00 0.65 ? 64  PRO A O    1 
ATOM 896  C CB   . PRO A 1 64  ? -4.835  0.567   13.771  1.00 0.52 ? 64  PRO A CB   1 
ATOM 897  C CG   . PRO A 1 64  ? -5.923  1.533   13.417  1.00 0.55 ? 64  PRO A CG   1 
ATOM 898  C CD   . PRO A 1 64  ? -7.140  0.723   13.044  1.00 0.51 ? 64  PRO A CD   1 
ATOM 899  H HA   . PRO A 1 64  ? -5.019  -1.567  13.952  1.00 0.50 ? 64  PRO A HA   1 
ATOM 900  H HB2  . PRO A 1 64  ? -4.215  0.958   14.552  1.00 0.56 ? 64  PRO A HB2  1 
ATOM 901  H HB3  . PRO A 1 64  ? -4.243  0.346   12.902  1.00 0.55 ? 64  PRO A HB3  1 
ATOM 902  H HG2  . PRO A 1 64  ? -6.144  2.162   14.269  1.00 0.60 ? 64  PRO A HG2  1 
ATOM 903  H HG3  . PRO A 1 64  ? -5.619  2.140   12.579  1.00 0.60 ? 64  PRO A HG3  1 
ATOM 904  H HD2  . PRO A 1 64  ? -8.024  1.147   13.498  1.00 0.57 ? 64  PRO A HD2  1 
ATOM 905  H HD3  . PRO A 1 64  ? -7.250  0.669   11.973  1.00 0.51 ? 64  PRO A HD3  1 
ATOM 906  N N    . THR A 1 65  ? -6.304  -1.706  16.309  1.00 0.57 ? 65  THR A N    1 
ATOM 907  C CA   . THR A 1 65  ? -6.540  -1.757  17.778  1.00 0.68 ? 65  THR A CA   1 
ATOM 908  C C    . THR A 1 65  ? -5.306  -2.306  18.488  1.00 0.76 ? 65  THR A C    1 
ATOM 909  O O    . THR A 1 65  ? -4.299  -2.586  17.872  1.00 1.43 ? 65  THR A O    1 
ATOM 910  C CB   . THR A 1 65  ? -7.723  -2.709  17.954  1.00 0.74 ? 65  THR A CB   1 
ATOM 911  O OG1  . THR A 1 65  ? -7.848  -3.523  16.796  1.00 1.10 ? 65  THR A OG1  1 
ATOM 912  C CG2  . THR A 1 65  ? -9.001  -1.898  18.151  1.00 0.99 ? 65  THR A CG2  1 
ATOM 913  H H    . THR A 1 65  ? -6.568  -2.462  15.744  1.00 0.59 ? 65  THR A H    1 
ATOM 914  H HA   . THR A 1 65  ? -6.793  -0.779  18.156  1.00 0.70 ? 65  THR A HA   1 
ATOM 915  H HB   . THR A 1 65  ? -7.558  -3.333  18.818  1.00 1.05 ? 65  THR A HB   1 
ATOM 916  H HG1  . THR A 1 65  ? -8.064  -4.414  17.081  1.00 1.44 ? 65  THR A HG1  1 
ATOM 917  H HG21 . THR A 1 65  ? -9.031  -1.094  17.431  1.00 1.48 ? 65  THR A HG21 1 
ATOM 918  H HG22 . THR A 1 65  ? -9.858  -2.540  18.013  1.00 1.61 ? 65  THR A HG22 1 
ATOM 919  H HG23 . THR A 1 65  ? -9.015  -1.489  19.150  1.00 1.45 ? 65  THR A HG23 1 
ATOM 920  N N    . ILE A 1 66  ? -5.371  -2.466  19.778  1.00 0.70 ? 66  ILE A N    1 
ATOM 921  C CA   . ILE A 1 66  ? -4.191  -3.004  20.509  1.00 0.72 ? 66  ILE A CA   1 
ATOM 922  C C    . ILE A 1 66  ? -4.488  -3.096  22.009  1.00 0.85 ? 66  ILE A C    1 
ATOM 923  O O    . ILE A 1 66  ? -5.428  -2.511  22.508  1.00 0.92 ? 66  ILE A O    1 
ATOM 924  C CB   . ILE A 1 66  ? -3.023  -2.033  20.211  1.00 0.63 ? 66  ILE A CB   1 
ATOM 925  C CG1  . ILE A 1 66  ? -2.081  -1.939  21.415  1.00 0.68 ? 66  ILE A CG1  1 
ATOM 926  C CG2  . ILE A 1 66  ? -3.542  -0.634  19.873  1.00 0.68 ? 66  ILE A CG2  1 
ATOM 927  C CD1  . ILE A 1 66  ? -0.891  -1.053  21.050  1.00 0.60 ? 66  ILE A CD1  1 
ATOM 928  H H    . ILE A 1 66  ? -6.190  -2.237  20.263  1.00 1.18 ? 66  ILE A H    1 
ATOM 929  H HA   . ILE A 1 66  ? -3.954  -3.982  20.126  1.00 0.73 ? 66  ILE A HA   1 
ATOM 930  H HB   . ILE A 1 66  ? -2.471  -2.405  19.367  1.00 0.58 ? 66  ILE A HB   1 
ATOM 931  H HG12 . ILE A 1 66  ? -2.609  -1.509  22.255  1.00 0.81 ? 66  ILE A HG12 1 
ATOM 932  H HG13 . ILE A 1 66  ? -1.727  -2.925  21.677  1.00 0.73 ? 66  ILE A HG13 1 
ATOM 933  H HG21 . ILE A 1 66  ? -4.437  -0.434  20.439  1.00 1.22 ? 66  ILE A HG21 1 
ATOM 934  H HG22 . ILE A 1 66  ? -2.787  0.098   20.118  1.00 1.21 ? 66  ILE A HG22 1 
ATOM 935  H HG23 . ILE A 1 66  ? -3.764  -0.579  18.816  1.00 1.28 ? 66  ILE A HG23 1 
ATOM 936  H HD11 . ILE A 1 66  ? -1.226  -0.240  20.423  1.00 1.19 ? 66  ILE A HD11 1 
ATOM 937  H HD12 . ILE A 1 66  ? -0.446  -0.657  21.947  1.00 1.17 ? 66  ILE A HD12 1 
ATOM 938  H HD13 . ILE A 1 66  ? -0.161  -1.636  20.516  1.00 1.14 ? 66  ILE A HD13 1 
ATOM 939  N N    . SER A 1 67  ? -3.690  -3.839  22.726  1.00 0.91 ? 67  SER A N    1 
ATOM 940  C CA   . SER A 1 67  ? -3.916  -3.989  24.192  1.00 1.06 ? 67  SER A CA   1 
ATOM 941  C C    . SER A 1 67  ? -3.607  -2.680  24.918  1.00 1.08 ? 67  SER A C    1 
ATOM 942  O O    . SER A 1 67  ? -2.462  -2.317  25.099  1.00 1.05 ? 67  SER A O    1 
ATOM 943  C CB   . SER A 1 67  ? -2.949  -5.092  24.629  1.00 1.11 ? 67  SER A CB   1 
ATOM 944  O OG   . SER A 1 67  ? -2.196  -4.645  25.749  1.00 1.58 ? 67  SER A OG   1 
ATOM 945  H H    . SER A 1 67  ? -2.942  -4.306  22.297  1.00 0.89 ? 67  SER A H    1 
ATOM 946  H HA   . SER A 1 67  ? -4.930  -4.295  24.383  1.00 1.16 ? 67  SER A HA   1 
ATOM 947  H HB2  . SER A 1 67  ? -3.506  -5.972  24.906  1.00 1.48 ? 67  SER A HB2  1 
ATOM 948  H HB3  . SER A 1 67  ? -2.286  -5.333  23.809  1.00 1.36 ? 67  SER A HB3  1 
ATOM 949  H HG   . SER A 1 67  ? -1.741  -5.403  26.123  1.00 1.95 ? 67  SER A HG   1 
ATOM 950  N N    . ASN A 1 68  ? -4.621  -1.975  25.342  1.00 1.17 ? 68  ASN A N    1 
ATOM 951  C CA   . ASN A 1 68  ? -4.394  -0.692  26.068  1.00 1.23 ? 68  ASN A CA   1 
ATOM 952  C C    . ASN A 1 68  ? -3.240  0.092   25.436  1.00 1.13 ? 68  ASN A C    1 
ATOM 953  O O    . ASN A 1 68  ? -2.406  0.642   26.123  1.00 1.32 ? 68  ASN A O    1 
ATOM 954  C CB   . ASN A 1 68  ? -4.037  -1.107  27.496  1.00 1.36 ? 68  ASN A CB   1 
ATOM 955  C CG   . ASN A 1 68  ? -5.318  -1.314  28.306  1.00 1.54 ? 68  ASN A CG   1 
ATOM 956  O OD1  . ASN A 1 68  ? -6.358  -1.617  27.755  1.00 1.88 ? 68  ASN A OD1  1 
ATOM 957  N ND2  . ASN A 1 68  ? -5.286  -1.162  29.602  1.00 1.93 ? 68  ASN A ND2  1 
ATOM 958  H H    . ASN A 1 68  ? -5.536  -2.295  25.189  1.00 1.23 ? 68  ASN A H    1 
ATOM 959  H HA   . ASN A 1 68  ? -5.295  -0.099  26.074  1.00 1.29 ? 68  ASN A HA   1 
ATOM 960  H HB2  . ASN A 1 68  ? -3.473  -2.028  27.472  1.00 1.40 ? 68  ASN A HB2  1 
ATOM 961  H HB3  . ASN A 1 68  ? -3.443  -0.334  27.957  1.00 1.39 ? 68  ASN A HB3  1 
ATOM 962  H HD21 . ASN A 1 68  ? -4.448  -0.917  30.047  1.00 2.35 ? 68  ASN A HD21 1 
ATOM 963  H HD22 . ASN A 1 68  ? -6.101  -1.294  30.131  1.00 2.07 ? 68  ASN A HD22 1 
ATOM 964  N N    . GLY A 1 69  ? -3.182  0.150   24.134  1.00 0.97 ? 69  GLY A N    1 
ATOM 965  C CA   . GLY A 1 69  ? -2.076  0.903   23.477  1.00 0.89 ? 69  GLY A CA   1 
ATOM 966  C C    . GLY A 1 69  ? -2.559  1.459   22.137  1.00 0.89 ? 69  GLY A C    1 
ATOM 967  O O    . GLY A 1 69  ? -1.797  1.600   21.203  1.00 1.36 ? 69  GLY A O    1 
ATOM 968  H H    . GLY A 1 69  ? -3.863  -0.299  23.591  1.00 1.03 ? 69  GLY A H    1 
ATOM 969  H HA2  . GLY A 1 69  ? -1.769  1.719   24.116  1.00 0.95 ? 69  GLY A HA2  1 
ATOM 970  H HA3  . GLY A 1 69  ? -1.241  0.244   23.311  1.00 0.88 ? 69  GLY A HA3  1 
ATOM 971  N N    . TYR A 1 70  ? -3.827  1.758   22.042  1.00 0.86 ? 70  TYR A N    1 
ATOM 972  C CA   . TYR A 1 70  ? -4.399  2.297   20.771  1.00 0.81 ? 70  TYR A CA   1 
ATOM 973  C C    . TYR A 1 70  ? -3.529  3.372   20.152  1.00 0.78 ? 70  TYR A C    1 
ATOM 974  O O    . TYR A 1 70  ? -2.446  3.671   20.596  1.00 0.86 ? 70  TYR A O    1 
ATOM 975  C CB   . TYR A 1 70  ? -5.745  2.913   21.148  1.00 0.93 ? 70  TYR A CB   1 
ATOM 976  C CG   . TYR A 1 70  ? -5.527  4.201   21.921  1.00 1.06 ? 70  TYR A CG   1 
ATOM 977  C CD1  . TYR A 1 70  ? -4.898  4.181   23.176  1.00 1.84 ? 70  TYR A CD1  1 
ATOM 978  C CD2  . TYR A 1 70  ? -5.958  5.420   21.381  1.00 1.47 ? 70  TYR A CD2  1 
ATOM 979  C CE1  . TYR A 1 70  ? -4.703  5.375   23.882  1.00 2.01 ? 70  TYR A CE1  1 
ATOM 980  C CE2  . TYR A 1 70  ? -5.762  6.612   22.088  1.00 1.59 ? 70  TYR A CE2  1 
ATOM 981  C CZ   . TYR A 1 70  ? -5.135  6.589   23.339  1.00 1.48 ? 70  TYR A CZ   1 
ATOM 982  O OH   . TYR A 1 70  ? -4.942  7.765   24.035  1.00 1.73 ? 70  TYR A OH   1 
ATOM 983  H H    . TYR A 1 70  ? -4.412  1.609   22.807  1.00 1.22 ? 70  TYR A H    1 
ATOM 984  H HA   . TYR A 1 70  ? -4.554  1.507   20.065  1.00 0.79 ? 70  TYR A HA   1 
ATOM 985  H HB2  . TYR A 1 70  ? -6.301  3.128   20.246  1.00 0.96 ? 70  TYR A HB2  1 
ATOM 986  H HB3  . TYR A 1 70  ? -6.297  2.221   21.745  1.00 1.00 ? 70  TYR A HB3  1 
ATOM 987  H HD1  . TYR A 1 70  ? -4.562  3.248   23.599  1.00 2.58 ? 70  TYR A HD1  1 
ATOM 988  H HD2  . TYR A 1 70  ? -6.440  5.443   20.416  1.00 2.18 ? 70  TYR A HD2  1 
ATOM 989  H HE1  . TYR A 1 70  ? -4.218  5.358   24.846  1.00 2.84 ? 70  TYR A HE1  1 
ATOM 990  H HE2  . TYR A 1 70  ? -6.094  7.550   21.669  1.00 2.28 ? 70  TYR A HE2  1 
ATOM 991  H HH   . TYR A 1 70  ? -4.443  8.364   23.475  1.00 2.10 ? 70  TYR A HH   1 
ATOM 992  N N    . LEU A 1 71  ? -4.039  3.966   19.123  1.00 0.82 ? 71  LEU A N    1 
ATOM 993  C CA   . LEU A 1 71  ? -3.289  5.052   18.433  1.00 0.86 ? 71  LEU A CA   1 
ATOM 994  C C    . LEU A 1 71  ? -3.986  6.398   18.645  1.00 1.05 ? 71  LEU A C    1 
ATOM 995  O O    . LEU A 1 71  ? -5.132  6.460   19.045  1.00 1.45 ? 71  LEU A O    1 
ATOM 996  C CB   . LEU A 1 71  ? -3.223  4.654   16.940  1.00 0.82 ? 71  LEU A CB   1 
ATOM 997  C CG   . LEU A 1 71  ? -4.596  4.256   16.363  1.00 0.87 ? 71  LEU A CG   1 
ATOM 998  C CD1  . LEU A 1 71  ? -4.889  2.798   16.700  1.00 1.44 ? 71  LEU A CD1  1 
ATOM 999  C CD2  . LEU A 1 71  ? -5.716  5.145   16.911  1.00 1.62 ? 71  LEU A CD2  1 
ATOM 1000 H H    . LEU A 1 71  ? -4.931  3.700   18.819  1.00 0.90 ? 71  LEU A H    1 
ATOM 1001 H HA   . LEU A 1 71  ? -2.288  5.104   18.832  1.00 0.92 ? 71  LEU A HA   1 
ATOM 1002 H HB2  . LEU A 1 71  ? -2.834  5.479   16.370  1.00 0.91 ? 71  LEU A HB2  1 
ATOM 1003 H HB3  . LEU A 1 71  ? -2.548  3.817   16.837  1.00 0.82 ? 71  LEU A HB3  1 
ATOM 1004 H HG   . LEU A 1 71  ? -4.560  4.359   15.287  1.00 1.47 ? 71  LEU A HG   1 
ATOM 1005 H HD11 . LEU A 1 71  ? -4.256  2.484   17.516  1.00 1.93 ? 71  LEU A HD11 1 
ATOM 1006 H HD12 . LEU A 1 71  ? -5.925  2.696   16.985  1.00 1.99 ? 71  LEU A HD12 1 
ATOM 1007 H HD13 . LEU A 1 71  ? -4.691  2.186   15.835  1.00 2.00 ? 71  LEU A HD13 1 
ATOM 1008 H HD21 . LEU A 1 71  ? -5.426  6.182   16.834  1.00 2.23 ? 71  LEU A HD21 1 
ATOM 1009 H HD22 . LEU A 1 71  ? -6.615  4.982   16.337  1.00 2.20 ? 71  LEU A HD22 1 
ATOM 1010 H HD23 . LEU A 1 71  ? -5.907  4.899   17.942  1.00 2.03 ? 71  LEU A HD23 1 
ATOM 1011 N N    . SER A 1 72  ? -3.303  7.477   18.398  1.00 1.18 ? 72  SER A N    1 
ATOM 1012 C CA   . SER A 1 72  ? -3.935  8.810   18.602  1.00 1.34 ? 72  SER A CA   1 
ATOM 1013 C C    . SER A 1 72  ? -3.418  9.806   17.559  1.00 1.38 ? 72  SER A C    1 
ATOM 1014 O O    . SER A 1 72  ? -3.408  11.000  17.779  1.00 1.55 ? 72  SER A O    1 
ATOM 1015 C CB   . SER A 1 72  ? -3.502  9.235   20.006  1.00 1.54 ? 72  SER A CB   1 
ATOM 1016 O OG   . SER A 1 72  ? -4.284  10.346  20.422  1.00 2.12 ? 72  SER A OG   1 
ATOM 1017 H H    . SER A 1 72  ? -2.375  7.414   18.088  1.00 1.42 ? 72  SER A H    1 
ATOM 1018 H HA   . SER A 1 72  ? -5.009  8.727   18.558  1.00 1.36 ? 72  SER A HA   1 
ATOM 1019 H HB2  . SER A 1 72  ? -3.653  8.419   20.693  1.00 1.58 ? 72  SER A HB2  1 
ATOM 1020 H HB3  . SER A 1 72  ? -2.454  9.502   19.992  1.00 1.63 ? 72  SER A HB3  1 
ATOM 1021 H HG   . SER A 1 72  ? -4.280  10.368  21.383  1.00 2.37 ? 72  SER A HG   1 
ATOM 1022 N N    . SER A 1 73  ? -2.977  9.322   16.429  1.00 1.29 ? 73  SER A N    1 
ATOM 1023 C CA   . SER A 1 73  ? -2.450  10.240  15.379  1.00 1.40 ? 73  SER A CA   1 
ATOM 1024 C C    . SER A 1 73  ? -3.422  10.341  14.201  1.00 1.42 ? 73  SER A C    1 
ATOM 1025 O O    . SER A 1 73  ? -4.161  11.297  14.074  1.00 1.75 ? 73  SER A O    1 
ATOM 1026 C CB   . SER A 1 73  ? -1.133  9.608   14.933  1.00 1.45 ? 73  SER A CB   1 
ATOM 1027 O OG   . SER A 1 73  ? -0.641  10.298  13.793  1.00 2.04 ? 73  SER A OG   1 
ATOM 1028 H H    . SER A 1 73  ? -2.986  8.354   16.272  1.00 1.23 ? 73  SER A H    1 
ATOM 1029 H HA   . SER A 1 73  ? -2.263  11.216  15.794  1.00 1.56 ? 73  SER A HA   1 
ATOM 1030 H HB2  . SER A 1 73  ? -0.410  9.678   15.728  1.00 1.60 ? 73  SER A HB2  1 
ATOM 1031 H HB3  . SER A 1 73  ? -1.300  8.566   14.692  1.00 1.49 ? 73  SER A HB3  1 
ATOM 1032 H HG   . SER A 1 73  ? 0.313   10.184  13.765  1.00 2.50 ? 73  SER A HG   1 
ATOM 1033 N N    . GLY A 1 74  ? -3.422  9.367   13.334  1.00 1.36 ? 74  GLY A N    1 
ATOM 1034 C CA   . GLY A 1 74  ? -4.340  9.414   12.162  1.00 1.45 ? 74  GLY A CA   1 
ATOM 1035 C C    . GLY A 1 74  ? -5.192  8.147   12.118  1.00 1.33 ? 74  GLY A C    1 
ATOM 1036 O O    . GLY A 1 74  ? -4.960  7.253   11.329  1.00 1.86 ? 74  GLY A O    1 
ATOM 1037 H H    . GLY A 1 74  ? -2.816  8.609   13.453  1.00 1.48 ? 74  GLY A H    1 
ATOM 1038 H HA2  . GLY A 1 74  ? -4.984  10.277  12.244  1.00 1.58 ? 74  GLY A HA2  1 
ATOM 1039 H HA3  . GLY A 1 74  ? -3.762  9.483   11.255  1.00 1.63 ? 74  GLY A HA3  1 
ATOM 1040 N N    . PHE A 1 75  ? -6.181  8.068   12.959  1.00 1.13 ? 75  PHE A N    1 
ATOM 1041 C CA   . PHE A 1 75  ? -7.061  6.863   12.971  1.00 0.94 ? 75  PHE A CA   1 
ATOM 1042 C C    . PHE A 1 75  ? -8.392  7.184   12.282  1.00 0.94 ? 75  PHE A C    1 
ATOM 1043 O O    . PHE A 1 75  ? -8.743  8.331   12.096  1.00 1.21 ? 75  PHE A O    1 
ATOM 1044 C CB   . PHE A 1 75  ? -7.269  6.550   14.455  1.00 0.95 ? 75  PHE A CB   1 
ATOM 1045 C CG   . PHE A 1 75  ? -8.496  5.683   14.638  1.00 0.91 ? 75  PHE A CG   1 
ATOM 1046 C CD1  . PHE A 1 75  ? -9.773  6.246   14.522  1.00 1.58 ? 75  PHE A CD1  1 
ATOM 1047 C CD2  . PHE A 1 75  ? -8.355  4.321   14.924  1.00 1.41 ? 75  PHE A CD2  1 
ATOM 1048 C CE1  . PHE A 1 75  ? -10.909 5.445   14.692  1.00 1.62 ? 75  PHE A CE1  1 
ATOM 1049 C CE2  . PHE A 1 75  ? -9.491  3.519   15.093  1.00 1.38 ? 75  PHE A CE2  1 
ATOM 1050 C CZ   . PHE A 1 75  ? -10.768 4.083   14.977  1.00 0.94 ? 75  PHE A CZ   1 
ATOM 1051 H H    . PHE A 1 75  ? -6.346  8.804   13.583  1.00 1.49 ? 75  PHE A H    1 
ATOM 1052 H HA   . PHE A 1 75  ? -6.572  6.036   12.484  1.00 0.88 ? 75  PHE A HA   1 
ATOM 1053 H HB2  . PHE A 1 75  ? -6.402  6.027   14.832  1.00 0.98 ? 75  PHE A HB2  1 
ATOM 1054 H HB3  . PHE A 1 75  ? -7.397  7.471   15.003  1.00 1.05 ? 75  PHE A HB3  1 
ATOM 1055 H HD1  . PHE A 1 75  ? -9.883  7.297   14.302  1.00 2.39 ? 75  PHE A HD1  1 
ATOM 1056 H HD2  . PHE A 1 75  ? -7.370  3.887   15.013  1.00 2.22 ? 75  PHE A HD2  1 
ATOM 1057 H HE1  . PHE A 1 75  ? -11.893 5.879   14.604  1.00 2.46 ? 75  PHE A HE1  1 
ATOM 1058 H HE2  . PHE A 1 75  ? -9.382  2.468   15.313  1.00 2.16 ? 75  PHE A HE2  1 
ATOM 1059 H HZ   . PHE A 1 75  ? -11.645 3.465   15.107  1.00 0.98 ? 75  PHE A HZ   1 
ATOM 1060 N N    . LYS A 1 76  ? -9.134  6.180   11.901  1.00 0.86 ? 76  LYS A N    1 
ATOM 1061 C CA   . LYS A 1 76  ? -10.438 6.433   11.223  1.00 0.90 ? 76  LYS A CA   1 
ATOM 1062 C C    . LYS A 1 76  ? -11.297 5.166   11.235  1.00 0.83 ? 76  LYS A C    1 
ATOM 1063 O O    . LYS A 1 76  ? -10.796 4.065   11.327  1.00 0.82 ? 76  LYS A O    1 
ATOM 1064 C CB   . LYS A 1 76  ? -10.071 6.815   9.789   1.00 0.95 ? 76  LYS A CB   1 
ATOM 1065 C CG   . LYS A 1 76  ? -9.804  8.320   9.712   1.00 1.11 ? 76  LYS A CG   1 
ATOM 1066 C CD   . LYS A 1 76  ? -10.432 8.884   8.436   1.00 1.25 ? 76  LYS A CD   1 
ATOM 1067 C CE   . LYS A 1 76  ? -10.632 10.394  8.592   1.00 1.80 ? 76  LYS A CE   1 
ATOM 1068 N NZ   . LYS A 1 76  ? -12.098 10.569  8.792   1.00 2.41 ? 76  LYS A NZ   1 
ATOM 1069 H H    . LYS A 1 76  ? -8.833  5.260   12.060  1.00 0.96 ? 76  LYS A H    1 
ATOM 1070 H HA   . LYS A 1 76  ? -10.960 7.248   11.700  1.00 0.98 ? 76  LYS A HA   1 
ATOM 1071 H HB2  . LYS A 1 76  ? -9.185  6.275   9.489   1.00 1.17 ? 76  LYS A HB2  1 
ATOM 1072 H HB3  . LYS A 1 76  ? -10.887 6.563   9.129   1.00 1.07 ? 76  LYS A HB3  1 
ATOM 1073 H HG2  . LYS A 1 76  ? -10.238 8.806   10.574  1.00 1.47 ? 76  LYS A HG2  1 
ATOM 1074 H HG3  . LYS A 1 76  ? -8.740  8.496   9.696   1.00 1.58 ? 76  LYS A HG3  1 
ATOM 1075 H HD2  . LYS A 1 76  ? -9.779  8.691   7.597   1.00 1.51 ? 76  LYS A HD2  1 
ATOM 1076 H HD3  . LYS A 1 76  ? -11.388 8.413   8.265   1.00 1.61 ? 76  LYS A HD3  1 
ATOM 1077 H HE2  . LYS A 1 76  ? -10.086 10.757  9.451   1.00 2.19 ? 76  LYS A HE2  1 
ATOM 1078 H HE3  . LYS A 1 76  ? -10.317 10.909  7.698   1.00 2.24 ? 76  LYS A HE3  1 
ATOM 1079 H HZ1  . LYS A 1 76  ? -12.610 10.163  7.984   1.00 2.73 ? 76  LYS A HZ1  1 
ATOM 1080 H HZ2  . LYS A 1 76  ? -12.388 10.083  9.666   1.00 2.91 ? 76  LYS A HZ2  1 
ATOM 1081 H HZ3  . LYS A 1 76  ? -12.320 11.581  8.867   1.00 2.75 ? 76  LYS A HZ3  1 
ATOM 1082 N N    . ARG A 1 77  ? -12.590 5.310   11.141  1.00 0.86 ? 77  ARG A N    1 
ATOM 1083 C CA   . ARG A 1 77  ? -13.470 4.108   11.144  1.00 0.83 ? 77  ARG A CA   1 
ATOM 1084 C C    . ARG A 1 77  ? -12.985 3.103   10.099  1.00 0.76 ? 77  ARG A C    1 
ATOM 1085 O O    . ARG A 1 77  ? -13.174 1.910   10.231  1.00 0.73 ? 77  ARG A O    1 
ATOM 1086 C CB   . ARG A 1 77  ? -14.859 4.632   10.780  1.00 0.93 ? 77  ARG A CB   1 
ATOM 1087 C CG   . ARG A 1 77  ? -15.761 4.578   12.013  1.00 1.02 ? 77  ARG A CG   1 
ATOM 1088 C CD   . ARG A 1 77  ? -17.219 4.755   11.585  1.00 1.25 ? 77  ARG A CD   1 
ATOM 1089 N NE   . ARG A 1 77  ? -18.002 4.658   12.847  1.00 1.75 ? 77  ARG A NE   1 
ATOM 1090 C CZ   . ARG A 1 77  ? -18.378 5.743   13.466  1.00 2.28 ? 77  ARG A CZ   1 
ATOM 1091 N NH1  . ARG A 1 77  ? -17.593 6.785   13.491  1.00 2.90 ? 77  ARG A NH1  1 
ATOM 1092 N NH2  . ARG A 1 77  ? -19.540 5.787   14.058  1.00 2.85 ? 77  ARG A NH2  1 
ATOM 1093 H H    . ARG A 1 77  ? -12.980 6.205   11.065  1.00 0.94 ? 77  ARG A H    1 
ATOM 1094 H HA   . ARG A 1 77  ? -13.490 3.657   12.123  1.00 0.85 ? 77  ARG A HA   1 
ATOM 1095 H HB2  . ARG A 1 77  ? -14.779 5.652   10.435  1.00 0.99 ? 77  ARG A HB2  1 
ATOM 1096 H HB3  . ARG A 1 77  ? -15.282 4.019   9.999   1.00 1.03 ? 77  ARG A HB3  1 
ATOM 1097 H HG2  . ARG A 1 77  ? -15.642 3.623   12.503  1.00 1.13 ? 77  ARG A HG2  1 
ATOM 1098 H HG3  . ARG A 1 77  ? -15.487 5.369   12.692  1.00 1.06 ? 77  ARG A HG3  1 
ATOM 1099 H HD2  . ARG A 1 77  ? -17.359 5.725   11.125  1.00 1.53 ? 77  ARG A HD2  1 
ATOM 1100 H HD3  . ARG A 1 77  ? -17.511 3.969   10.907  1.00 1.81 ? 77  ARG A HD3  1 
ATOM 1101 H HE   . ARG A 1 77  ? -18.232 3.779   13.214  1.00 2.27 ? 77  ARG A HE   1 
ATOM 1102 H HH11 . ARG A 1 77  ? -16.704 6.753   13.036  1.00 3.12 ? 77  ARG A HH11 1 
ATOM 1103 H HH12 . ARG A 1 77  ? -17.882 7.617   13.965  1.00 3.49 ? 77  ARG A HH12 1 
ATOM 1104 H HH21 . ARG A 1 77  ? -20.141 4.989   14.036  1.00 3.04 ? 77  ARG A HH21 1 
ATOM 1105 H HH22 . ARG A 1 77  ? -19.829 6.619   14.531  1.00 3.44 ? 77  ARG A HH22 1 
ATOM 1106 N N    . SER A 1 78  ? -12.361 3.580   9.057   1.00 0.78 ? 78  SER A N    1 
ATOM 1107 C CA   . SER A 1 78  ? -11.858 2.660   7.997   1.00 0.77 ? 78  SER A CA   1 
ATOM 1108 C C    . SER A 1 78  ? -10.539 3.185   7.424   1.00 0.76 ? 78  SER A C    1 
ATOM 1109 O O    . SER A 1 78  ? -10.243 4.362   7.498   1.00 0.95 ? 78  SER A O    1 
ATOM 1110 C CB   . SER A 1 78  ? -12.945 2.662   6.923   1.00 0.88 ? 78  SER A CB   1 
ATOM 1111 O OG   . SER A 1 78  ? -12.892 1.440   6.198   1.00 1.64 ? 78  SER A OG   1 
ATOM 1112 H H    . SER A 1 78  ? -12.220 4.547   8.973   1.00 0.86 ? 78  SER A H    1 
ATOM 1113 H HA   . SER A 1 78  ? -11.731 1.664   8.390   1.00 0.78 ? 78  SER A HA   1 
ATOM 1114 H HB2  . SER A 1 78  ? -13.913 2.759   7.386   1.00 1.37 ? 78  SER A HB2  1 
ATOM 1115 H HB3  . SER A 1 78  ? -12.785 3.497   6.253   1.00 1.34 ? 78  SER A HB3  1 
ATOM 1116 H HG   . SER A 1 78  ? -12.874 0.720   6.832   1.00 2.10 ? 78  SER A HG   1 
ATOM 1117 N N    . TYR A 1 79  ? -9.743  2.321   6.854   1.00 0.69 ? 79  TYR A N    1 
ATOM 1118 C CA   . TYR A 1 79  ? -8.443  2.770   6.276   1.00 0.71 ? 79  TYR A CA   1 
ATOM 1119 C C    . TYR A 1 79  ? -8.281  2.208   4.855   1.00 0.74 ? 79  TYR A C    1 
ATOM 1120 O O    . TYR A 1 79  ? -9.250  1.864   4.207   1.00 0.73 ? 79  TYR A O    1 
ATOM 1121 C CB   . TYR A 1 79  ? -7.378  2.207   7.220   1.00 0.74 ? 79  TYR A CB   1 
ATOM 1122 C CG   . TYR A 1 79  ? -7.766  2.492   8.657   1.00 0.65 ? 79  TYR A CG   1 
ATOM 1123 C CD1  . TYR A 1 79  ? -8.782  1.748   9.278   1.00 1.31 ? 79  TYR A CD1  1 
ATOM 1124 C CD2  . TYR A 1 79  ? -7.104  3.498   9.371   1.00 1.42 ? 79  TYR A CD2  1 
ATOM 1125 C CE1  . TYR A 1 79  ? -9.131  2.014   10.606  1.00 1.29 ? 79  TYR A CE1  1 
ATOM 1126 C CE2  . TYR A 1 79  ? -7.455  3.762   10.700  1.00 1.50 ? 79  TYR A CE2  1 
ATOM 1127 C CZ   . TYR A 1 79  ? -8.468  3.020   11.317  1.00 0.80 ? 79  TYR A CZ   1 
ATOM 1128 O OH   . TYR A 1 79  ? -8.814  3.280   12.626  1.00 0.98 ? 79  TYR A OH   1 
ATOM 1129 H H    . TYR A 1 79  ? -10.001 1.377   6.806   1.00 0.73 ? 79  TYR A H    1 
ATOM 1130 H HA   . TYR A 1 79  ? -8.392  3.847   6.263   1.00 0.77 ? 79  TYR A HA   1 
ATOM 1131 H HB2  . TYR A 1 79  ? -7.294  1.142   7.075   1.00 0.81 ? 79  TYR A HB2  1 
ATOM 1132 H HB3  . TYR A 1 79  ? -6.428  2.675   7.008   1.00 0.90 ? 79  TYR A HB3  1 
ATOM 1133 H HD1  . TYR A 1 79  ? -9.297  0.970   8.733   1.00 2.19 ? 79  TYR A HD1  1 
ATOM 1134 H HD2  . TYR A 1 79  ? -6.322  4.068   8.901   1.00 2.26 ? 79  TYR A HD2  1 
ATOM 1135 H HE1  . TYR A 1 79  ? -9.913  1.441   11.083  1.00 2.12 ? 79  TYR A HE1  1 
ATOM 1136 H HE2  . TYR A 1 79  ? -6.944  4.538   11.250  1.00 2.40 ? 79  TYR A HE2  1 
ATOM 1137 H HH   . TYR A 1 79  ? -9.726  3.581   12.637  1.00 1.46 ? 79  TYR A HH   1 
ATOM 1138 N N    . SER A 1 80  ? -7.073  2.118   4.356   1.00 0.90 ? 80  SER A N    1 
ATOM 1139 C CA   . SER A 1 80  ? -6.883  1.584   2.970   1.00 0.99 ? 80  SER A CA   1 
ATOM 1140 C C    . SER A 1 80  ? -5.518  0.875   2.836   1.00 1.29 ? 80  SER A C    1 
ATOM 1141 O O    . SER A 1 80  ? -5.222  -0.053  3.555   1.00 2.22 ? 80  SER A O    1 
ATOM 1142 C CB   . SER A 1 80  ? -6.950  2.815   2.068   1.00 1.10 ? 80  SER A CB   1 
ATOM 1143 O OG   . SER A 1 80  ? -5.842  3.662   2.346   1.00 1.62 ? 80  SER A OG   1 
ATOM 1144 H H    . SER A 1 80  ? -6.298  2.404   4.885   1.00 1.03 ? 80  SER A H    1 
ATOM 1145 H HA   . SER A 1 80  ? -7.689  0.906   2.723   1.00 0.92 ? 80  SER A HA   1 
ATOM 1146 H HB2  . SER A 1 80  ? -6.913  2.511   1.036   1.00 1.58 ? 80  SER A HB2  1 
ATOM 1147 H HB3  . SER A 1 80  ? -7.876  3.344   2.251   1.00 1.35 ? 80  SER A HB3  1 
ATOM 1148 H HG   . SER A 1 80  ? -5.693  3.654   3.294   1.00 1.96 ? 80  SER A HG   1 
ATOM 1149 N N    . TYR A 1 81  ? -4.685  1.292   1.912   1.00 0.95 ? 81  TYR A N    1 
ATOM 1150 C CA   . TYR A 1 81  ? -3.356  0.628   1.742   1.00 1.11 ? 81  TYR A CA   1 
ATOM 1151 C C    . TYR A 1 81  ? -2.266  1.425   2.489   1.00 1.27 ? 81  TYR A C    1 
ATOM 1152 O O    . TYR A 1 81  ? -1.084  1.238   2.273   1.00 1.87 ? 81  TYR A O    1 
ATOM 1153 C CB   . TYR A 1 81  ? -3.144  0.614   0.216   1.00 1.26 ? 81  TYR A CB   1 
ATOM 1154 C CG   . TYR A 1 81  ? -1.754  1.070   -0.164  1.00 1.23 ? 81  TYR A CG   1 
ATOM 1155 C CD1  . TYR A 1 81  ? -1.386  2.409   0.004   1.00 1.84 ? 81  TYR A CD1  1 
ATOM 1156 C CD2  . TYR A 1 81  ? -0.837  0.151   -0.688  1.00 1.62 ? 81  TYR A CD2  1 
ATOM 1157 C CE1  . TYR A 1 81  ? -0.100  2.831   -0.352  1.00 1.85 ? 81  TYR A CE1  1 
ATOM 1158 C CE2  . TYR A 1 81  ? 0.449   0.572   -1.042  1.00 1.71 ? 81  TYR A CE2  1 
ATOM 1159 C CZ   . TYR A 1 81  ? 0.818   1.912   -0.875  1.00 1.38 ? 81  TYR A CZ   1 
ATOM 1160 O OH   . TYR A 1 81  ? 2.087   2.327   -1.224  1.00 1.52 ? 81  TYR A OH   1 
ATOM 1161 H H    . TYR A 1 81  ? -4.934  2.032   1.322   1.00 1.22 ? 81  TYR A H    1 
ATOM 1162 H HA   . TYR A 1 81  ? -3.393  -0.386  2.113   1.00 1.13 ? 81  TYR A HA   1 
ATOM 1163 H HB2  . TYR A 1 81  ? -3.293  -0.389  -0.149  1.00 1.31 ? 81  TYR A HB2  1 
ATOM 1164 H HB3  . TYR A 1 81  ? -3.869  1.266   -0.243  1.00 1.40 ? 81  TYR A HB3  1 
ATOM 1165 H HD1  . TYR A 1 81  ? -2.096  3.117   0.406   1.00 2.62 ? 81  TYR A HD1  1 
ATOM 1166 H HD2  . TYR A 1 81  ? -1.124  -0.882  -0.817  1.00 2.30 ? 81  TYR A HD2  1 
ATOM 1167 H HE1  . TYR A 1 81  ? 0.184   3.865   -0.222  1.00 2.60 ? 81  TYR A HE1  1 
ATOM 1168 H HE2  . TYR A 1 81  ? 1.155   -0.138  -1.448  1.00 2.46 ? 81  TYR A HE2  1 
ATOM 1169 H HH   . TYR A 1 81  ? 2.538   2.609   -0.425  1.00 1.82 ? 81  TYR A HH   1 
ATOM 1170 N N    . ASN A 1 82  ? -2.655  2.301   3.378   1.00 1.24 ? 82  ASN A N    1 
ATOM 1171 C CA   . ASN A 1 82  ? -1.647  3.093   4.140   1.00 1.35 ? 82  ASN A CA   1 
ATOM 1172 C C    . ASN A 1 82  ? -2.267  3.645   5.429   1.00 1.22 ? 82  ASN A C    1 
ATOM 1173 O O    . ASN A 1 82  ? -2.414  2.933   6.401   1.00 1.22 ? 82  ASN A O    1 
ATOM 1174 C CB   . ASN A 1 82  ? -1.224  4.228   3.200   1.00 1.53 ? 82  ASN A CB   1 
ATOM 1175 C CG   . ASN A 1 82  ? -2.445  4.771   2.453   1.00 2.21 ? 82  ASN A CG   1 
ATOM 1176 O OD1  . ASN A 1 82  ? -3.553  4.708   2.948   1.00 2.69 ? 82  ASN A OD1  1 
ATOM 1177 N ND2  . ASN A 1 82  ? -2.288  5.307   1.273   1.00 2.94 ? 82  ASN A ND2  1 
ATOM 1178 H H    . ASN A 1 82  ? -3.608  2.431   3.553   1.00 1.55 ? 82  ASN A H    1 
ATOM 1179 H HA   . ASN A 1 82  ? -0.791  2.481   4.381   1.00 1.45 ? 82  ASN A HA   1 
ATOM 1180 H HB2  . ASN A 1 82  ? -0.773  5.022   3.777   1.00 1.83 ? 82  ASN A HB2  1 
ATOM 1181 H HB3  . ASN A 1 82  ? -0.506  3.852   2.485   1.00 1.68 ? 82  ASN A HB3  1 
ATOM 1182 H HD21 . ASN A 1 82  ? -1.394  5.359   0.874   1.00 3.12 ? 82  ASN A HD21 1 
ATOM 1183 H HD22 . ASN A 1 82  ? -3.062  5.659   0.788   1.00 3.59 ? 82  ASN A HD22 1 
ATOM 1184 N N    . ASP A 1 83  ? -2.622  4.904   5.459   1.00 1.26 ? 83  ASP A N    1 
ATOM 1185 C CA   . ASP A 1 83  ? -3.214  5.467   6.705   1.00 1.18 ? 83  ASP A CA   1 
ATOM 1186 C C    . ASP A 1 83  ? -2.383  5.007   7.903   1.00 1.08 ? 83  ASP A C    1 
ATOM 1187 O O    . ASP A 1 83  ? -2.771  4.122   8.640   1.00 0.96 ? 83  ASP A O    1 
ATOM 1188 C CB   . ASP A 1 83  ? -4.629  4.894   6.775   1.00 1.10 ? 83  ASP A CB   1 
ATOM 1189 C CG   . ASP A 1 83  ? -5.602  5.989   7.215   1.00 1.47 ? 83  ASP A CG   1 
ATOM 1190 O OD1  . ASP A 1 83  ? -5.168  7.122   7.347   1.00 1.90 ? 83  ASP A OD1  1 
ATOM 1191 O OD2  . ASP A 1 83  ? -6.766  5.679   7.412   1.00 2.08 ? 83  ASP A OD2  1 
ATOM 1192 H H    . ASP A 1 83  ? -2.494  5.475   4.674   1.00 1.45 ? 83  ASP A H    1 
ATOM 1193 H HA   . ASP A 1 83  ? -3.247  6.543   6.656   1.00 1.27 ? 83  ASP A HA   1 
ATOM 1194 H HB2  . ASP A 1 83  ? -4.917  4.525   5.802   1.00 1.19 ? 83  ASP A HB2  1 
ATOM 1195 H HB3  . ASP A 1 83  ? -4.656  4.085   7.489   1.00 1.13 ? 83  ASP A HB3  1 
ATOM 1196 N N    . ASN A 1 84  ? -1.229  5.585   8.086   1.00 1.15 ? 84  ASN A N    1 
ATOM 1197 C CA   . ASN A 1 84  ? -0.357  5.165   9.217   1.00 1.08 ? 84  ASN A CA   1 
ATOM 1198 C C    . ASN A 1 84  ? -0.962  5.586   10.561  1.00 1.03 ? 84  ASN A C    1 
ATOM 1199 O O    . ASN A 1 84  ? -1.343  6.725   10.751  1.00 1.17 ? 84  ASN A O    1 
ATOM 1200 C CB   . ASN A 1 84  ? 0.967   5.890   8.979   1.00 1.21 ? 84  ASN A CB   1 
ATOM 1201 C CG   . ASN A 1 84  ? 2.100   5.116   9.657   1.00 1.86 ? 84  ASN A CG   1 
ATOM 1202 O OD1  . ASN A 1 84  ? 1.944   4.630   10.760  1.00 2.52 ? 84  ASN A OD1  1 
ATOM 1203 N ND2  . ASN A 1 84  ? 3.240   4.980   9.040   1.00 2.44 ? 84  ASN A ND2  1 
ATOM 1204 H H    . ASN A 1 84  ? -0.928  6.284   7.467   1.00 1.25 ? 84  ASN A H    1 
ATOM 1205 H HA   . ASN A 1 84  ? -0.199  4.102   9.187   1.00 1.01 ? 84  ASN A HA   1 
ATOM 1206 H HB2  . ASN A 1 84  ? 1.157   5.953   7.917   1.00 1.45 ? 84  ASN A HB2  1 
ATOM 1207 H HB3  . ASN A 1 84  ? 0.913   6.884   9.396   1.00 1.42 ? 84  ASN A HB3  1 
ATOM 1208 H HD21 . ASN A 1 84  ? 3.366   5.371   8.149   1.00 2.62 ? 84  ASN A HD21 1 
ATOM 1209 H HD22 . ASN A 1 84  ? 3.973   4.487   9.466   1.00 3.06 ? 84  ASN A HD22 1 
ATOM 1210 N N    . VAL A 1 85  ? -1.042  4.678   11.499  1.00 0.92 ? 85  VAL A N    1 
ATOM 1211 C CA   . VAL A 1 85  ? -1.610  5.033   12.833  1.00 0.88 ? 85  VAL A CA   1 
ATOM 1212 C C    . VAL A 1 85  ? -0.536  4.905   13.918  1.00 0.85 ? 85  VAL A C    1 
ATOM 1213 O O    . VAL A 1 85  ? 0.012   3.845   14.142  1.00 0.77 ? 85  VAL A O    1 
ATOM 1214 C CB   . VAL A 1 85  ? -2.740  4.038   13.091  1.00 0.77 ? 85  VAL A CB   1 
ATOM 1215 C CG1  . VAL A 1 85  ? -3.894  4.316   12.126  1.00 0.88 ? 85  VAL A CG1  1 
ATOM 1216 C CG2  . VAL A 1 85  ? -2.240  2.609   12.880  1.00 0.66 ? 85  VAL A CG2  1 
ATOM 1217 H H    . VAL A 1 85  ? -0.720  3.769   11.329  1.00 0.94 ? 85  VAL A H    1 
ATOM 1218 H HA   . VAL A 1 85  ? -2.009  6.032   12.817  1.00 0.98 ? 85  VAL A HA   1 
ATOM 1219 H HB   . VAL A 1 85  ? -3.084  4.156   14.109  1.00 0.77 ? 85  VAL A HB   1 
ATOM 1220 H HG11 . VAL A 1 85  ? -4.050  5.382   12.048  1.00 1.31 ? 85  VAL A HG11 1 
ATOM 1221 H HG12 . VAL A 1 85  ? -3.654  3.916   11.153  1.00 1.44 ? 85  VAL A HG12 1 
ATOM 1222 H HG13 . VAL A 1 85  ? -4.792  3.846   12.497  1.00 1.34 ? 85  VAL A HG13 1 
ATOM 1223 H HG21 . VAL A 1 85  ? -1.392  2.426   13.521  1.00 1.25 ? 85  VAL A HG21 1 
ATOM 1224 H HG22 . VAL A 1 85  ? -3.032  1.914   13.124  1.00 1.10 ? 85  VAL A HG22 1 
ATOM 1225 H HG23 . VAL A 1 85  ? -1.951  2.475   11.849  1.00 1.26 ? 85  VAL A HG23 1 
ATOM 1226 N N    . ASP A 1 86  ? -0.246  5.974   14.604  1.00 0.94 ? 86  ASP A N    1 
ATOM 1227 C CA   . ASP A 1 86  ? 0.777   5.909   15.690  1.00 0.93 ? 86  ASP A CA   1 
ATOM 1228 C C    . ASP A 1 86  ? 0.124   5.338   16.946  1.00 0.84 ? 86  ASP A C    1 
ATOM 1229 O O    . ASP A 1 86  ? -0.943  5.760   17.342  1.00 0.90 ? 86  ASP A O    1 
ATOM 1230 C CB   . ASP A 1 86  ? 1.216   7.356   15.918  1.00 1.08 ? 86  ASP A CB   1 
ATOM 1231 C CG   . ASP A 1 86  ? 2.095   7.814   14.753  1.00 1.15 ? 86  ASP A CG   1 
ATOM 1232 O OD1  . ASP A 1 86  ? 3.045   7.114   14.442  1.00 1.63 ? 86  ASP A OD1  1 
ATOM 1233 O OD2  . ASP A 1 86  ? 1.804   8.858   14.192  1.00 1.61 ? 86  ASP A OD2  1 
ATOM 1234 H H    . ASP A 1 86  ? -0.712  6.814   14.417  1.00 1.04 ? 86  ASP A H    1 
ATOM 1235 H HA   . ASP A 1 86  ? 1.619   5.302   15.389  1.00 0.90 ? 86  ASP A HA   1 
ATOM 1236 H HB2  . ASP A 1 86  ? 0.344   7.989   15.984  1.00 1.25 ? 86  ASP A HB2  1 
ATOM 1237 H HB3  . ASP A 1 86  ? 1.778   7.420   16.838  1.00 1.21 ? 86  ASP A HB3  1 
ATOM 1238 N N    . PHE A 1 87  ? 0.732   4.367   17.563  1.00 0.75 ? 87  PHE A N    1 
ATOM 1239 C CA   . PHE A 1 87  ? 0.100   3.770   18.768  1.00 0.70 ? 87  PHE A CA   1 
ATOM 1240 C C    . PHE A 1 87  ? 0.548   4.467   20.050  1.00 0.80 ? 87  PHE A C    1 
ATOM 1241 O O    . PHE A 1 87  ? 1.721   4.662   20.305  1.00 0.86 ? 87  PHE A O    1 
ATOM 1242 C CB   . PHE A 1 87  ? 0.508   2.303   18.743  1.00 0.59 ? 87  PHE A CB   1 
ATOM 1243 C CG   . PHE A 1 87  ? -0.405  1.613   17.770  1.00 0.52 ? 87  PHE A CG   1 
ATOM 1244 C CD1  . PHE A 1 87  ? -1.750  1.430   18.101  1.00 1.30 ? 87  PHE A CD1  1 
ATOM 1245 C CD2  . PHE A 1 87  ? 0.075   1.197   16.525  1.00 1.24 ? 87  PHE A CD2  1 
ATOM 1246 C CE1  . PHE A 1 87  ? -2.619  0.833   17.188  1.00 1.29 ? 87  PHE A CE1  1 
ATOM 1247 C CE2  . PHE A 1 87  ? -0.794  0.590   15.611  1.00 1.24 ? 87  PHE A CE2  1 
ATOM 1248 C CZ   . PHE A 1 87  ? -2.141  0.412   15.944  1.00 0.50 ? 87  PHE A CZ   1 
ATOM 1249 H H    . PHE A 1 87  ? 1.583   4.019   17.224  1.00 0.74 ? 87  PHE A H    1 
ATOM 1250 H HA   . PHE A 1 87  ? -0.972  3.836   18.678  1.00 0.71 ? 87  PHE A HA   1 
ATOM 1251 H HB2  . PHE A 1 87  ? 1.536   2.211   18.418  1.00 0.61 ? 87  PHE A HB2  1 
ATOM 1252 H HB3  . PHE A 1 87  ? 0.390   1.869   19.723  1.00 0.61 ? 87  PHE A HB3  1 
ATOM 1253 H HD1  . PHE A 1 87  ? -2.118  1.753   19.064  1.00 2.16 ? 87  PHE A HD1  1 
ATOM 1254 H HD2  . PHE A 1 87  ? 1.116   1.336   16.271  1.00 2.09 ? 87  PHE A HD2  1 
ATOM 1255 H HE1  . PHE A 1 87  ? -3.656  0.691   17.446  1.00 2.14 ? 87  PHE A HE1  1 
ATOM 1256 H HE2  . PHE A 1 87  ? -0.426  0.264   14.650  1.00 2.10 ? 87  PHE A HE2  1 
ATOM 1257 H HZ   . PHE A 1 87  ? -2.814  -0.042  15.236  1.00 0.54 ? 87  PHE A HZ   1 
ATOM 1258 N N    . LYS A 1 88  ? -0.408  4.846   20.849  1.00 0.87 ? 88  LYS A N    1 
ATOM 1259 C CA   . LYS A 1 88  ? -0.119  5.542   22.130  1.00 0.99 ? 88  LYS A CA   1 
ATOM 1260 C C    . LYS A 1 88  ? -0.363  4.598   23.306  1.00 1.00 ? 88  LYS A C    1 
ATOM 1261 O O    . LYS A 1 88  ? -1.471  4.473   23.789  1.00 1.12 ? 88  LYS A O    1 
ATOM 1262 C CB   . LYS A 1 88  ? -1.132  6.682   22.162  1.00 1.10 ? 88  LYS A CB   1 
ATOM 1263 C CG   . LYS A 1 88  ? -0.497  7.920   22.799  1.00 1.31 ? 88  LYS A CG   1 
ATOM 1264 C CD   . LYS A 1 88  ? -1.578  8.745   23.502  1.00 1.54 ? 88  LYS A CD   1 
ATOM 1265 C CE   . LYS A 1 88  ? -0.918  9.823   24.365  1.00 1.77 ? 88  LYS A CE   1 
ATOM 1266 N NZ   . LYS A 1 88  ? -0.135  10.656  23.409  1.00 2.42 ? 88  LYS A NZ   1 
ATOM 1267 H H    . LYS A 1 88  ? -1.338  4.670   20.599  1.00 0.86 ? 88  LYS A H    1 
ATOM 1268 H HA   . LYS A 1 88  ? 0.885   5.932   22.143  1.00 1.03 ? 88  LYS A HA   1 
ATOM 1269 H HB2  . LYS A 1 88  ? -1.447  6.908   21.153  1.00 1.07 ? 88  LYS A HB2  1 
ATOM 1270 H HB3  . LYS A 1 88  ? -1.992  6.377   22.744  1.00 1.16 ? 88  LYS A HB3  1 
ATOM 1271 H HG2  . LYS A 1 88  ? 0.248   7.613   23.518  1.00 1.80 ? 88  LYS A HG2  1 
ATOM 1272 H HG3  . LYS A 1 88  ? -0.032  8.521   22.032  1.00 1.60 ? 88  LYS A HG3  1 
ATOM 1273 H HD2  . LYS A 1 88  ? -2.211  9.213   22.762  1.00 1.95 ? 88  LYS A HD2  1 
ATOM 1274 H HD3  . LYS A 1 88  ? -2.172  8.099   24.130  1.00 2.15 ? 88  LYS A HD3  1 
ATOM 1275 H HE2  . LYS A 1 88  ? -1.671  10.421  24.859  1.00 2.11 ? 88  LYS A HE2  1 
ATOM 1276 H HE3  . LYS A 1 88  ? -0.257  9.373   25.090  1.00 2.14 ? 88  LYS A HE3  1 
ATOM 1277 H HZ1  . LYS A 1 88  ? -0.749  10.954  22.624  1.00 2.85 ? 88  LYS A HZ1  1 
ATOM 1278 H HZ2  . LYS A 1 88  ? 0.231   11.497  23.902  1.00 2.85 ? 88  LYS A HZ2  1 
ATOM 1279 H HZ3  . LYS A 1 88  ? 0.659   10.101  23.034  1.00 2.76 ? 88  LYS A HZ3  1 
ATOM 1280 N N    . CYS A 1 89  ? 0.655   3.934   23.777  1.00 1.00 ? 89  CYS A N    1 
ATOM 1281 C CA   . CYS A 1 89  ? 0.457   3.008   24.925  1.00 1.03 ? 89  CYS A CA   1 
ATOM 1282 C C    . CYS A 1 89  ? -0.416  3.679   25.988  1.00 1.17 ? 89  CYS A C    1 
ATOM 1283 O O    . CYS A 1 89  ? -0.192  4.814   26.357  1.00 1.26 ? 89  CYS A O    1 
ATOM 1284 C CB   . CYS A 1 89  ? 1.858   2.742   25.469  1.00 1.06 ? 89  CYS A CB   1 
ATOM 1285 S SG   . CYS A 1 89  ? 2.057   0.968   25.752  1.00 1.06 ? 89  CYS A SG   1 
ATOM 1286 H H    . CYS A 1 89  ? 1.543   4.045   23.379  1.00 1.07 ? 89  CYS A H    1 
ATOM 1287 H HA   . CYS A 1 89  ? 0.006   2.085   24.594  1.00 0.97 ? 89  CYS A HA   1 
ATOM 1288 H HB2  . CYS A 1 89  ? 2.593   3.077   24.751  1.00 1.04 ? 89  CYS A HB2  1 
ATOM 1289 H HB3  . CYS A 1 89  ? 1.993   3.273   26.399  1.00 1.15 ? 89  CYS A HB3  1 
ATOM 1290 N N    . LYS A 1 90  ? -1.416  2.993   26.471  1.00 1.20 ? 90  LYS A N    1 
ATOM 1291 C CA   . LYS A 1 90  ? -2.307  3.604   27.501  1.00 1.36 ? 90  LYS A CA   1 
ATOM 1292 C C    . LYS A 1 90  ? -1.482  4.393   28.523  1.00 1.44 ? 90  LYS A C    1 
ATOM 1293 O O    . LYS A 1 90  ? -1.379  5.601   28.455  1.00 1.61 ? 90  LYS A O    1 
ATOM 1294 C CB   . LYS A 1 90  ? -3.006  2.428   28.185  1.00 1.42 ? 90  LYS A CB   1 
ATOM 1295 C CG   . LYS A 1 90  ? -4.419  2.279   27.621  1.00 1.50 ? 90  LYS A CG   1 
ATOM 1296 C CD   . LYS A 1 90  ? -5.389  1.932   28.752  1.00 1.80 ? 90  LYS A CD   1 
ATOM 1297 C CE   . LYS A 1 90  ? -6.803  1.785   28.184  1.00 1.90 ? 90  LYS A CE   1 
ATOM 1298 N NZ   . LYS A 1 90  ? -7.463  0.747   29.029  1.00 2.28 ? 90  LYS A NZ   1 
ATOM 1299 H H    . LYS A 1 90  ? -1.586  2.080   26.151  1.00 1.15 ? 90  LYS A H    1 
ATOM 1300 H HA   . LYS A 1 90  ? -3.040  4.242   27.030  1.00 1.40 ? 90  LYS A HA   1 
ATOM 1301 H HB2  . LYS A 1 90  ? -2.446  1.523   28.007  1.00 1.36 ? 90  LYS A HB2  1 
ATOM 1302 H HB3  . LYS A 1 90  ? -3.063  2.613   29.247  1.00 1.53 ? 90  LYS A HB3  1 
ATOM 1303 H HG2  . LYS A 1 90  ? -4.722  3.209   27.160  1.00 1.54 ? 90  LYS A HG2  1 
ATOM 1304 H HG3  . LYS A 1 90  ? -4.432  1.492   26.884  1.00 1.60 ? 90  LYS A HG3  1 
ATOM 1305 H HD2  . LYS A 1 90  ? -5.086  1.003   29.212  1.00 2.22 ? 90  LYS A HD2  1 
ATOM 1306 H HD3  . LYS A 1 90  ? -5.380  2.720   29.490  1.00 2.28 ? 90  LYS A HD3  1 
ATOM 1307 H HE2  . LYS A 1 90  ? -7.334  2.725   28.257  1.00 2.24 ? 90  LYS A HE2  1 
ATOM 1308 H HE3  . LYS A 1 90  ? -6.762  1.454   27.159  1.00 2.35 ? 90  LYS A HE3  1 
ATOM 1309 H HZ1  . LYS A 1 90  ? -6.819  0.452   29.792  1.00 2.62 ? 90  LYS A HZ1  1 
ATOM 1310 H HZ2  . LYS A 1 90  ? -8.333  1.139   29.443  1.00 2.63 ? 90  LYS A HZ2  1 
ATOM 1311 H HZ3  . LYS A 1 90  ? -7.704  -0.076  28.442  1.00 2.66 ? 90  LYS A HZ3  1 
ATOM 1312 N N    . TYR A 1 91  ? -0.894  3.714   29.471  1.00 1.56 ? 91  TYR A N    1 
ATOM 1313 C CA   . TYR A 1 91  ? -0.075  4.419   30.502  1.00 1.63 ? 91  TYR A CA   1 
ATOM 1314 C C    . TYR A 1 91  ? 0.859   3.431   31.208  1.00 1.69 ? 91  TYR A C    1 
ATOM 1315 O O    . TYR A 1 91  ? 0.472   2.329   31.543  1.00 1.93 ? 91  TYR A O    1 
ATOM 1316 C CB   . TYR A 1 91  ? -1.092  4.987   31.491  1.00 1.83 ? 91  TYR A CB   1 
ATOM 1317 C CG   . TYR A 1 91  ? -1.167  6.486   31.332  1.00 2.16 ? 91  TYR A CG   1 
ATOM 1318 C CD1  . TYR A 1 91  ? 0.008   7.241   31.237  1.00 2.93 ? 91  TYR A CD1  1 
ATOM 1319 C CD2  . TYR A 1 91  ? -2.413  7.121   31.279  1.00 2.44 ? 91  TYR A CD2  1 
ATOM 1320 C CE1  . TYR A 1 91  ? -0.063  8.632   31.091  1.00 3.49 ? 91  TYR A CE1  1 
ATOM 1321 C CE2  . TYR A 1 91  ? -2.485  8.512   31.132  1.00 3.04 ? 91  TYR A CE2  1 
ATOM 1322 C CZ   . TYR A 1 91  ? -1.310  9.267   31.038  1.00 3.40 ? 91  TYR A CZ   1 
ATOM 1323 O OH   . TYR A 1 91  ? -1.380  10.638  30.894  1.00 4.12 ? 91  TYR A OH   1 
ATOM 1324 H H    . TYR A 1 91  ? -0.993  2.741   29.505  1.00 1.75 ? 91  TYR A H    1 
ATOM 1325 H HA   . TYR A 1 91  ? 0.491   5.219   30.053  1.00 1.65 ? 91  TYR A HA   1 
ATOM 1326 H HB2  . TYR A 1 91  ? -2.062  4.555   31.297  1.00 2.02 ? 91  TYR A HB2  1 
ATOM 1327 H HB3  . TYR A 1 91  ? -0.785  4.748   32.498  1.00 1.92 ? 91  TYR A HB3  1 
ATOM 1328 H HD1  . TYR A 1 91  ? 0.970   6.752   31.278  1.00 3.41 ? 91  TYR A HD1  1 
ATOM 1329 H HD2  . TYR A 1 91  ? -3.319  6.538   31.353  1.00 2.68 ? 91  TYR A HD2  1 
ATOM 1330 H HE1  . TYR A 1 91  ? 0.843   9.214   31.018  1.00 4.27 ? 91  TYR A HE1  1 
ATOM 1331 H HE2  . TYR A 1 91  ? -3.447  9.001   31.091  1.00 3.57 ? 91  TYR A HE2  1 
ATOM 1332 H HH   . TYR A 1 91  ? -1.640  10.828  29.989  1.00 4.34 ? 91  TYR A HH   1 
ATOM 1333 N N    . GLY A 1 92  ? 2.084   3.817   31.442  1.00 1.67 ? 92  GLY A N    1 
ATOM 1334 C CA   . GLY A 1 92  ? 3.038   2.898   32.130  1.00 1.78 ? 92  GLY A CA   1 
ATOM 1335 C C    . GLY A 1 92  ? 3.050   1.547   31.414  1.00 1.65 ? 92  GLY A C    1 
ATOM 1336 O O    . GLY A 1 92  ? 2.817   0.514   32.009  1.00 1.79 ? 92  GLY A O    1 
ATOM 1337 H H    . GLY A 1 92  ? 2.376   4.710   31.168  1.00 1.70 ? 92  GLY A H    1 
ATOM 1338 H HA2  . GLY A 1 92  ? 4.029   3.328   32.110  1.00 1.86 ? 92  GLY A HA2  1 
ATOM 1339 H HA3  . GLY A 1 92  ? 2.726   2.756   33.154  1.00 1.97 ? 92  GLY A HA3  1 
ATOM 1340 N N    . TYR A 1 93  ? 3.318   1.549   30.138  1.00 1.47 ? 93  TYR A N    1 
ATOM 1341 C CA   . TYR A 1 93  ? 3.344   0.270   29.369  1.00 1.35 ? 93  TYR A CA   1 
ATOM 1342 C C    . TYR A 1 93  ? 4.182   0.448   28.099  1.00 1.23 ? 93  TYR A C    1 
ATOM 1343 O O    . TYR A 1 93  ? 4.279   1.530   27.556  1.00 1.25 ? 93  TYR A O    1 
ATOM 1344 C CB   . TYR A 1 93  ? 1.883   0.006   29.012  1.00 1.30 ? 93  TYR A CB   1 
ATOM 1345 C CG   . TYR A 1 93  ? 1.133   -0.514  30.218  1.00 1.46 ? 93  TYR A CG   1 
ATOM 1346 C CD1  . TYR A 1 93  ? 1.670   -1.547  30.996  1.00 1.82 ? 93  TYR A CD1  1 
ATOM 1347 C CD2  . TYR A 1 93  ? -0.109  0.039   30.553  1.00 2.07 ? 93  TYR A CD2  1 
ATOM 1348 C CE1  . TYR A 1 93  ? 0.965   -2.023  32.109  1.00 1.94 ? 93  TYR A CE1  1 
ATOM 1349 C CE2  . TYR A 1 93  ? -0.813  -0.437  31.665  1.00 2.21 ? 93  TYR A CE2  1 
ATOM 1350 C CZ   . TYR A 1 93  ? -0.276  -1.468  32.442  1.00 1.79 ? 93  TYR A CZ   1 
ATOM 1351 O OH   . TYR A 1 93  ? -0.970  -1.938  33.539  1.00 1.97 ? 93  TYR A OH   1 
ATOM 1352 H H    . TYR A 1 93  ? 3.500   2.396   29.680  1.00 1.47 ? 93  TYR A H    1 
ATOM 1353 H HA   . TYR A 1 93  ? 3.730   -0.537  29.970  1.00 1.41 ? 93  TYR A HA   1 
ATOM 1354 H HB2  . TYR A 1 93  ? 1.428   0.928   28.683  1.00 1.28 ? 93  TYR A HB2  1 
ATOM 1355 H HB3  . TYR A 1 93  ? 1.833   -0.723  28.216  1.00 1.22 ? 93  TYR A HB3  1 
ATOM 1356 H HD1  . TYR A 1 93  ? 2.628   -1.974  30.738  1.00 2.44 ? 93  TYR A HD1  1 
ATOM 1357 H HD2  . TYR A 1 93  ? -0.525  0.836   29.954  1.00 2.75 ? 93  TYR A HD2  1 
ATOM 1358 H HE1  . TYR A 1 93  ? 1.376   -2.820  32.710  1.00 2.58 ? 93  TYR A HE1  1 
ATOM 1359 H HE2  . TYR A 1 93  ? -1.771  -0.009  31.922  1.00 2.96 ? 93  TYR A HE2  1 
ATOM 1360 H HH   . TYR A 1 93  ? -1.007  -2.896  33.478  1.00 2.25 ? 93  TYR A HH   1 
ATOM 1361 N N    . LYS A 1 94  ? 4.784   -0.606  27.620  1.00 1.17 ? 94  LYS A N    1 
ATOM 1362 C CA   . LYS A 1 94  ? 5.613   -0.493  26.385  1.00 1.08 ? 94  LYS A CA   1 
ATOM 1363 C C    . LYS A 1 94  ? 4.894   -1.165  25.211  1.00 0.95 ? 94  LYS A C    1 
ATOM 1364 O O    . LYS A 1 94  ? 4.407   -2.271  25.321  1.00 1.02 ? 94  LYS A O    1 
ATOM 1365 C CB   . LYS A 1 94  ? 6.914   -1.227  26.712  1.00 1.16 ? 94  LYS A CB   1 
ATOM 1366 C CG   . LYS A 1 94  ? 7.972   -0.888  25.660  1.00 1.60 ? 94  LYS A CG   1 
ATOM 1367 C CD   . LYS A 1 94  ? 9.098   -1.923  25.714  1.00 1.94 ? 94  LYS A CD   1 
ATOM 1368 C CE   . LYS A 1 94  ? 9.630   -2.176  24.301  1.00 2.36 ? 94  LYS A CE   1 
ATOM 1369 N NZ   . LYS A 1 94  ? 10.385  -0.941  23.947  1.00 3.05 ? 94  LYS A NZ   1 
ATOM 1370 H H    . LYS A 1 94  ? 4.692   -1.470  28.070  1.00 1.23 ? 94  LYS A H    1 
ATOM 1371 H HA   . LYS A 1 94  ? 5.817   0.541   26.160  1.00 1.10 ? 94  LYS A HA   1 
ATOM 1372 H HB2  . LYS A 1 94  ? 7.264   -0.921  27.687  1.00 1.46 ? 94  LYS A HB2  1 
ATOM 1373 H HB3  . LYS A 1 94  ? 6.738   -2.293  26.711  1.00 1.58 ? 94  LYS A HB3  1 
ATOM 1374 H HG2  . LYS A 1 94  ? 7.519   -0.898  24.678  1.00 2.15 ? 94  LYS A HG2  1 
ATOM 1375 H HG3  . LYS A 1 94  ? 8.378   0.092   25.859  1.00 2.06 ? 94  LYS A HG3  1 
ATOM 1376 H HD2  . LYS A 1 94  ? 9.897   -1.552  26.339  1.00 2.32 ? 94  LYS A HD2  1 
ATOM 1377 H HD3  . LYS A 1 94  ? 8.720   -2.846  26.124  1.00 2.42 ? 94  LYS A HD3  1 
ATOM 1378 H HE2  . LYS A 1 94  ? 10.286  -3.034  24.296  1.00 2.62 ? 94  LYS A HE2  1 
ATOM 1379 H HE3  . LYS A 1 94  ? 8.814   -2.319  23.611  1.00 2.67 ? 94  LYS A HE3  1 
ATOM 1380 H HZ1  . LYS A 1 94  ? 10.833  -0.551  24.800  1.00 3.42 ? 94  LYS A HZ1  1 
ATOM 1381 H HZ2  . LYS A 1 94  ? 11.118  -1.171  23.248  1.00 3.39 ? 94  LYS A HZ2  1 
ATOM 1382 H HZ3  . LYS A 1 94  ? 9.730   -0.237  23.548  1.00 3.39 ? 94  LYS A HZ3  1 
ATOM 1383 N N    . LEU A 1 95  ? 4.820   -0.505  24.091  1.00 0.90 ? 95  LEU A N    1 
ATOM 1384 C CA   . LEU A 1 95  ? 4.129   -1.113  22.918  1.00 0.78 ? 95  LEU A CA   1 
ATOM 1385 C C    . LEU A 1 95  ? 4.969   -2.250  22.336  1.00 0.80 ? 95  LEU A C    1 
ATOM 1386 O O    . LEU A 1 95  ? 5.813   -2.039  21.487  1.00 0.87 ? 95  LEU A O    1 
ATOM 1387 C CB   . LEU A 1 95  ? 3.995   0.020   21.900  1.00 0.73 ? 95  LEU A CB   1 
ATOM 1388 C CG   . LEU A 1 95  ? 2.836   0.936   22.293  1.00 0.74 ? 95  LEU A CG   1 
ATOM 1389 C CD1  . LEU A 1 95  ? 3.297   2.393   22.233  1.00 0.83 ? 95  LEU A CD1  1 
ATOM 1390 C CD2  . LEU A 1 95  ? 1.673   0.731   21.323  1.00 0.76 ? 95  LEU A CD2  1 
ATOM 1391 H H    . LEU A 1 95  ? 5.215   0.389   24.019  1.00 1.03 ? 95  LEU A H    1 
ATOM 1392 H HA   . LEU A 1 95  ? 3.152   -1.477  23.203  1.00 0.77 ? 95  LEU A HA   1 
ATOM 1393 H HB2  . LEU A 1 95  ? 4.912   0.591   21.877  1.00 0.79 ? 95  LEU A HB2  1 
ATOM 1394 H HB3  . LEU A 1 95  ? 3.806   -0.396  20.922  1.00 0.67 ? 95  LEU A HB3  1 
ATOM 1395 H HG   . LEU A 1 95  ? 2.517   0.700   23.296  1.00 0.79 ? 95  LEU A HG   1 
ATOM 1396 H HD11 . LEU A 1 95  ? 4.111   2.484   21.528  1.00 1.28 ? 95  LEU A HD11 1 
ATOM 1397 H HD12 . LEU A 1 95  ? 2.475   3.018   21.916  1.00 1.32 ? 95  LEU A HD12 1 
ATOM 1398 H HD13 . LEU A 1 95  ? 3.632   2.707   23.211  1.00 1.35 ? 95  LEU A HD13 1 
ATOM 1399 H HD21 . LEU A 1 95  ? 2.018   0.881   20.309  1.00 1.18 ? 95  LEU A HD21 1 
ATOM 1400 H HD22 . LEU A 1 95  ? 1.292   -0.273  21.427  1.00 1.30 ? 95  LEU A HD22 1 
ATOM 1401 H HD23 . LEU A 1 95  ? 0.889   1.439   21.545  1.00 1.30 ? 95  LEU A HD23 1 
ATOM 1402 N N    . SER A 1 96  ? 4.743   -3.455  22.778  1.00 0.82 ? 96  SER A N    1 
ATOM 1403 C CA   . SER A 1 96  ? 5.526   -4.599  22.236  1.00 0.87 ? 96  SER A CA   1 
ATOM 1404 C C    . SER A 1 96  ? 5.115   -4.863  20.786  1.00 0.81 ? 96  SER A C    1 
ATOM 1405 O O    . SER A 1 96  ? 4.099   -5.475  20.522  1.00 0.80 ? 96  SER A O    1 
ATOM 1406 C CB   . SER A 1 96  ? 5.163   -5.787  23.128  1.00 0.99 ? 96  SER A CB   1 
ATOM 1407 O OG   . SER A 1 96  ? 4.881   -6.917  22.315  1.00 1.14 ? 96  SER A OG   1 
ATOM 1408 H H    . SER A 1 96  ? 4.054   -3.609  23.458  1.00 0.86 ? 96  SER A H    1 
ATOM 1409 H HA   . SER A 1 96  ? 6.583   -4.397  22.300  1.00 0.93 ? 96  SER A HA   1 
ATOM 1410 H HB2  . SER A 1 96  ? 5.991   -6.017  23.778  1.00 1.06 ? 96  SER A HB2  1 
ATOM 1411 H HB3  . SER A 1 96  ? 4.298   -5.535  23.726  1.00 1.01 ? 96  SER A HB3  1 
ATOM 1412 H HG   . SER A 1 96  ? 4.958   -7.703  22.861  1.00 1.45 ? 96  SER A HG   1 
ATOM 1413 N N    . GLY A 1 97  ? 5.891   -4.400  19.844  1.00 0.82 ? 97  GLY A N    1 
ATOM 1414 C CA   . GLY A 1 97  ? 5.536   -4.623  18.414  1.00 0.82 ? 97  GLY A CA   1 
ATOM 1415 C C    . GLY A 1 97  ? 5.925   -3.395  17.587  1.00 0.82 ? 97  GLY A C    1 
ATOM 1416 O O    . GLY A 1 97  ? 7.026   -3.298  17.081  1.00 1.07 ? 97  GLY A O    1 
ATOM 1417 H H    . GLY A 1 97  ? 6.704   -3.904  20.077  1.00 0.87 ? 97  GLY A H    1 
ATOM 1418 H HA2  . GLY A 1 97  ? 6.065   -5.489  18.044  1.00 0.91 ? 97  GLY A HA2  1 
ATOM 1419 H HA3  . GLY A 1 97  ? 4.474   -4.786  18.330  1.00 0.78 ? 97  GLY A HA3  1 
ATOM 1420 N N    . SER A 1 98  ? 5.026   -2.461  17.434  1.00 0.72 ? 98  SER A N    1 
ATOM 1421 C CA   . SER A 1 98  ? 5.339   -1.246  16.629  1.00 0.74 ? 98  SER A CA   1 
ATOM 1422 C C    . SER A 1 98  ? 4.438   -0.077  17.043  1.00 0.72 ? 98  SER A C    1 
ATOM 1423 O O    . SER A 1 98  ? 3.234   -0.122  16.887  1.00 1.04 ? 98  SER A O    1 
ATOM 1424 C CB   . SER A 1 98  ? 5.054   -1.663  15.189  1.00 0.80 ? 98  SER A CB   1 
ATOM 1425 O OG   . SER A 1 98  ? 5.875   -0.907  14.309  1.00 1.41 ? 98  SER A OG   1 
ATOM 1426 H H    . SER A 1 98  ? 4.143   -2.562  17.841  1.00 0.80 ? 98  SER A H    1 
ATOM 1427 H HA   . SER A 1 98  ? 6.379   -0.980  16.736  1.00 0.83 ? 98  SER A HA   1 
ATOM 1428 H HB2  . SER A 1 98  ? 5.274   -2.711  15.067  1.00 0.93 ? 98  SER A HB2  1 
ATOM 1429 H HB3  . SER A 1 98  ? 4.009   -1.492  14.960  1.00 1.13 ? 98  SER A HB3  1 
ATOM 1430 H HG   . SER A 1 98  ? 5.841   0.011   14.585  1.00 1.76 ? 98  SER A HG   1 
ATOM 1431 N N    . SER A 1 99  ? 5.014   0.970   17.572  1.00 0.73 ? 99  SER A N    1 
ATOM 1432 C CA   . SER A 1 99  ? 4.195   2.143   18.001  1.00 0.73 ? 99  SER A CA   1 
ATOM 1433 C C    . SER A 1 99  ? 3.704   2.936   16.787  1.00 0.77 ? 99  SER A C    1 
ATOM 1434 O O    . SER A 1 99  ? 3.034   3.940   16.922  1.00 1.02 ? 99  SER A O    1 
ATOM 1435 C CB   . SER A 1 99  ? 5.141   2.994   18.848  1.00 0.90 ? 99  SER A CB   1 
ATOM 1436 O OG   . SER A 1 99  ? 6.039   2.142   19.546  1.00 1.51 ? 99  SER A OG   1 
ATOM 1437 H H    . SER A 1 99  ? 5.987   0.985   17.689  1.00 1.00 ? 99  SER A H    1 
ATOM 1438 H HA   . SER A 1 99  ? 3.358   1.822   18.600  1.00 0.66 ? 99  SER A HA   1 
ATOM 1439 H HB2  . SER A 1 99  ? 5.704   3.654   18.208  1.00 1.45 ? 99  SER A HB2  1 
ATOM 1440 H HB3  . SER A 1 99  ? 4.565   3.582   19.550  1.00 1.16 ? 99  SER A HB3  1 
ATOM 1441 H HG   . SER A 1 99  ? 6.934   2.434   19.357  1.00 1.87 ? 99  SER A HG   1 
ATOM 1442 N N    . SER A 1 100 ? 4.024   2.496   15.604  1.00 0.86 ? 100 SER A N    1 
ATOM 1443 C CA   . SER A 1 100 ? 3.565   3.228   14.390  1.00 0.89 ? 100 SER A CA   1 
ATOM 1444 C C    . SER A 1 100 ? 3.291   2.237   13.259  1.00 0.86 ? 100 SER A C    1 
ATOM 1445 O O    . SER A 1 100 ? 4.200   1.682   12.673  1.00 0.99 ? 100 SER A O    1 
ATOM 1446 C CB   . SER A 1 100 ? 4.718   4.160   14.025  1.00 1.03 ? 100 SER A CB   1 
ATOM 1447 O OG   . SER A 1 100 ? 5.790   3.393   13.492  1.00 1.15 ? 100 SER A OG   1 
ATOM 1448 H H    . SER A 1 100 ? 4.562   1.683   15.513  1.00 1.10 ? 100 SER A H    1 
ATOM 1449 H HA   . SER A 1 100 ? 2.680   3.804   14.609  1.00 0.87 ? 100 SER A HA   1 
ATOM 1450 H HB2  . SER A 1 100 ? 4.389   4.872   13.288  1.00 1.15 ? 100 SER A HB2  1 
ATOM 1451 H HB3  . SER A 1 100 ? 5.045   4.688   14.912  1.00 1.10 ? 100 SER A HB3  1 
ATOM 1452 H HG   . SER A 1 100 ? 6.547   3.495   14.074  1.00 1.56 ? 100 SER A HG   1 
ATOM 1453 N N    . SER A 1 101 ? 2.046   2.000   12.955  1.00 0.79 ? 101 SER A N    1 
ATOM 1454 C CA   . SER A 1 101 ? 1.720   1.035   11.869  1.00 0.78 ? 101 SER A CA   1 
ATOM 1455 C C    . SER A 1 101 ? 0.891   1.702   10.782  1.00 0.84 ? 101 SER A C    1 
ATOM 1456 O O    . SER A 1 101 ? 0.458   2.830   10.912  1.00 0.92 ? 101 SER A O    1 
ATOM 1457 C CB   . SER A 1 101 ? 0.915   -0.070  12.549  1.00 0.67 ? 101 SER A CB   1 
ATOM 1458 O OG   . SER A 1 101 ? 1.601   -0.503  13.716  1.00 0.74 ? 101 SER A OG   1 
ATOM 1459 H H    . SER A 1 101 ? 1.326   2.451   13.444  1.00 0.82 ? 101 SER A H    1 
ATOM 1460 H HA   . SER A 1 101 ? 2.619   0.629   11.444  1.00 0.84 ? 101 SER A HA   1 
ATOM 1461 H HB2  . SER A 1 101 ? -0.054  0.309   12.827  1.00 0.66 ? 101 SER A HB2  1 
ATOM 1462 H HB3  . SER A 1 101 ? 0.790   -0.897  11.863  1.00 0.72 ? 101 SER A HB3  1 
ATOM 1463 H HG   . SER A 1 101 ? 2.544   -0.463  13.539  1.00 1.14 ? 101 SER A HG   1 
ATOM 1464 N N    . THR A 1 102 ? 0.670   1.007   9.705   1.00 0.87 ? 102 THR A N    1 
ATOM 1465 C CA   . THR A 1 102 ? -0.127  1.590   8.600   1.00 0.94 ? 102 THR A CA   1 
ATOM 1466 C C    . THR A 1 102 ? -1.001  0.519   7.958   1.00 0.90 ? 102 THR A C    1 
ATOM 1467 O O    . THR A 1 102 ? -0.580  -0.599  7.738   1.00 0.91 ? 102 THR A O    1 
ATOM 1468 C CB   . THR A 1 102 ? 0.903   2.117   7.603   1.00 1.10 ? 102 THR A CB   1 
ATOM 1469 O OG1  . THR A 1 102 ? 2.083   2.496   8.299   1.00 1.26 ? 102 THR A OG1  1 
ATOM 1470 C CG2  . THR A 1 102 ? 0.326   3.328   6.874   1.00 1.14 ? 102 THR A CG2  1 
ATOM 1471 H H    . THR A 1 102 ? 1.033   0.101   9.623   1.00 0.90 ? 102 THR A H    1 
ATOM 1472 H HA   . THR A 1 102 ? -0.736  2.396   8.962   1.00 0.93 ? 102 THR A HA   1 
ATOM 1473 H HB   . THR A 1 102 ? 1.138   1.348   6.885   1.00 1.13 ? 102 THR A HB   1 
ATOM 1474 H HG1  . THR A 1 102 ? 2.661   1.730   8.340   1.00 1.53 ? 102 THR A HG1  1 
ATOM 1475 H HG21 . THR A 1 102 ? -0.633  3.578   7.300   1.00 1.60 ? 102 THR A HG21 1 
ATOM 1476 H HG22 . THR A 1 102 ? 0.998   4.166   6.982   1.00 1.47 ? 102 THR A HG22 1 
ATOM 1477 H HG23 . THR A 1 102 ? 0.206   3.093   5.827   1.00 1.52 ? 102 THR A HG23 1 
ATOM 1478 N N    . CYS A 1 103 ? -2.218  0.860   7.651   1.00 0.88 ? 103 CYS A N    1 
ATOM 1479 C CA   . CYS A 1 103 ? -3.126  -0.127  7.018   1.00 0.87 ? 103 CYS A CA   1 
ATOM 1480 C C    . CYS A 1 103 ? -2.607  -0.490  5.630   1.00 0.92 ? 103 CYS A C    1 
ATOM 1481 O O    . CYS A 1 103 ? -2.803  0.233   4.677   1.00 1.16 ? 103 CYS A O    1 
ATOM 1482 C CB   . CYS A 1 103 ? -4.468  0.587   6.911   1.00 0.88 ? 103 CYS A CB   1 
ATOM 1483 S SG   . CYS A 1 103 ? -5.664  -0.536  6.165   1.00 1.24 ? 103 CYS A SG   1 
ATOM 1484 H H    . CYS A 1 103 ? -2.534  1.770   7.834   1.00 0.91 ? 103 CYS A H    1 
ATOM 1485 H HA   . CYS A 1 103 ? -3.221  -1.007  7.633   1.00 0.86 ? 103 CYS A HA   1 
ATOM 1486 H HB2  . CYS A 1 103 ? -4.805  0.874   7.897   1.00 0.96 ? 103 CYS A HB2  1 
ATOM 1487 H HB3  . CYS A 1 103 ? -4.363  1.465   6.293   1.00 1.12 ? 103 CYS A HB3  1 
ATOM 1488 N N    . SER A 1 104 ? -1.939  -1.598  5.510   1.00 0.92 ? 104 SER A N    1 
ATOM 1489 C CA   . SER A 1 104 ? -1.400  -1.997  4.180   1.00 0.98 ? 104 SER A CA   1 
ATOM 1490 C C    . SER A 1 104 ? -2.497  -2.622  3.323   1.00 0.99 ? 104 SER A C    1 
ATOM 1491 O O    . SER A 1 104 ? -3.609  -2.818  3.774   1.00 0.95 ? 104 SER A O    1 
ATOM 1492 C CB   . SER A 1 104 ? -0.309  -3.022  4.486   1.00 1.03 ? 104 SER A CB   1 
ATOM 1493 O OG   . SER A 1 104 ? 0.959   -2.468  4.163   1.00 1.69 ? 104 SER A OG   1 
ATOM 1494 H H    . SER A 1 104 ? -1.787  -2.167  6.293   1.00 1.04 ? 104 SER A H    1 
ATOM 1495 H HA   . SER A 1 104 ? -0.977  -1.145  3.673   1.00 1.04 ? 104 SER A HA   1 
ATOM 1496 H HB2  . SER A 1 104 ? -0.331  -3.272  5.534   1.00 1.24 ? 104 SER A HB2  1 
ATOM 1497 H HB3  . SER A 1 104 ? -0.482  -3.917  3.902   1.00 1.27 ? 104 SER A HB3  1 
ATOM 1498 H HG   . SER A 1 104 ? 1.573   -2.706  4.861   1.00 2.13 ? 104 SER A HG   1 
ATOM 1499 N N    . PRO A 1 105 ? -2.140  -2.906  2.103   1.00 1.10 ? 105 PRO A N    1 
ATOM 1500 C CA   . PRO A 1 105 ? -3.097  -3.507  1.153   1.00 1.17 ? 105 PRO A CA   1 
ATOM 1501 C C    . PRO A 1 105 ? -3.353  -4.971  1.493   1.00 1.19 ? 105 PRO A C    1 
ATOM 1502 O O    . PRO A 1 105 ? -2.443  -5.768  1.607   1.00 1.57 ? 105 PRO A O    1 
ATOM 1503 C CB   . PRO A 1 105 ? -2.409  -3.361  -0.197  1.00 1.32 ? 105 PRO A CB   1 
ATOM 1504 C CG   . PRO A 1 105 ? -0.949  -3.270  0.115   1.00 1.34 ? 105 PRO A CG   1 
ATOM 1505 C CD   . PRO A 1 105 ? -0.820  -2.694  1.502   1.00 1.21 ? 105 PRO A CD   1 
ATOM 1506 H HA   . PRO A 1 105 ? -4.019  -2.959  1.155   1.00 1.15 ? 105 PRO A HA   1 
ATOM 1507 H HB2  . PRO A 1 105 ? -2.613  -4.224  -0.816  1.00 1.40 ? 105 PRO A HB2  1 
ATOM 1508 H HB3  . PRO A 1 105 ? -2.740  -2.459  -0.684  1.00 1.37 ? 105 PRO A HB3  1 
ATOM 1509 H HG2  . PRO A 1 105 ? -0.507  -4.255  0.078   1.00 1.37 ? 105 PRO A HG2  1 
ATOM 1510 H HG3  . PRO A 1 105 ? -0.461  -2.619  -0.593  1.00 1.44 ? 105 PRO A HG3  1 
ATOM 1511 H HD2  . PRO A 1 105 ? -0.057  -3.220  2.060   1.00 1.19 ? 105 PRO A HD2  1 
ATOM 1512 H HD3  . PRO A 1 105 ? -0.598  -1.639  1.455   1.00 1.26 ? 105 PRO A HD3  1 
ATOM 1513 N N    . GLY A 1 106 ? -4.594  -5.323  1.662   1.00 1.37 ? 106 GLY A N    1 
ATOM 1514 C CA   . GLY A 1 106 ? -4.934  -6.727  2.001   1.00 1.37 ? 106 GLY A CA   1 
ATOM 1515 C C    . GLY A 1 106 ? -5.830  -6.745  3.243   1.00 1.18 ? 106 GLY A C    1 
ATOM 1516 O O    . GLY A 1 106 ? -6.266  -7.789  3.686   1.00 1.31 ? 106 GLY A O    1 
ATOM 1517 H H    . GLY A 1 106 ? -5.307  -4.657  1.567   1.00 1.81 ? 106 GLY A H    1 
ATOM 1518 H HA2  . GLY A 1 106 ? -5.458  -7.175  1.168   1.00 1.51 ? 106 GLY A HA2  1 
ATOM 1519 H HA3  . GLY A 1 106 ? -4.030  -7.278  2.200   1.00 1.38 ? 106 GLY A HA3  1 
ATOM 1520 N N    . ASN A 1 107 ? -6.107  -5.589  3.803   1.00 0.97 ? 107 ASN A N    1 
ATOM 1521 C CA   . ASN A 1 107 ? -6.982  -5.505  5.018   1.00 0.87 ? 107 ASN A CA   1 
ATOM 1522 C C    . ASN A 1 107 ? -6.210  -5.901  6.274   1.00 0.77 ? 107 ASN A C    1 
ATOM 1523 O O    . ASN A 1 107 ? -6.225  -7.045  6.682   1.00 0.82 ? 107 ASN A O    1 
ATOM 1524 C CB   . ASN A 1 107 ? -8.134  -6.484  4.779   1.00 1.05 ? 107 ASN A CB   1 
ATOM 1525 C CG   . ASN A 1 107 ? -9.459  -5.819  5.157   1.00 1.31 ? 107 ASN A CG   1 
ATOM 1526 O OD1  . ASN A 1 107 ? -9.555  -4.609  5.195   1.00 1.83 ? 107 ASN A OD1  1 
ATOM 1527 N ND2  . ASN A 1 107 ? -10.491 -6.566  5.441   1.00 1.95 ? 107 ASN A ND2  1 
ATOM 1528 H H    . ASN A 1 107 ? -5.735  -4.765  3.420   1.00 0.98 ? 107 ASN A H    1 
ATOM 1529 H HA   . ASN A 1 107 ? -7.371  -4.509  5.126   1.00 0.83 ? 107 ASN A HA   1 
ATOM 1530 H HB2  . ASN A 1 107 ? -8.153  -6.768  3.738   1.00 1.46 ? 107 ASN A HB2  1 
ATOM 1531 H HB3  . ASN A 1 107 ? -7.991  -7.365  5.388   1.00 1.31 ? 107 ASN A HB3  1 
ATOM 1532 H HD21 . ASN A 1 107 ? -10.412 -7.542  5.411   1.00 2.36 ? 107 ASN A HD21 1 
ATOM 1533 H HD22 . ASN A 1 107 ? -11.343 -6.150  5.686   1.00 2.39 ? 107 ASN A HD22 1 
ATOM 1534 N N    . THR A 1 108 ? -5.547  -4.966  6.902   1.00 0.74 ? 108 THR A N    1 
ATOM 1535 C CA   . THR A 1 108 ? -4.792  -5.307  8.140   1.00 0.67 ? 108 THR A CA   1 
ATOM 1536 C C    . THR A 1 108 ? -4.038  -4.096  8.686   1.00 0.64 ? 108 THR A C    1 
ATOM 1537 O O    . THR A 1 108 ? -4.334  -2.962  8.365   1.00 0.81 ? 108 THR A O    1 
ATOM 1538 C CB   . THR A 1 108 ? -3.811  -6.397  7.722   1.00 0.67 ? 108 THR A CB   1 
ATOM 1539 O OG1  . THR A 1 108 ? -3.702  -6.428  6.305   1.00 0.71 ? 108 THR A OG1  1 
ATOM 1540 C CG2  . THR A 1 108 ? -4.324  -7.737  8.230   1.00 0.79 ? 108 THR A CG2  1 
ATOM 1541 H H    . THR A 1 108 ? -5.553  -4.045  6.565   1.00 0.83 ? 108 THR A H    1 
ATOM 1542 H HA   . THR A 1 108 ? -5.464  -5.695  8.889   1.00 0.72 ? 108 THR A HA   1 
ATOM 1543 H HB   . THR A 1 108 ? -2.843  -6.200  8.155   1.00 0.70 ? 108 THR A HB   1 
ATOM 1544 H HG1  . THR A 1 108 ? -2.840  -6.788  6.082   1.00 1.05 ? 108 THR A HG1  1 
ATOM 1545 H HG21 . THR A 1 108 ? -5.353  -7.627  8.543   1.00 1.37 ? 108 THR A HG21 1 
ATOM 1546 H HG22 . THR A 1 108 ? -4.264  -8.467  7.440   1.00 1.21 ? 108 THR A HG22 1 
ATOM 1547 H HG23 . THR A 1 108 ? -3.725  -8.056  9.068   1.00 1.35 ? 108 THR A HG23 1 
ATOM 1548 N N    . TRP A 1 109 ? -3.068  -4.340  9.525   1.00 0.60 ? 109 TRP A N    1 
ATOM 1549 C CA   . TRP A 1 109 ? -2.286  -3.223  10.121  1.00 0.59 ? 109 TRP A CA   1 
ATOM 1550 C C    . TRP A 1 109 ? -0.815  -3.623  10.254  1.00 0.68 ? 109 TRP A C    1 
ATOM 1551 O O    . TRP A 1 109 ? -0.411  -4.241  11.219  1.00 0.69 ? 109 TRP A O    1 
ATOM 1552 C CB   . TRP A 1 109 ? -2.929  -3.003  11.485  1.00 0.51 ? 109 TRP A CB   1 
ATOM 1553 C CG   . TRP A 1 109 ? -4.058  -2.043  11.320  1.00 0.48 ? 109 TRP A CG   1 
ATOM 1554 C CD1  . TRP A 1 109 ? -5.367  -2.307  11.567  1.00 0.45 ? 109 TRP A CD1  1 
ATOM 1555 C CD2  . TRP A 1 109 ? -4.000  -0.665  10.858  1.00 0.53 ? 109 TRP A CD2  1 
ATOM 1556 N NE1  . TRP A 1 109 ? -6.107  -1.175  11.280  1.00 0.47 ? 109 TRP A NE1  1 
ATOM 1557 C CE2  . TRP A 1 109 ? -5.309  -0.137  10.848  1.00 0.52 ? 109 TRP A CE2  1 
ATOM 1558 C CE3  . TRP A 1 109 ? -2.945  0.170   10.455  1.00 0.61 ? 109 TRP A CE3  1 
ATOM 1559 C CZ2  . TRP A 1 109 ? -5.565  1.173   10.453  1.00 0.61 ? 109 TRP A CZ2  1 
ATOM 1560 C CZ3  . TRP A 1 109 ? -3.198  1.493   10.057  1.00 0.69 ? 109 TRP A CZ3  1 
ATOM 1561 C CH2  . TRP A 1 109 ? -4.505  1.994   10.055  1.00 0.69 ? 109 TRP A CH2  1 
ATOM 1562 H H    . TRP A 1 109 ? -2.860  -5.265  9.772   1.00 0.71 ? 109 TRP A H    1 
ATOM 1563 H HA   . TRP A 1 109 ? -2.380  -2.330  9.529   1.00 0.61 ? 109 TRP A HA   1 
ATOM 1564 H HB2  . TRP A 1 109 ? -3.298  -3.942  11.871  1.00 0.51 ? 109 TRP A HB2  1 
ATOM 1565 H HB3  . TRP A 1 109 ? -2.199  -2.590  12.163  1.00 0.52 ? 109 TRP A HB3  1 
ATOM 1566 H HD1  . TRP A 1 109 ? -5.771  -3.245  11.926  1.00 0.45 ? 109 TRP A HD1  1 
ATOM 1567 H HE1  . TRP A 1 109 ? -7.079  -1.097  11.370  1.00 0.47 ? 109 TRP A HE1  1 
ATOM 1568 H HE3  . TRP A 1 109 ? -1.932  -0.206  10.451  1.00 0.64 ? 109 TRP A HE3  1 
ATOM 1569 H HZ2  . TRP A 1 109 ? -6.575  1.549   10.457  1.00 0.63 ? 109 TRP A HZ2  1 
ATOM 1570 H HZ3  . TRP A 1 109 ? -2.380  2.124   9.749   1.00 0.77 ? 109 TRP A HZ3  1 
ATOM 1571 H HH2  . TRP A 1 109 ? -4.692  3.015   9.753   1.00 0.78 ? 109 TRP A HH2  1 
ATOM 1572 N N    . LYS A 1 110 ? -0.014  -3.276  9.281   1.00 0.81 ? 110 LYS A N    1 
ATOM 1573 C CA   . LYS A 1 110 ? 1.432   -3.637  9.337   1.00 0.91 ? 110 LYS A CA   1 
ATOM 1574 C C    . LYS A 1 110 ? 2.273   -2.411  9.721   1.00 0.92 ? 110 LYS A C    1 
ATOM 1575 O O    . LYS A 1 110 ? 1.984   -1.312  9.289   1.00 0.96 ? 110 LYS A O    1 
ATOM 1576 C CB   . LYS A 1 110 ? 1.776   -4.093  7.919   1.00 1.07 ? 110 LYS A CB   1 
ATOM 1577 C CG   . LYS A 1 110 ? 0.781   -5.167  7.472   1.00 1.07 ? 110 LYS A CG   1 
ATOM 1578 C CD   . LYS A 1 110 ? 1.544   -6.423  7.050   1.00 1.53 ? 110 LYS A CD   1 
ATOM 1579 C CE   . LYS A 1 110 ? 1.091   -6.850  5.651   1.00 2.04 ? 110 LYS A CE   1 
ATOM 1580 N NZ   . LYS A 1 110 ? 2.109   -6.283  4.720   1.00 2.64 ? 110 LYS A NZ   1 
ATOM 1581 H H    . LYS A 1 110 ? -0.365  -2.781  8.511   1.00 0.86 ? 110 LYS A H    1 
ATOM 1582 H HA   . LYS A 1 110 ? 1.588   -4.445  10.027  1.00 0.89 ? 110 LYS A HA   1 
ATOM 1583 H HB2  . LYS A 1 110 ? 1.721   -3.248  7.247   1.00 1.15 ? 110 LYS A HB2  1 
ATOM 1584 H HB3  . LYS A 1 110 ? 2.775   -4.501  7.904   1.00 1.25 ? 110 LYS A HB3  1 
ATOM 1585 H HG2  . LYS A 1 110 ? 0.116   -5.404  8.289   1.00 1.19 ? 110 LYS A HG2  1 
ATOM 1586 H HG3  . LYS A 1 110 ? 0.207   -4.799  6.634   1.00 1.16 ? 110 LYS A HG3  1 
ATOM 1587 H HD2  . LYS A 1 110 ? 2.604   -6.215  7.038   1.00 2.04 ? 110 LYS A HD2  1 
ATOM 1588 H HD3  . LYS A 1 110 ? 1.341   -7.220  7.750   1.00 1.89 ? 110 LYS A HD3  1 
ATOM 1589 H HE2  . LYS A 1 110 ? 1.068   -7.928  5.577   1.00 2.28 ? 110 LYS A HE2  1 
ATOM 1590 H HE3  . LYS A 1 110 ? 0.119   -6.436  5.430   1.00 2.60 ? 110 LYS A HE3  1 
ATOM 1591 H HZ1  . LYS A 1 110 ? 2.675   -5.564  5.215   1.00 3.11 ? 110 LYS A HZ1  1 
ATOM 1592 H HZ2  . LYS A 1 110 ? 2.734   -7.044  4.387   1.00 2.97 ? 110 LYS A HZ2  1 
ATOM 1593 H HZ3  . LYS A 1 110 ? 1.629   -5.846  3.907   1.00 2.96 ? 110 LYS A HZ3  1 
ATOM 1594 N N    . PRO A 1 111 ? 3.297   -2.630  10.515  1.00 0.94 ? 111 PRO A N    1 
ATOM 1595 C CA   . PRO A 1 111 ? 3.622   -3.989  11.025  1.00 0.96 ? 111 PRO A CA   1 
ATOM 1596 C C    . PRO A 1 111 ? 2.599   -4.434  12.075  1.00 0.85 ? 111 PRO A C    1 
ATOM 1597 O O    . PRO A 1 111 ? 1.743   -3.675  12.486  1.00 0.73 ? 111 PRO A O    1 
ATOM 1598 C CB   . PRO A 1 111 ? 4.998   -3.812  11.661  1.00 1.05 ? 111 PRO A CB   1 
ATOM 1599 C CG   . PRO A 1 111 ? 5.070   -2.365  12.017  1.00 1.00 ? 111 PRO A CG   1 
ATOM 1600 C CD   . PRO A 1 111 ? 4.248   -1.625  11.000  1.00 0.98 ? 111 PRO A CD   1 
ATOM 1601 H HA   . PRO A 1 111 ? 3.677   -4.699  10.217  1.00 1.05 ? 111 PRO A HA   1 
ATOM 1602 H HB2  . PRO A 1 111 ? 5.082   -4.426  12.548  1.00 1.05 ? 111 PRO A HB2  1 
ATOM 1603 H HB3  . PRO A 1 111 ? 5.774   -4.056  10.958  1.00 1.18 ? 111 PRO A HB3  1 
ATOM 1604 H HG2  . PRO A 1 111 ? 4.661   -2.212  13.002  1.00 0.92 ? 111 PRO A HG2  1 
ATOM 1605 H HG3  . PRO A 1 111 ? 6.091   -2.022  11.979  1.00 1.11 ? 111 PRO A HG3  1 
ATOM 1606 H HD2  . PRO A 1 111 ? 3.729   -0.801  11.466  1.00 0.92 ? 111 PRO A HD2  1 
ATOM 1607 H HD3  . PRO A 1 111 ? 4.868   -1.276  10.188  1.00 1.11 ? 111 PRO A HD3  1 
ATOM 1608 N N    . GLU A 1 112 ? 2.681   -5.663  12.503  1.00 0.96 ? 112 GLU A N    1 
ATOM 1609 C CA   . GLU A 1 112 ? 1.715   -6.173  13.518  1.00 0.95 ? 112 GLU A CA   1 
ATOM 1610 C C    . GLU A 1 112 ? 1.446   -5.118  14.594  1.00 0.80 ? 112 GLU A C    1 
ATOM 1611 O O    . GLU A 1 112 ? 2.355   -4.587  15.201  1.00 0.91 ? 112 GLU A O    1 
ATOM 1612 C CB   . GLU A 1 112 ? 2.400   -7.397  14.129  1.00 1.16 ? 112 GLU A CB   1 
ATOM 1613 C CG   . GLU A 1 112 ? 1.396   -8.546  14.230  1.00 1.73 ? 112 GLU A CG   1 
ATOM 1614 C CD   . GLU A 1 112 ? 1.363   -9.313  12.908  1.00 2.21 ? 112 GLU A CD   1 
ATOM 1615 O OE1  . GLU A 1 112 ? 2.067   -8.912  11.995  1.00 2.65 ? 112 GLU A OE1  1 
ATOM 1616 O OE2  . GLU A 1 112 ? 0.633   -10.287 12.828  1.00 2.77 ? 112 GLU A OE2  1 
ATOM 1617 H H    . GLU A 1 112 ? 3.377   -6.257  12.151  1.00 1.07 ? 112 GLU A H    1 
ATOM 1618 H HA   . GLU A 1 112 ? 0.793   -6.470  13.044  1.00 0.97 ? 112 GLU A HA   1 
ATOM 1619 H HB2  . GLU A 1 112 ? 3.228   -7.695  13.502  1.00 1.60 ? 112 GLU A HB2  1 
ATOM 1620 H HB3  . GLU A 1 112 ? 2.764   -7.150  15.116  1.00 1.50 ? 112 GLU A HB3  1 
ATOM 1621 H HG2  . GLU A 1 112 ? 1.693   -9.213  15.028  1.00 2.17 ? 112 GLU A HG2  1 
ATOM 1622 H HG3  . GLU A 1 112 ? 0.414   -8.149  14.440  1.00 2.33 ? 112 GLU A HG3  1 
ATOM 1623 N N    . LEU A 1 113 ? 0.198   -4.822  14.840  1.00 0.68 ? 113 LEU A N    1 
ATOM 1624 C CA   . LEU A 1 113 ? -0.150  -3.815  15.886  1.00 0.55 ? 113 LEU A CA   1 
ATOM 1625 C C    . LEU A 1 113 ? 0.744   -3.999  17.109  1.00 0.55 ? 113 LEU A C    1 
ATOM 1626 O O    . LEU A 1 113 ? 1.113   -5.105  17.453  1.00 0.64 ? 113 LEU A O    1 
ATOM 1627 C CB   . LEU A 1 113 ? -1.608  -4.117  16.236  1.00 0.58 ? 113 LEU A CB   1 
ATOM 1628 C CG   . LEU A 1 113 ? -2.534  -2.984  15.763  1.00 0.54 ? 113 LEU A CG   1 
ATOM 1629 C CD1  . LEU A 1 113 ? -2.024  -2.373  14.454  1.00 0.41 ? 113 LEU A CD1  1 
ATOM 1630 C CD2  . LEU A 1 113 ? -3.936  -3.552  15.532  1.00 0.85 ? 113 LEU A CD2  1 
ATOM 1631 H H    . LEU A 1 113 ? -0.517  -5.272  14.342  1.00 0.76 ? 113 LEU A H    1 
ATOM 1632 H HA   . LEU A 1 113 ? -0.061  -2.811  15.506  1.00 0.50 ? 113 LEU A HA   1 
ATOM 1633 H HB2  . LEU A 1 113 ? -1.900  -5.039  15.758  1.00 0.80 ? 113 LEU A HB2  1 
ATOM 1634 H HB3  . LEU A 1 113 ? -1.696  -4.225  17.306  1.00 0.80 ? 113 LEU A HB3  1 
ATOM 1635 H HG   . LEU A 1 113 ? -2.579  -2.217  16.522  1.00 0.87 ? 113 LEU A HG   1 
ATOM 1636 H HD11 . LEU A 1 113 ? -1.417  -3.097  13.930  1.00 1.03 ? 113 LEU A HD11 1 
ATOM 1637 H HD12 . LEU A 1 113 ? -2.865  -2.093  13.835  1.00 1.13 ? 113 LEU A HD12 1 
ATOM 1638 H HD13 . LEU A 1 113 ? -1.432  -1.497  14.672  1.00 1.10 ? 113 LEU A HD13 1 
ATOM 1639 H HD21 . LEU A 1 113 ? -4.255  -4.093  16.410  1.00 1.38 ? 113 LEU A HD21 1 
ATOM 1640 H HD22 . LEU A 1 113 ? -4.625  -2.743  15.339  1.00 1.44 ? 113 LEU A HD22 1 
ATOM 1641 H HD23 . LEU A 1 113 ? -3.919  -4.220  14.684  1.00 1.39 ? 113 LEU A HD23 1 
ATOM 1642 N N    . PRO A 1 114 ? 1.060   -2.898  17.722  1.00 0.50 ? 114 PRO A N    1 
ATOM 1643 C CA   . PRO A 1 114 ? 1.924   -2.916  18.925  1.00 0.55 ? 114 PRO A CA   1 
ATOM 1644 C C    . PRO A 1 114 ? 1.173   -3.491  20.129  1.00 0.59 ? 114 PRO A C    1 
ATOM 1645 O O    . PRO A 1 114 ? -0.027  -3.674  20.097  1.00 0.60 ? 114 PRO A O    1 
ATOM 1646 C CB   . PRO A 1 114 ? 2.264   -1.445  19.140  1.00 0.54 ? 114 PRO A CB   1 
ATOM 1647 C CG   . PRO A 1 114 ? 1.162   -0.682  18.477  1.00 0.48 ? 114 PRO A CG   1 
ATOM 1648 C CD   . PRO A 1 114 ? 0.644   -1.541  17.355  1.00 0.47 ? 114 PRO A CD   1 
ATOM 1649 H HA   . PRO A 1 114 ? 2.823   -3.479  18.737  1.00 0.61 ? 114 PRO A HA   1 
ATOM 1650 H HB2  . PRO A 1 114 ? 2.293   -1.222  20.194  1.00 0.58 ? 114 PRO A HB2  1 
ATOM 1651 H HB3  . PRO A 1 114 ? 3.205   -1.204  18.678  1.00 0.59 ? 114 PRO A HB3  1 
ATOM 1652 H HG2  . PRO A 1 114 ? 0.373   -0.481  19.185  1.00 0.50 ? 114 PRO A HG2  1 
ATOM 1653 H HG3  . PRO A 1 114 ? 1.543   0.244   18.078  1.00 0.51 ? 114 PRO A HG3  1 
ATOM 1654 H HD2  . PRO A 1 114 ? -0.434  -1.475  17.295  1.00 0.50 ? 114 PRO A HD2  1 
ATOM 1655 H HD3  . PRO A 1 114 ? 1.095   -1.254  16.417  1.00 0.55 ? 114 PRO A HD3  1 
ATOM 1656 N N    . LYS A 1 115 ? 1.876   -3.782  21.189  1.00 0.69 ? 115 LYS A N    1 
ATOM 1657 C CA   . LYS A 1 115 ? 1.210   -4.347  22.397  1.00 0.80 ? 115 LYS A CA   1 
ATOM 1658 C C    . LYS A 1 115 ? 1.614   -3.559  23.645  1.00 0.87 ? 115 LYS A C    1 
ATOM 1659 O O    . LYS A 1 115 ? 2.726   -3.661  24.118  1.00 0.94 ? 115 LYS A O    1 
ATOM 1660 C CB   . LYS A 1 115 ? 1.713   -5.788  22.486  1.00 0.91 ? 115 LYS A CB   1 
ATOM 1661 C CG   . LYS A 1 115 ? 1.160   -6.446  23.751  1.00 1.09 ? 115 LYS A CG   1 
ATOM 1662 C CD   . LYS A 1 115 ? 1.126   -7.964  23.560  1.00 1.26 ? 115 LYS A CD   1 
ATOM 1663 C CE   . LYS A 1 115 ? -0.327  -8.443  23.521  1.00 1.73 ? 115 LYS A CE   1 
ATOM 1664 N NZ   . LYS A 1 115 ? -0.586  -8.766  22.089  1.00 2.13 ? 115 LYS A NZ   1 
ATOM 1665 H H    . LYS A 1 115 ? 2.845   -3.630  21.190  1.00 0.72 ? 115 LYS A H    1 
ATOM 1666 H HA   . LYS A 1 115 ? 0.142   -4.337  22.279  1.00 0.80 ? 115 LYS A HA   1 
ATOM 1667 H HB2  . LYS A 1 115 ? 1.380   -6.339  21.617  1.00 0.92 ? 115 LYS A HB2  1 
ATOM 1668 H HB3  . LYS A 1 115 ? 2.791   -5.791  22.522  1.00 0.95 ? 115 LYS A HB3  1 
ATOM 1669 H HG2  . LYS A 1 115 ? 1.797   -6.202  24.589  1.00 1.19 ? 115 LYS A HG2  1 
ATOM 1670 H HG3  . LYS A 1 115 ? 0.161   -6.087  23.938  1.00 1.17 ? 115 LYS A HG3  1 
ATOM 1671 H HD2  . LYS A 1 115 ? 1.617   -8.221  22.632  1.00 1.66 ? 115 LYS A HD2  1 
ATOM 1672 H HD3  . LYS A 1 115 ? 1.638   -8.442  24.383  1.00 1.68 ? 115 LYS A HD3  1 
ATOM 1673 H HE2  . LYS A 1 115 ? -0.448  -9.324  24.135  1.00 2.24 ? 115 LYS A HE2  1 
ATOM 1674 H HE3  . LYS A 1 115 ? -0.991  -7.659  23.848  1.00 2.21 ? 115 LYS A HE3  1 
ATOM 1675 H HZ1  . LYS A 1 115 ? -0.443  -7.912  21.512  1.00 2.56 ? 115 LYS A HZ1  1 
ATOM 1676 H HZ2  . LYS A 1 115 ? 0.070   -9.510  21.777  1.00 2.41 ? 115 LYS A HZ2  1 
ATOM 1677 H HZ3  . LYS A 1 115 ? -1.564  -9.100  21.980  1.00 2.51 ? 115 LYS A HZ3  1 
ATOM 1678 N N    . CYS A 1 116 ? 0.718   -2.781  24.189  1.00 0.89 ? 116 CYS A N    1 
ATOM 1679 C CA   . CYS A 1 116 ? 1.063   -2.004  25.414  1.00 0.98 ? 116 CYS A CA   1 
ATOM 1680 C C    . CYS A 1 116 ? 1.332   -2.972  26.561  1.00 1.10 ? 116 CYS A C    1 
ATOM 1681 O O    . CYS A 1 116 ? 0.430   -3.410  27.249  1.00 1.23 ? 116 CYS A O    1 
ATOM 1682 C CB   . CYS A 1 116 ? -0.171  -1.140  25.686  1.00 1.04 ? 116 CYS A CB   1 
ATOM 1683 S SG   . CYS A 1 116 ? 0.288   0.391   26.546  1.00 1.12 ? 116 CYS A SG   1 
ATOM 1684 H H    . CYS A 1 116 ? -0.180  -2.713  23.800  1.00 0.87 ? 116 CYS A H    1 
ATOM 1685 H HA   . CYS A 1 116 ? 1.926   -1.388  25.242  1.00 0.94 ? 116 CYS A HA   1 
ATOM 1686 H HB2  . CYS A 1 116 ? -0.645  -0.892  24.749  1.00 1.00 ? 116 CYS A HB2  1 
ATOM 1687 H HB3  . CYS A 1 116 ? -0.864  -1.698  26.299  1.00 1.14 ? 116 CYS A HB3  1 
ATOM 1688 N N    . VAL A 1 117 ? 2.572   -3.316  26.760  1.00 1.12 ? 117 VAL A N    1 
ATOM 1689 C CA   . VAL A 1 117 ? 2.920   -4.269  27.854  1.00 1.26 ? 117 VAL A CA   1 
ATOM 1690 C C    . VAL A 1 117 ? 3.633   -3.560  28.979  1.00 1.34 ? 117 VAL A C    1 
ATOM 1691 O O    . VAL A 1 117 ? 3.790   -2.359  28.978  1.00 1.30 ? 117 VAL A O    1 
ATOM 1692 C CB   . VAL A 1 117 ? 3.859   -5.307  27.240  1.00 1.25 ? 117 VAL A CB   1 
ATOM 1693 C CG1  . VAL A 1 117 ? 3.026   -6.381  26.577  1.00 1.27 ? 117 VAL A CG1  1 
ATOM 1694 C CG2  . VAL A 1 117 ? 4.779   -4.661  26.201  1.00 1.13 ? 117 VAL A CG2  1 
ATOM 1695 H H    . VAL A 1 117 ? 3.276   -2.950  26.186  1.00 1.09 ? 117 VAL A H    1 
ATOM 1696 H HA   . VAL A 1 117 ? 2.036   -4.758  28.227  1.00 1.33 ? 117 VAL A HA   1 
ATOM 1697 H HB   . VAL A 1 117 ? 4.456   -5.753  28.023  1.00 1.37 ? 117 VAL A HB   1 
ATOM 1698 H HG11 . VAL A 1 117 ? 2.020   -6.013  26.440  1.00 1.58 ? 117 VAL A HG11 1 
ATOM 1699 H HG12 . VAL A 1 117 ? 3.458   -6.625  25.620  1.00 1.58 ? 117 VAL A HG12 1 
ATOM 1700 H HG13 . VAL A 1 117 ? 3.011   -7.256  27.206  1.00 1.68 ? 117 VAL A HG13 1 
ATOM 1701 H HG21 . VAL A 1 117 ? 5.167   -3.733  26.593  1.00 1.53 ? 117 VAL A HG21 1 
ATOM 1702 H HG22 . VAL A 1 117 ? 5.597   -5.329  25.979  1.00 1.47 ? 117 VAL A HG22 1 
ATOM 1703 H HG23 . VAL A 1 117 ? 4.221   -4.466  25.298  1.00 1.50 ? 117 VAL A HG23 1 
ATOM 1704 N N    . ARG A 1 118 ? 4.073   -4.306  29.941  1.00 1.47 ? 118 ARG A N    1 
ATOM 1705 C CA   . ARG A 1 118 ? 4.788   -3.679  31.071  1.00 1.57 ? 118 ARG A CA   1 
ATOM 1706 C C    . ARG A 1 118 ? 6.136   -4.370  31.296  1.00 1.64 ? 118 ARG A C    1 
ATOM 1707 O O    . ARG A 1 118 ? 6.791   -4.043  32.272  1.00 2.13 ? 118 ARG A O    1 
ATOM 1708 C CB   . ARG A 1 118 ? 3.877   -3.854  32.291  1.00 1.75 ? 118 ARG A CB   1 
ATOM 1709 C CG   . ARG A 1 118 ? 3.171   -5.213  32.228  1.00 1.82 ? 118 ARG A CG   1 
ATOM 1710 C CD   . ARG A 1 118 ? 2.796   -5.665  33.641  1.00 2.30 ? 118 ARG A CD   1 
ATOM 1711 N NE   . ARG A 1 118 ? 4.018   -6.331  34.169  1.00 2.83 ? 118 ARG A NE   1 
ATOM 1712 C CZ   . ARG A 1 118 ? 4.396   -6.118  35.400  1.00 3.41 ? 118 ARG A CZ   1 
ATOM 1713 N NH1  . ARG A 1 118 ? 3.518   -6.148  36.364  1.00 3.98 ? 118 ARG A NH1  1 
ATOM 1714 N NH2  . ARG A 1 118 ? 5.649   -5.875  35.665  1.00 3.92 ? 118 ARG A NH2  1 
ATOM 1715 O OXT  . ARG A 1 118 ? 6.490   -5.212  30.488  1.00 1.83 ? 118 ARG A OXT  1 
ATOM 1716 H H    . ARG A 1 118 ? 3.933   -5.275  29.914  1.00 1.52 ? 118 ARG A H    1 
ATOM 1717 H HA   . ARG A 1 118 ? 4.926   -2.637  30.858  1.00 1.54 ? 118 ARG A HA   1 
ATOM 1718 H HB2  . ARG A 1 118 ? 4.471   -3.800  33.191  1.00 2.09 ? 118 ARG A HB2  1 
ATOM 1719 H HB3  . ARG A 1 118 ? 3.140   -3.069  32.301  1.00 2.08 ? 118 ARG A HB3  1 
ATOM 1720 H HG2  . ARG A 1 118 ? 2.277   -5.127  31.628  1.00 2.07 ? 118 ARG A HG2  1 
ATOM 1721 H HG3  . ARG A 1 118 ? 3.833   -5.942  31.784  1.00 2.00 ? 118 ARG A HG3  1 
ATOM 1722 H HD2  . ARG A 1 118 ? 2.535   -4.810  34.251  1.00 2.70 ? 118 ARG A HD2  1 
ATOM 1723 H HD3  . ARG A 1 118 ? 1.978   -6.367  33.607  1.00 2.58 ? 118 ARG A HD3  1 
ATOM 1724 H HE   . ARG A 1 118 ? 4.538   -6.929  33.593  1.00 3.18 ? 118 ARG A HE   1 
ATOM 1725 H HH11 . ARG A 1 118 ? 2.557   -6.333  36.160  1.00 4.06 ? 118 ARG A HH11 1 
ATOM 1726 H HH12 . ARG A 1 118 ? 3.807   -5.985  37.307  1.00 4.63 ? 118 ARG A HH12 1 
ATOM 1727 H HH21 . ARG A 1 118 ? 6.321   -5.851  34.924  1.00 3.97 ? 118 ARG A HH21 1 
ATOM 1728 H HH22 . ARG A 1 118 ? 5.939   -5.713  36.607  1.00 4.56 ? 118 ARG A HH22 1 
# 
